data_6ZYD
#
_entry.id   6ZYD
#
_cell.length_a   1.00
_cell.length_b   1.00
_cell.length_c   1.00
_cell.angle_alpha   90.00
_cell.angle_beta   90.00
_cell.angle_gamma   90.00
#
_symmetry.space_group_name_H-M   'P 1'
#
loop_
_entity.id
_entity.type
_entity.pdbx_description
1 polymer 'Low conductance mechanosensitive channel YnaI,Low conductance mechanosensitive channel YnaI'
2 non-polymer 1,2-dioleoyl-sn-glycero-3-phosphoethanolamine
#
_entity_poly.entity_id   1
_entity_poly.type   'polypeptide(L)'
_entity_poly.pdbx_seq_one_letter_code
;(UNK)(UNK)(UNK)(UNK)(UNK)(UNK)(UNK)(UNK)(UNK)(UNK)(UNK)(UNK)(UNK)(UNK)(UNK)(UNK)
(UNK)(UNK)(UNK)(UNK)(UNK)(UNK)(UNK)(UNK)(UNK)(UNK)(UNK)(UNK)(UNK)(UNK)(UNK)(UNK)
(UNK)(UNK)(UNK)(UNK)(UNK)(UNK)(UNK)(UNK)(UNK)(UNK)(UNK)(UNK)(UNK)(UNK)(UNK)(UNK)
(UNK)(UNK)(UNK)(UNK)(UNK)(UNK)(UNK)(UNK)(UNK)(UNK)(UNK)(UNK)(UNK)(UNK)(UNK)(UNK)
(UNK)(UNK)(UNK)(UNK)MIAELFTNNALNLVIIFGSCAALILMSFWFRRGNRKRKGFLFHAVQFLIYTIIISAVGSI
INYVIENYKLKFITPGVIDFICTSLIAVILTIKLFLLINQFEKQQIKKGRDITSARIMSRIIKITIIVVLVLLYGEHFGM
SLSGLLTFGGIGGLAVGMAGKDILSNFFSGIMLYFDRPFSIGDWIRSPDRNIEGTVAEIGWRITKITTFDNRPLYVPNSL
FSSISVENPGRMTNRRITTTIGLRYEDAAKVGVIVEAVREMLKNHPAIDQRQTLLVYFNQFADSSLNIMVYCFTKTTVWA
EWLAAQQDVYLKIIDIVQSHGADFAFPSQTLYMDNITPPEQGRLEHHHHHH
;
_entity_poly.pdbx_strand_id   E,C,A,B,D,F,G
#
loop_
_chem_comp.id
_chem_comp.type
_chem_comp.name
_chem_comp.formula
PEE non-polymer 1,2-dioleoyl-sn-glycero-3-phosphoethanolamine 'C41 H78 N O8 P'
#
# COMPACT_ATOMS: atom_id res chain seq x y z
N UNK A 2 24.08 58.18 -19.88
CA UNK A 2 25.34 58.22 -19.16
C UNK A 2 25.16 57.97 -17.66
N UNK A 3 23.92 57.92 -17.19
CA UNK A 3 23.67 57.51 -15.81
C UNK A 3 23.76 56.00 -15.66
N UNK A 4 23.17 55.26 -16.60
CA UNK A 4 23.17 53.80 -16.54
C UNK A 4 24.60 53.25 -16.57
N UNK A 5 25.38 53.66 -17.58
CA UNK A 5 26.74 53.15 -17.70
C UNK A 5 27.61 53.57 -16.54
N UNK A 6 27.42 54.80 -16.04
CA UNK A 6 28.22 55.28 -14.92
C UNK A 6 27.92 54.47 -13.66
N UNK A 7 26.64 54.35 -13.30
CA UNK A 7 26.26 53.54 -12.16
C UNK A 7 26.58 52.07 -12.37
N UNK A 8 26.72 51.61 -13.61
CA UNK A 8 27.07 50.21 -13.86
C UNK A 8 28.56 49.95 -13.63
N UNK A 9 29.42 50.81 -14.19
CA UNK A 9 30.85 50.73 -13.90
C UNK A 9 31.10 50.89 -12.40
N UNK A 10 30.32 51.75 -11.74
CA UNK A 10 30.46 51.92 -10.31
C UNK A 10 29.83 50.76 -9.52
N UNK A 11 28.83 50.09 -10.10
CA UNK A 11 28.19 48.97 -9.43
C UNK A 11 29.02 47.70 -9.50
N UNK A 12 29.84 47.54 -10.54
CA UNK A 12 30.84 46.49 -10.52
C UNK A 12 31.75 46.63 -9.29
N UNK A 13 32.29 47.83 -9.08
CA UNK A 13 33.12 48.09 -7.91
C UNK A 13 32.31 47.99 -6.63
N UNK A 14 31.02 48.35 -6.67
CA UNK A 14 30.18 48.25 -5.48
C UNK A 14 29.88 46.79 -5.13
N UNK A 15 29.77 45.92 -6.14
CA UNK A 15 29.63 44.50 -5.86
C UNK A 15 30.94 43.91 -5.33
N UNK A 16 32.08 44.44 -5.77
CA UNK A 16 33.33 44.05 -5.13
C UNK A 16 33.35 44.50 -3.67
N UNK A 17 32.92 45.73 -3.41
CA UNK A 17 32.83 46.22 -2.04
C UNK A 17 31.80 45.46 -1.22
N UNK A 18 30.81 44.85 -1.88
CA UNK A 18 29.81 44.04 -1.20
C UNK A 18 30.36 42.66 -0.87
N UNK A 19 31.06 42.04 -1.83
CA UNK A 19 31.80 40.80 -1.55
C UNK A 19 32.81 41.02 -0.44
N UNK A 20 33.30 42.24 -0.28
CA UNK A 20 34.15 42.58 0.86
C UNK A 20 33.32 42.70 2.14
N UNK A 21 32.35 43.61 2.16
CA UNK A 21 31.57 43.94 3.34
C UNK A 21 30.25 43.17 3.41
N UNK A 22 29.48 43.16 2.33
CA UNK A 22 28.16 42.54 2.33
C UNK A 22 28.21 41.02 2.23
N UNK A 23 29.37 40.43 1.92
CA UNK A 23 29.48 38.98 1.94
C UNK A 23 29.19 38.42 3.32
N UNK A 24 29.52 39.17 4.37
CA UNK A 24 29.07 38.83 5.72
C UNK A 24 27.55 38.79 5.77
N UNK A 25 26.89 39.73 5.07
CA UNK A 25 25.44 39.76 5.00
C UNK A 25 24.87 38.84 3.93
N UNK A 26 25.69 38.35 3.01
CA UNK A 26 25.25 37.56 1.87
C UNK A 26 26.07 36.28 1.73
N UNK A 27 26.25 35.56 2.84
CA UNK A 27 26.91 34.26 2.85
C UNK A 27 25.83 33.18 3.00
N UNK A 28 25.71 32.33 1.99
CA UNK A 28 24.71 31.28 1.94
C UNK A 28 25.30 29.88 2.14
N UNK A 29 26.33 29.54 1.38
CA UNK A 29 26.91 28.21 1.37
C UNK A 29 28.36 28.32 0.94
N UNK A 30 29.05 27.19 0.86
CA UNK A 30 30.46 27.18 0.47
C UNK A 30 30.60 27.44 -1.04
N UNK A 31 30.00 26.56 -1.85
CA UNK A 31 29.95 26.85 -3.29
C UNK A 31 29.22 28.15 -3.55
N UNK A 32 28.20 28.46 -2.74
CA UNK A 32 27.55 29.76 -2.84
C UNK A 32 28.41 30.88 -2.27
N UNK A 33 29.32 30.60 -1.33
CA UNK A 33 30.29 31.62 -0.96
C UNK A 33 31.21 31.94 -2.14
N UNK A 34 31.56 30.92 -2.92
CA UNK A 34 32.36 31.16 -4.11
C UNK A 34 31.58 31.94 -5.16
N UNK A 35 30.33 31.58 -5.38
CA UNK A 35 29.49 32.19 -6.41
C UNK A 35 28.69 33.37 -5.91
N UNK A 36 28.91 33.85 -4.69
CA UNK A 36 28.12 34.97 -4.17
C UNK A 36 28.41 36.24 -4.95
N UNK A 37 29.68 36.60 -5.09
CA UNK A 37 30.03 37.79 -5.86
C UNK A 37 29.65 37.62 -7.33
N UNK A 38 29.84 36.41 -7.86
CA UNK A 38 29.50 36.15 -9.26
C UNK A 38 27.99 36.28 -9.49
N UNK A 39 27.19 35.80 -8.54
CA UNK A 39 25.74 35.87 -8.68
C UNK A 39 25.23 37.28 -8.46
N UNK A 40 25.85 38.02 -7.53
CA UNK A 40 25.52 39.42 -7.37
C UNK A 40 25.80 40.18 -8.65
N UNK A 41 26.96 39.92 -9.28
CA UNK A 41 27.27 40.55 -10.56
C UNK A 41 26.30 40.10 -11.63
N UNK A 42 25.87 38.83 -11.59
CA UNK A 42 24.95 38.30 -12.58
C UNK A 42 23.59 39.00 -12.49
N UNK A 43 23.05 39.11 -11.29
CA UNK A 43 21.75 39.75 -11.13
C UNK A 43 21.85 41.24 -11.40
N UNK A 44 22.98 41.87 -11.05
CA UNK A 44 23.18 43.28 -11.36
C UNK A 44 23.23 43.49 -12.88
N UNK A 45 23.90 42.59 -13.60
CA UNK A 45 23.95 42.69 -15.05
C UNK A 45 22.57 42.46 -15.66
N UNK A 46 21.81 41.52 -15.10
CA UNK A 46 20.45 41.30 -15.57
C UNK A 46 19.59 42.54 -15.35
N UNK A 47 19.76 43.19 -14.19
CA UNK A 47 19.03 44.42 -13.91
C UNK A 47 19.41 45.53 -14.88
N UNK A 48 20.71 45.65 -15.16
CA UNK A 48 21.18 46.66 -16.11
C UNK A 48 20.57 46.43 -17.49
N UNK A 49 20.64 45.20 -17.98
CA UNK A 49 20.05 44.87 -19.27
C UNK A 49 18.56 45.14 -19.28
N UNK A 50 17.86 44.79 -18.20
CA UNK A 50 16.42 44.94 -18.15
C UNK A 50 16.01 46.42 -18.19
N UNK A 51 16.63 47.24 -17.34
CA UNK A 51 16.26 48.64 -17.28
C UNK A 51 16.93 49.50 -18.36
N UNK A 52 17.82 48.91 -19.17
CA UNK A 52 18.29 49.58 -20.38
C UNK A 52 17.44 49.21 -21.59
N UNK A 53 16.94 47.99 -21.64
CA UNK A 53 16.26 47.49 -22.84
C UNK A 53 15.00 48.30 -23.14
N UNK A 54 14.04 48.28 -22.22
CA UNK A 54 12.77 48.95 -22.46
C UNK A 54 12.93 50.45 -22.68
N UNK A 55 13.95 51.06 -22.07
CA UNK A 55 14.15 52.49 -22.20
C UNK A 55 14.76 52.84 -23.56
N UNK A 56 15.97 52.33 -23.84
CA UNK A 56 16.63 52.70 -25.08
C UNK A 56 15.97 52.09 -26.31
N UNK A 57 15.16 51.05 -26.13
CA UNK A 57 14.33 50.57 -27.22
C UNK A 57 13.19 51.53 -27.50
N UNK A 58 12.69 52.21 -26.47
CA UNK A 58 11.55 53.09 -26.63
C UNK A 58 11.95 54.41 -27.29
N UNK A 59 13.11 54.96 -26.92
CA UNK A 59 13.50 56.28 -27.40
C UNK A 59 13.66 56.29 -28.92
N UNK A 60 14.58 55.48 -29.45
CA UNK A 60 14.74 55.39 -30.90
C UNK A 60 13.48 54.88 -31.58
N UNK A 61 12.66 54.12 -30.87
CA UNK A 61 11.39 53.68 -31.43
C UNK A 61 10.43 54.83 -31.69
N UNK A 62 10.68 56.01 -31.10
CA UNK A 62 9.87 57.18 -31.40
C UNK A 62 9.97 57.57 -32.87
N UNK A 63 11.12 57.26 -33.51
CA UNK A 63 11.35 57.54 -34.92
C UNK A 63 11.70 56.27 -35.69
N UNK A 64 11.05 55.16 -35.34
CA UNK A 64 11.23 53.89 -36.03
C UNK A 64 9.89 53.18 -36.08
N UNK A 65 9.89 51.96 -36.63
CA UNK A 65 8.64 51.31 -37.00
C UNK A 65 7.94 50.71 -35.78
N UNK A 66 8.60 49.76 -35.10
CA UNK A 66 7.97 49.06 -34.00
C UNK A 66 9.02 48.50 -33.07
N UNK A 67 8.68 48.43 -31.78
CA UNK A 67 9.56 47.93 -30.72
C UNK A 67 8.97 46.68 -30.06
N UNK A 68 8.29 45.84 -30.84
CA UNK A 68 7.62 44.67 -30.27
C UNK A 68 8.62 43.56 -29.93
N ASP A 147 11.56 43.43 -28.50
CA ASP A 147 12.58 43.77 -27.51
C ASP A 147 12.31 43.23 -26.12
N PHE A 148 11.05 43.04 -25.73
CA PHE A 148 10.81 42.27 -24.52
C PHE A 148 11.30 40.85 -24.67
N ILE A 149 11.08 40.26 -25.84
CA ILE A 149 11.59 38.92 -26.13
C ILE A 149 13.11 38.88 -26.06
N CYS A 150 13.77 39.94 -26.53
CA CYS A 150 15.22 39.93 -26.52
C CYS A 150 15.75 40.12 -25.10
N THR A 151 15.11 41.02 -24.33
CA THR A 151 15.44 41.16 -22.91
C THR A 151 15.31 39.83 -22.19
N SER A 152 14.20 39.12 -22.43
CA SER A 152 13.98 37.81 -21.84
C SER A 152 15.09 36.84 -22.21
N LEU A 153 15.33 36.70 -23.52
CA LEU A 153 16.31 35.75 -24.03
C LEU A 153 17.68 36.00 -23.43
N ILE A 154 18.18 37.24 -23.56
CA ILE A 154 19.49 37.60 -23.04
C ILE A 154 19.54 37.35 -21.54
N ALA A 155 18.52 37.80 -20.82
CA ALA A 155 18.53 37.80 -19.37
C ALA A 155 18.63 36.38 -18.83
N VAL A 156 17.98 35.42 -19.50
CA VAL A 156 18.09 34.05 -19.02
C VAL A 156 19.33 33.33 -19.55
N ILE A 157 19.73 33.56 -20.81
CA ILE A 157 20.86 32.78 -21.30
C ILE A 157 22.15 33.20 -20.62
N LEU A 158 22.25 34.46 -20.17
CA LEU A 158 23.44 34.87 -19.46
C LEU A 158 23.60 34.11 -18.15
N THR A 159 22.58 34.19 -17.30
CA THR A 159 22.59 33.48 -16.03
C THR A 159 22.71 31.98 -16.24
N ILE A 160 22.13 31.46 -17.33
CA ILE A 160 22.19 30.04 -17.58
C ILE A 160 23.58 29.62 -18.03
N LYS A 161 24.26 30.48 -18.78
CA LYS A 161 25.65 30.20 -19.11
C LYS A 161 26.49 30.15 -17.85
N LEU A 162 26.29 31.13 -16.96
CA LEU A 162 26.96 31.12 -15.66
C LEU A 162 26.74 29.79 -14.94
N PHE A 163 25.47 29.37 -14.83
CA PHE A 163 25.16 28.20 -14.01
C PHE A 163 25.59 26.91 -14.70
N LEU A 164 25.52 26.85 -16.03
CA LEU A 164 26.05 25.71 -16.77
C LEU A 164 27.55 25.57 -16.52
N LEU A 165 28.28 26.68 -16.53
CA LEU A 165 29.70 26.60 -16.25
C LEU A 165 29.94 26.19 -14.80
N ILE A 166 29.08 26.65 -13.88
CA ILE A 166 29.21 26.23 -12.49
C ILE A 166 29.00 24.73 -12.37
N ASN A 167 28.11 24.16 -13.19
CA ASN A 167 27.92 22.72 -13.19
C ASN A 167 29.11 21.99 -13.81
N GLN A 168 29.73 22.58 -14.82
CA GLN A 168 30.98 22.02 -15.33
C GLN A 168 32.06 22.00 -14.25
N PHE A 169 32.13 23.07 -13.46
CA PHE A 169 33.08 23.11 -12.35
C PHE A 169 32.71 22.07 -11.30
N GLU A 170 31.42 21.88 -11.05
CA GLU A 170 30.99 20.80 -10.15
C GLU A 170 31.47 19.46 -10.68
N LYS A 171 31.26 19.21 -11.97
CA LYS A 171 31.73 17.98 -12.60
C LYS A 171 33.21 17.79 -12.35
N GLN A 172 34.01 18.84 -12.57
CA GLN A 172 35.45 18.73 -12.36
C GLN A 172 35.77 18.41 -10.90
N GLN A 173 35.01 18.97 -9.96
CA GLN A 173 35.18 18.60 -8.57
C GLN A 173 34.84 17.14 -8.34
N ILE A 174 33.83 16.63 -9.07
CA ILE A 174 33.47 15.22 -8.98
C ILE A 174 34.51 14.33 -9.68
N LYS A 175 35.33 14.91 -10.57
CA LYS A 175 36.20 14.11 -11.41
C LYS A 175 37.40 13.57 -10.65
N LYS A 176 37.79 14.25 -9.57
CA LYS A 176 39.02 13.86 -8.87
C LYS A 176 38.94 12.44 -8.34
N GLY A 177 37.78 12.05 -7.80
CA GLY A 177 37.62 10.78 -7.12
C GLY A 177 36.64 9.82 -7.77
N ARG A 178 36.29 10.06 -9.03
CA ARG A 178 35.29 9.25 -9.73
C ARG A 178 35.74 9.12 -11.19
N ASP A 179 34.80 8.70 -12.04
CA ASP A 179 35.10 8.28 -13.41
C ASP A 179 34.57 9.31 -14.40
N ILE A 180 34.93 9.09 -15.67
CA ILE A 180 34.49 9.98 -16.74
C ILE A 180 33.09 9.61 -17.20
N THR A 181 32.79 8.31 -17.24
CA THR A 181 31.49 7.85 -17.72
C THR A 181 30.38 8.41 -16.86
N SER A 182 30.43 8.09 -15.57
CA SER A 182 29.43 8.53 -14.61
C SER A 182 29.37 10.05 -14.45
N ALA A 183 30.53 10.71 -14.42
CA ALA A 183 30.53 12.15 -14.26
C ALA A 183 29.92 12.83 -15.48
N ARG A 184 30.19 12.30 -16.68
CA ARG A 184 29.55 12.80 -17.89
C ARG A 184 28.04 12.61 -17.82
N ILE A 185 27.60 11.41 -17.43
CA ILE A 185 26.16 11.15 -17.37
C ILE A 185 25.50 12.07 -16.35
N MET A 186 26.12 12.23 -15.20
CA MET A 186 25.61 13.11 -14.15
C MET A 186 25.59 14.55 -14.61
N SER A 187 26.57 14.93 -15.43
CA SER A 187 26.57 16.25 -16.03
C SER A 187 25.34 16.44 -16.91
N ARG A 188 25.12 15.50 -17.83
CA ARG A 188 23.91 15.53 -18.66
C ARG A 188 22.66 15.68 -17.81
N ILE A 189 22.60 14.91 -16.72
CA ILE A 189 21.40 14.89 -15.89
C ILE A 189 21.16 16.25 -15.25
N ILE A 190 22.18 16.80 -14.60
CA ILE A 190 22.01 18.07 -13.91
C ILE A 190 21.75 19.18 -14.92
N LYS A 191 22.37 19.09 -16.10
CA LYS A 191 22.16 20.10 -17.14
C LYS A 191 20.71 20.11 -17.59
N ILE A 192 20.17 18.94 -17.93
CA ILE A 192 18.77 18.84 -18.29
C ILE A 192 17.89 19.38 -17.18
N THR A 193 18.19 19.01 -15.93
CA THR A 193 17.36 19.42 -14.81
C THR A 193 17.33 20.93 -14.66
N ILE A 194 18.47 21.59 -14.88
CA ILE A 194 18.52 23.02 -14.66
C ILE A 194 17.92 23.78 -15.83
N ILE A 195 18.08 23.28 -17.06
CA ILE A 195 17.50 24.02 -18.19
C ILE A 195 15.99 23.90 -18.19
N VAL A 196 15.47 22.72 -17.88
CA VAL A 196 14.04 22.48 -17.96
C VAL A 196 13.25 23.40 -17.05
N VAL A 197 13.79 23.65 -15.87
CA VAL A 197 13.11 24.49 -14.88
C VAL A 197 12.95 25.91 -15.41
N LEU A 198 14.02 26.47 -15.96
CA LEU A 198 13.96 27.85 -16.39
C LEU A 198 13.21 28.00 -17.70
N VAL A 199 13.18 26.93 -18.48
CA VAL A 199 12.37 26.89 -19.69
C VAL A 199 10.90 26.93 -19.28
N LEU A 200 10.58 26.18 -18.21
CA LEU A 200 9.22 26.08 -17.70
C LEU A 200 8.77 27.41 -17.14
N LEU A 201 9.63 28.06 -16.36
CA LEU A 201 9.32 29.37 -15.80
C LEU A 201 9.24 30.52 -16.81
N TYR A 202 10.19 30.59 -17.76
CA TYR A 202 10.24 31.68 -18.71
C TYR A 202 9.73 31.29 -20.09
N GLY A 203 9.18 30.08 -20.24
CA GLY A 203 8.53 29.73 -21.49
C GLY A 203 7.35 30.63 -21.81
N GLU A 204 6.66 31.12 -20.77
CA GLU A 204 5.61 32.10 -20.97
C GLU A 204 6.14 33.54 -20.96
N HIS A 205 7.34 33.75 -20.39
CA HIS A 205 8.07 34.98 -20.65
C HIS A 205 8.38 35.09 -22.13
N PHE A 206 8.60 33.96 -22.80
CA PHE A 206 8.56 33.91 -24.26
C PHE A 206 7.13 33.92 -24.76
N GLY A 207 6.24 33.24 -24.05
CA GLY A 207 4.82 33.29 -24.30
C GLY A 207 4.37 32.09 -25.10
N MET A 208 5.00 30.96 -24.86
CA MET A 208 4.86 29.77 -25.70
C MET A 208 4.09 28.71 -24.94
N SER A 209 2.77 28.66 -25.17
CA SER A 209 1.86 27.61 -24.70
C SER A 209 2.04 27.35 -23.19
N LEU A 210 1.62 28.37 -22.43
CA LEU A 210 1.73 28.35 -20.97
C LEU A 210 1.24 27.05 -20.36
N SER A 211 -0.01 26.67 -20.65
CA SER A 211 -0.62 25.59 -19.90
C SER A 211 -0.12 24.22 -20.34
N GLY A 212 0.37 24.10 -21.58
CA GLY A 212 1.08 22.89 -21.94
C GLY A 212 2.34 22.71 -21.11
N LEU A 213 3.06 23.81 -20.91
CA LEU A 213 4.26 23.78 -20.08
C LEU A 213 3.85 23.43 -18.65
N LEU A 214 2.71 23.97 -18.21
CA LEU A 214 2.19 23.70 -16.89
C LEU A 214 1.95 22.21 -16.70
N THR A 215 1.29 21.58 -17.67
CA THR A 215 1.07 20.14 -17.61
C THR A 215 2.38 19.37 -17.55
N PHE A 216 3.31 19.74 -18.44
CA PHE A 216 4.62 19.11 -18.49
C PHE A 216 5.28 19.09 -17.13
N GLY A 217 5.43 20.27 -16.53
CA GLY A 217 6.05 20.36 -15.23
C GLY A 217 5.25 19.64 -14.16
N GLY A 218 3.92 19.66 -14.27
CA GLY A 218 3.09 19.04 -13.26
C GLY A 218 3.29 17.55 -13.20
N ILE A 219 3.24 16.89 -14.35
CA ILE A 219 3.38 15.45 -14.37
C ILE A 219 4.81 15.04 -14.05
N GLY A 220 5.79 15.80 -14.54
CA GLY A 220 7.18 15.51 -14.21
C GLY A 220 7.42 15.54 -12.71
N GLY A 221 7.09 16.66 -12.08
CA GLY A 221 7.27 16.76 -10.65
C GLY A 221 6.41 15.79 -9.87
N LEU A 222 5.26 15.41 -10.43
CA LEU A 222 4.37 14.43 -9.78
C LEU A 222 5.00 13.04 -9.69
N ALA A 223 5.57 12.54 -10.78
CA ALA A 223 6.30 11.29 -10.75
C ALA A 223 7.55 11.40 -9.89
N VAL A 224 8.24 12.54 -9.98
CA VAL A 224 9.43 12.76 -9.18
C VAL A 224 9.11 12.66 -7.69
N GLY A 225 7.98 13.20 -7.29
CA GLY A 225 7.62 13.14 -5.87
C GLY A 225 7.24 11.74 -5.45
N MET A 226 6.46 11.05 -6.29
CA MET A 226 6.07 9.68 -5.97
C MET A 226 7.28 8.78 -5.83
N ALA A 227 8.34 9.08 -6.56
CA ALA A 227 9.57 8.33 -6.43
C ALA A 227 10.34 8.73 -5.18
N GLY A 228 10.76 9.99 -5.10
CA GLY A 228 11.60 10.47 -4.02
C GLY A 228 10.97 10.53 -2.66
N LYS A 229 9.71 10.11 -2.54
CA LYS A 229 9.11 9.78 -1.24
C LYS A 229 10.07 8.98 -0.38
N ASP A 230 10.59 7.90 -0.95
CA ASP A 230 11.45 6.96 -0.22
C ASP A 230 12.64 7.65 0.42
N ILE A 231 13.17 8.68 -0.22
CA ILE A 231 14.38 9.34 0.22
C ILE A 231 14.08 10.48 1.16
N LEU A 232 13.09 11.29 0.81
CA LEU A 232 12.75 12.41 1.66
C LEU A 232 12.24 11.95 3.00
N SER A 233 11.59 10.78 3.04
CA SER A 233 11.23 10.21 4.32
C SER A 233 12.46 9.98 5.18
N ASN A 234 13.52 9.44 4.56
CA ASN A 234 14.77 9.23 5.29
C ASN A 234 15.31 10.54 5.81
N PHE A 235 15.26 11.57 4.98
CA PHE A 235 15.88 12.84 5.37
C PHE A 235 15.10 13.50 6.50
N PHE A 236 13.78 13.55 6.37
CA PHE A 236 12.97 14.15 7.41
C PHE A 236 13.08 13.38 8.72
N SER A 237 13.15 12.06 8.64
CA SER A 237 13.33 11.31 9.86
C SER A 237 14.70 11.55 10.45
N GLY A 238 15.70 11.80 9.60
CA GLY A 238 16.99 12.21 10.11
C GLY A 238 16.90 13.49 10.90
N ILE A 239 16.06 14.41 10.43
CA ILE A 239 15.86 15.65 11.15
C ILE A 239 15.19 15.39 12.50
N MET A 240 14.15 14.55 12.50
CA MET A 240 13.48 14.26 13.77
C MET A 240 14.44 13.64 14.76
N LEU A 241 15.33 12.78 14.29
CA LEU A 241 16.35 12.24 15.16
C LEU A 241 17.31 13.32 15.62
N TYR A 242 17.58 14.30 14.76
CA TYR A 242 18.45 15.39 15.15
C TYR A 242 17.86 16.15 16.34
N PHE A 243 16.53 16.29 16.36
CA PHE A 243 15.89 16.99 17.47
C PHE A 243 15.43 16.02 18.54
N ASP A 244 14.56 15.09 18.19
CA ASP A 244 14.13 14.05 19.12
C ASP A 244 15.23 13.01 19.24
N ARG A 245 15.69 12.77 20.46
CA ARG A 245 16.79 11.85 20.69
C ARG A 245 16.25 10.58 21.36
N PRO A 246 15.65 9.66 20.60
CA PRO A 246 15.27 8.39 21.20
C PRO A 246 16.48 7.61 21.65
N PHE A 247 17.54 7.68 20.87
CA PHE A 247 18.81 7.09 21.20
C PHE A 247 19.91 8.10 20.94
N SER A 248 21.13 7.67 21.22
CA SER A 248 22.31 8.44 20.97
C SER A 248 23.41 7.46 20.61
N ILE A 249 24.64 7.90 20.69
CA ILE A 249 25.76 7.09 20.26
C ILE A 249 26.23 6.22 21.42
N GLY A 250 26.66 5.01 21.08
CA GLY A 250 27.01 4.02 22.07
C GLY A 250 25.85 3.26 22.63
N ASP A 251 24.63 3.60 22.24
CA ASP A 251 23.44 3.02 22.83
C ASP A 251 23.07 1.78 22.04
N TRP A 252 23.26 0.63 22.66
CA TRP A 252 22.72 -0.62 22.14
C TRP A 252 21.25 -0.45 21.85
N ILE A 253 20.86 -0.92 20.68
CA ILE A 253 19.53 -0.77 20.14
C ILE A 253 19.02 -2.14 19.74
N ARG A 254 17.71 -2.29 19.73
CA ARG A 254 17.09 -3.33 18.94
C ARG A 254 15.67 -2.91 18.64
N SER A 255 15.03 -3.68 17.78
CA SER A 255 13.62 -3.57 17.57
C SER A 255 13.03 -4.98 17.51
N PRO A 256 11.87 -5.19 18.12
CA PRO A 256 11.21 -6.48 17.95
C PRO A 256 10.77 -6.73 16.53
N ASP A 257 10.51 -5.67 15.79
CA ASP A 257 9.92 -5.76 14.47
C ASP A 257 10.94 -5.97 13.36
N ARG A 258 12.23 -5.78 13.64
CA ARG A 258 13.25 -5.85 12.61
C ARG A 258 14.59 -6.14 13.24
N ASN A 259 15.51 -6.64 12.41
CA ASN A 259 16.88 -6.87 12.86
C ASN A 259 17.66 -5.59 12.64
N ILE A 260 17.99 -4.93 13.74
CA ILE A 260 18.76 -3.70 13.76
C ILE A 260 19.88 -3.83 14.78
N GLU A 261 19.89 -4.94 15.51
CA GLU A 261 20.49 -4.97 16.83
C GLU A 261 21.98 -4.72 16.77
N GLY A 262 22.38 -3.56 17.29
CA GLY A 262 23.78 -3.22 17.37
C GLY A 262 23.94 -1.90 18.08
N THR A 263 25.19 -1.60 18.39
CA THR A 263 25.52 -0.32 18.97
C THR A 263 25.60 0.72 17.88
N VAL A 264 24.93 1.84 18.11
CA VAL A 264 25.07 2.96 17.20
C VAL A 264 26.51 3.42 17.20
N ALA A 265 26.98 3.79 16.03
CA ALA A 265 28.29 4.37 15.84
C ALA A 265 28.24 5.73 15.20
N GLU A 266 27.21 6.00 14.41
CA GLU A 266 27.11 7.29 13.77
C GLU A 266 25.69 7.52 13.32
N ILE A 267 25.26 8.76 13.44
CA ILE A 267 24.01 9.21 12.90
C ILE A 267 24.32 9.96 11.61
N GLY A 268 23.34 10.00 10.73
CA GLY A 268 23.45 10.74 9.50
C GLY A 268 22.15 11.43 9.20
N TRP A 269 22.07 12.03 8.02
CA TRP A 269 20.87 12.72 7.59
C TRP A 269 19.94 11.78 6.88
N ARG A 270 20.51 10.85 6.12
CA ARG A 270 19.77 9.79 5.47
C ARG A 270 19.75 8.54 6.32
N ILE A 271 20.92 8.13 6.82
CA ILE A 271 21.11 6.82 7.38
C ILE A 271 21.83 6.93 8.72
N THR A 272 21.98 5.75 9.34
CA THR A 272 22.76 5.55 10.54
C THR A 272 23.71 4.40 10.30
N LYS A 273 24.87 4.50 10.92
CA LYS A 273 25.86 3.45 10.87
C LYS A 273 25.93 2.80 12.24
N ILE A 274 25.36 1.60 12.32
CA ILE A 274 25.37 0.76 13.48
C ILE A 274 26.50 -0.23 13.33
N THR A 275 27.07 -0.66 14.45
CA THR A 275 27.91 -1.84 14.50
C THR A 275 27.14 -2.95 15.19
N THR A 276 26.98 -4.07 14.51
CA THR A 276 26.39 -5.22 15.14
C THR A 276 27.35 -5.77 16.18
N PHE A 277 26.92 -6.84 16.80
CA PHE A 277 27.76 -7.60 17.70
C PHE A 277 28.59 -8.63 16.97
N ASP A 278 28.52 -8.67 15.64
CA ASP A 278 29.51 -9.33 14.81
C ASP A 278 30.67 -8.41 14.48
N ASN A 279 30.70 -7.21 15.02
CA ASN A 279 31.61 -6.15 14.60
C ASN A 279 31.45 -5.82 13.13
N ARG A 280 30.26 -6.03 12.60
CA ARG A 280 29.92 -5.69 11.23
C ARG A 280 29.16 -4.38 11.20
N PRO A 281 29.38 -3.52 10.21
CA PRO A 281 28.53 -2.35 10.08
C PRO A 281 27.22 -2.65 9.40
N LEU A 282 26.24 -1.82 9.74
CA LEU A 282 24.89 -1.91 9.23
C LEU A 282 24.42 -0.51 8.94
N TYR A 283 24.09 -0.26 7.69
CA TYR A 283 23.68 1.05 7.23
C TYR A 283 22.17 1.04 7.15
N VAL A 284 21.52 1.76 8.04
CA VAL A 284 20.07 1.71 8.22
C VAL A 284 19.48 3.02 7.74
N PRO A 285 18.39 3.01 6.99
CA PRO A 285 17.73 4.26 6.65
C PRO A 285 16.83 4.76 7.75
N ASN A 286 16.76 6.08 7.87
CA ASN A 286 16.11 6.71 9.00
C ASN A 286 14.61 6.78 8.87
N SER A 287 14.04 6.51 7.70
CA SER A 287 12.59 6.43 7.59
C SER A 287 12.03 5.35 8.47
N LEU A 288 12.82 4.32 8.69
CA LEU A 288 12.41 3.16 9.45
C LEU A 288 12.09 3.51 10.89
N PHE A 289 12.82 4.45 11.46
CA PHE A 289 12.62 4.79 12.87
C PHE A 289 11.34 5.55 13.13
N SER A 290 10.69 6.05 12.09
CA SER A 290 9.43 6.74 12.23
C SER A 290 8.23 5.82 12.03
N SER A 291 8.47 4.56 11.70
CA SER A 291 7.42 3.57 11.45
C SER A 291 7.47 2.42 12.44
N ILE A 292 8.47 2.41 13.32
CA ILE A 292 8.86 1.19 13.99
C ILE A 292 9.18 1.50 15.44
N SER A 293 8.93 0.52 16.29
CA SER A 293 9.23 0.63 17.70
C SER A 293 10.68 0.32 17.93
N VAL A 294 11.30 1.07 18.82
CA VAL A 294 12.72 1.02 19.06
C VAL A 294 12.93 0.80 20.54
N GLU A 295 13.86 -0.08 20.87
CA GLU A 295 14.18 -0.44 22.23
C GLU A 295 15.64 -0.12 22.46
N ASN A 296 15.92 0.62 23.51
CA ASN A 296 17.25 1.07 23.82
C ASN A 296 17.70 0.45 25.12
N PRO A 297 18.08 -0.84 25.10
CA PRO A 297 18.54 -1.48 26.32
C PRO A 297 19.79 -0.87 26.90
N GLY A 298 20.53 -0.10 26.13
CA GLY A 298 21.69 0.57 26.67
C GLY A 298 21.35 1.59 27.72
N ARG A 299 20.11 2.05 27.75
CA ARG A 299 19.65 2.95 28.78
C ARG A 299 19.11 2.24 30.00
N MET A 300 19.00 0.93 29.96
CA MET A 300 18.25 0.24 30.99
C MET A 300 18.97 0.30 32.32
N THR A 301 18.32 -0.28 33.31
CA THR A 301 18.68 -0.16 34.71
C THR A 301 19.18 -1.46 35.29
N ASN A 302 18.47 -2.53 35.01
CA ASN A 302 18.67 -3.81 35.62
C ASN A 302 18.48 -4.86 34.55
N ARG A 303 19.00 -6.05 34.80
CA ARG A 303 18.97 -7.12 33.82
C ARG A 303 18.24 -8.31 34.37
N ARG A 304 17.52 -8.99 33.50
CA ARG A 304 16.57 -9.97 33.93
C ARG A 304 17.17 -11.37 33.91
N ILE A 305 16.66 -12.19 34.81
CA ILE A 305 16.96 -13.60 34.87
C ILE A 305 15.64 -14.33 34.80
N THR A 306 15.58 -15.34 33.94
CA THR A 306 14.37 -16.09 33.71
C THR A 306 14.73 -17.54 33.47
N THR A 307 14.05 -18.45 34.18
CA THR A 307 14.24 -19.86 33.90
C THR A 307 12.96 -20.63 34.16
N THR A 308 12.99 -21.88 33.74
CA THR A 308 11.98 -22.87 34.09
C THR A 308 12.71 -24.09 34.60
N ILE A 309 12.55 -24.35 35.89
CA ILE A 309 13.07 -25.54 36.52
C ILE A 309 12.09 -26.65 36.21
N GLY A 310 12.51 -27.59 35.37
CA GLY A 310 11.66 -28.69 34.99
C GLY A 310 11.87 -29.90 35.85
N LEU A 311 11.04 -30.05 36.87
CA LEU A 311 11.05 -31.21 37.72
C LEU A 311 10.14 -32.28 37.16
N ARG A 312 10.04 -33.37 37.91
CA ARG A 312 9.25 -34.52 37.55
C ARG A 312 7.97 -34.54 38.36
N TYR A 313 7.00 -35.30 37.85
CA TYR A 313 5.75 -35.45 38.57
C TYR A 313 5.92 -36.25 39.85
N GLU A 314 7.00 -37.02 39.95
CA GLU A 314 7.31 -37.73 41.17
C GLU A 314 7.64 -36.77 42.29
N ASP A 315 8.20 -35.61 41.95
CA ASP A 315 8.73 -34.67 42.90
C ASP A 315 7.72 -33.60 43.28
N ALA A 316 6.43 -33.90 43.14
CA ALA A 316 5.40 -32.91 43.39
C ALA A 316 5.31 -32.56 44.85
N ALA A 317 5.54 -33.52 45.72
CA ALA A 317 5.45 -33.27 47.14
C ALA A 317 6.51 -32.30 47.64
N LYS A 318 7.59 -32.14 46.88
CA LYS A 318 8.73 -31.36 47.29
C LYS A 318 8.75 -29.97 46.70
N VAL A 319 7.66 -29.56 46.08
CA VAL A 319 7.71 -28.35 45.27
C VAL A 319 7.63 -27.12 46.14
N GLY A 320 6.75 -27.12 47.14
CA GLY A 320 6.61 -25.96 47.99
C GLY A 320 7.89 -25.60 48.69
N VAL A 321 8.61 -26.59 49.17
CA VAL A 321 9.80 -26.33 49.96
C VAL A 321 10.99 -25.99 49.07
N ILE A 322 11.08 -26.62 47.90
CA ILE A 322 12.08 -26.23 46.92
C ILE A 322 11.91 -24.78 46.56
N VAL A 323 10.68 -24.41 46.22
CA VAL A 323 10.33 -23.06 45.85
C VAL A 323 10.72 -22.09 46.94
N GLU A 324 10.36 -22.41 48.18
CA GLU A 324 10.65 -21.51 49.27
C GLU A 324 12.15 -21.37 49.49
N ALA A 325 12.89 -22.45 49.29
CA ALA A 325 14.33 -22.41 49.45
C ALA A 325 14.97 -21.54 48.38
N VAL A 326 14.56 -21.73 47.15
CA VAL A 326 15.07 -20.95 46.03
C VAL A 326 14.81 -19.47 46.27
N ARG A 327 13.58 -19.14 46.65
CA ARG A 327 13.21 -17.78 46.97
C ARG A 327 14.13 -17.21 48.05
N GLU A 328 14.34 -17.98 49.11
CA GLU A 328 15.17 -17.50 50.20
C GLU A 328 16.60 -17.32 49.78
N MET A 329 17.05 -18.07 48.79
CA MET A 329 18.39 -17.89 48.28
C MET A 329 18.51 -16.59 47.51
N LEU A 330 17.65 -16.41 46.50
CA LEU A 330 17.67 -15.20 45.70
C LEU A 330 17.55 -13.97 46.56
N LYS A 331 16.69 -14.04 47.56
CA LYS A 331 16.47 -12.94 48.46
C LYS A 331 17.68 -12.65 49.33
N ASN A 332 18.63 -13.58 49.41
CA ASN A 332 19.87 -13.39 50.15
C ASN A 332 21.09 -13.51 49.25
N HIS A 333 20.93 -13.23 47.99
CA HIS A 333 21.99 -13.19 47.01
C HIS A 333 22.43 -11.75 46.80
N PRO A 334 23.73 -11.43 46.81
CA PRO A 334 24.12 -10.03 46.72
C PRO A 334 23.77 -9.35 45.41
N ALA A 335 23.98 -10.04 44.31
CA ALA A 335 23.83 -9.46 42.99
C ALA A 335 22.41 -9.12 42.60
N ILE A 336 21.47 -9.46 43.40
CA ILE A 336 20.07 -9.40 43.05
C ILE A 336 19.45 -8.14 43.61
N ASP A 337 18.47 -7.61 42.89
CA ASP A 337 17.76 -6.39 43.26
C ASP A 337 16.40 -6.79 43.80
N GLN A 338 16.20 -6.60 45.09
CA GLN A 338 15.00 -7.06 45.76
C GLN A 338 13.86 -6.06 45.68
N ARG A 339 14.16 -4.79 45.42
CA ARG A 339 13.12 -3.81 45.20
C ARG A 339 12.33 -4.13 43.94
N GLN A 340 12.97 -4.72 42.96
CA GLN A 340 12.31 -5.12 41.74
C GLN A 340 11.55 -6.42 42.01
N THR A 341 11.07 -7.05 40.96
CA THR A 341 10.30 -8.25 41.14
C THR A 341 11.18 -9.42 41.51
N LEU A 342 10.56 -10.41 42.12
CA LEU A 342 11.25 -11.62 42.50
C LEU A 342 10.18 -12.69 42.66
N LEU A 343 10.10 -13.59 41.68
CA LEU A 343 9.02 -14.53 41.58
C LEU A 343 9.58 -15.92 41.42
N VAL A 344 9.21 -16.80 42.32
CA VAL A 344 9.46 -18.21 42.20
C VAL A 344 8.17 -18.89 42.57
N TYR A 345 7.53 -19.51 41.60
CA TYR A 345 6.20 -20.03 41.78
C TYR A 345 5.97 -21.12 40.76
N PHE A 346 5.41 -22.22 41.21
CA PHE A 346 4.98 -23.27 40.31
C PHE A 346 3.82 -22.74 39.48
N ASN A 347 4.06 -22.62 38.18
CA ASN A 347 3.17 -21.91 37.28
C ASN A 347 2.53 -22.77 36.23
N GLN A 348 3.12 -23.92 35.89
CA GLN A 348 2.45 -24.78 34.95
C GLN A 348 2.92 -26.22 35.08
N PHE A 349 1.98 -27.10 34.77
CA PHE A 349 2.32 -28.42 34.31
C PHE A 349 2.98 -28.33 32.95
N ALA A 350 3.45 -29.48 32.48
CA ALA A 350 3.98 -29.59 31.16
C ALA A 350 4.09 -31.05 30.79
N ASP A 351 4.14 -31.34 29.50
CA ASP A 351 4.43 -32.70 29.10
C ASP A 351 5.79 -33.08 29.67
N SER A 352 5.79 -34.09 30.51
CA SER A 352 6.98 -34.68 31.12
C SER A 352 7.51 -33.93 32.32
N SER A 353 6.94 -32.81 32.73
CA SER A 353 7.57 -32.07 33.81
C SER A 353 6.61 -31.10 34.47
N LEU A 354 7.02 -30.70 35.66
CA LEU A 354 6.42 -29.63 36.45
C LEU A 354 7.37 -28.46 36.39
N ASN A 355 6.90 -27.31 35.93
CA ASN A 355 7.80 -26.23 35.59
C ASN A 355 7.64 -25.12 36.60
N ILE A 356 8.70 -24.85 37.32
CA ILE A 356 8.76 -23.74 38.25
C ILE A 356 9.41 -22.58 37.54
N MET A 357 8.77 -21.44 37.59
CA MET A 357 9.35 -20.27 36.98
C MET A 357 10.35 -19.66 37.93
N VAL A 358 11.30 -18.95 37.34
CA VAL A 358 12.12 -18.02 38.07
C VAL A 358 12.16 -16.76 37.24
N TYR A 359 12.08 -15.62 37.92
CA TYR A 359 11.95 -14.32 37.31
C TYR A 359 12.55 -13.35 38.31
N CYS A 360 13.74 -12.88 38.00
CA CYS A 360 14.49 -12.01 38.91
C CYS A 360 15.27 -10.95 38.15
N PHE A 361 15.76 -9.97 38.90
CA PHE A 361 16.52 -8.87 38.32
C PHE A 361 17.82 -8.67 39.06
N THR A 362 18.89 -8.57 38.29
CA THR A 362 20.17 -8.14 38.77
C THR A 362 20.30 -6.64 38.67
N LYS A 363 20.99 -6.08 39.64
CA LYS A 363 21.23 -4.66 39.73
C LYS A 363 22.40 -4.19 38.89
N THR A 364 22.99 -5.08 38.10
CA THR A 364 23.94 -4.69 37.07
C THR A 364 23.26 -4.56 35.73
N THR A 365 23.97 -3.92 34.82
CA THR A 365 23.62 -3.90 33.42
C THR A 365 24.75 -4.46 32.57
N VAL A 366 25.82 -4.90 33.18
CA VAL A 366 26.96 -5.42 32.47
C VAL A 366 26.66 -6.83 32.04
N TRP A 367 27.14 -7.18 30.86
CA TRP A 367 26.90 -8.49 30.29
C TRP A 367 27.54 -9.57 31.14
N ALA A 368 28.80 -9.39 31.46
CA ALA A 368 29.58 -10.44 32.08
C ALA A 368 29.15 -10.68 33.51
N GLU A 369 28.91 -9.62 34.26
CA GLU A 369 28.54 -9.78 35.66
C GLU A 369 27.17 -10.40 35.76
N TRP A 370 26.27 -9.96 34.89
CA TRP A 370 24.97 -10.59 34.77
C TRP A 370 25.11 -12.08 34.53
N LEU A 371 26.01 -12.46 33.62
CA LEU A 371 26.15 -13.87 33.30
C LEU A 371 26.74 -14.65 34.45
N ALA A 372 27.68 -14.04 35.16
CA ALA A 372 28.29 -14.71 36.30
C ALA A 372 27.27 -14.95 37.40
N ALA A 373 26.41 -13.96 37.64
CA ALA A 373 25.35 -14.13 38.62
C ALA A 373 24.36 -15.18 38.18
N GLN A 374 23.97 -15.15 36.92
CA GLN A 374 23.15 -16.19 36.34
C GLN A 374 23.74 -17.56 36.61
N GLN A 375 25.05 -17.68 36.40
CA GLN A 375 25.78 -18.91 36.68
C GLN A 375 25.60 -19.35 38.11
N ASP A 376 25.99 -18.50 39.05
CA ASP A 376 25.95 -18.86 40.46
C ASP A 376 24.54 -19.24 40.89
N VAL A 377 23.55 -18.50 40.40
CA VAL A 377 22.16 -18.78 40.69
C VAL A 377 21.80 -20.17 40.22
N TYR A 378 22.20 -20.51 39.01
CA TYR A 378 21.81 -21.79 38.44
C TYR A 378 22.45 -22.94 39.19
N LEU A 379 23.72 -22.78 39.55
CA LEU A 379 24.40 -23.85 40.24
C LEU A 379 23.82 -24.05 41.63
N LYS A 380 23.46 -22.96 42.29
CA LYS A 380 22.84 -23.08 43.60
C LYS A 380 21.49 -23.74 43.49
N ILE A 381 20.75 -23.43 42.44
CA ILE A 381 19.48 -24.09 42.19
C ILE A 381 19.67 -25.59 42.08
N ILE A 382 20.67 -25.99 41.32
CA ILE A 382 20.97 -27.40 41.14
C ILE A 382 21.24 -28.05 42.49
N ASP A 383 22.12 -27.44 43.27
CA ASP A 383 22.46 -27.99 44.58
C ASP A 383 21.23 -28.12 45.45
N ILE A 384 20.36 -27.12 45.40
CA ILE A 384 19.14 -27.11 46.20
C ILE A 384 18.25 -28.28 45.80
N VAL A 385 17.97 -28.37 44.51
CA VAL A 385 17.13 -29.43 43.98
C VAL A 385 17.65 -30.79 44.40
N GLN A 386 18.89 -31.10 44.01
CA GLN A 386 19.44 -32.41 44.27
C GLN A 386 19.61 -32.68 45.76
N SER A 387 19.69 -31.64 46.57
CA SER A 387 19.71 -31.84 48.02
C SER A 387 18.37 -32.35 48.50
N HIS A 388 17.30 -31.65 48.14
CA HIS A 388 15.96 -31.97 48.62
C HIS A 388 15.43 -33.29 48.11
N GLY A 389 16.15 -33.96 47.21
CA GLY A 389 15.81 -35.29 46.79
C GLY A 389 15.24 -35.38 45.40
N ALA A 390 14.84 -34.25 44.83
CA ALA A 390 14.29 -34.24 43.49
C ALA A 390 15.40 -34.38 42.48
N ASP A 391 15.05 -34.20 41.21
CA ASP A 391 16.02 -34.14 40.15
C ASP A 391 15.30 -33.58 38.93
N PHE A 392 16.08 -33.03 38.02
CA PHE A 392 15.52 -32.45 36.84
C PHE A 392 14.92 -33.53 35.95
N ALA A 393 14.15 -33.08 34.99
CA ALA A 393 13.37 -33.95 34.14
C ALA A 393 13.85 -33.86 32.71
N PHE A 394 14.09 -35.00 32.13
CA PHE A 394 14.26 -35.09 30.70
C PHE A 394 12.87 -35.27 30.14
N PRO A 395 12.71 -35.26 28.85
CA PRO A 395 11.45 -35.68 28.27
C PRO A 395 11.14 -37.12 28.61
N SER A 396 9.90 -37.54 28.39
CA SER A 396 9.44 -38.78 28.97
C SER A 396 8.37 -39.36 28.08
N GLN A 397 8.20 -40.68 28.19
CA GLN A 397 7.26 -41.41 27.38
C GLN A 397 6.85 -42.66 28.12
N THR A 398 5.72 -43.23 27.70
CA THR A 398 5.22 -44.49 28.19
C THR A 398 5.05 -45.39 26.98
N LEU A 399 5.80 -46.48 26.94
CA LEU A 399 5.83 -47.35 25.79
C LEU A 399 5.03 -48.60 26.09
N TYR A 400 3.99 -48.81 25.31
CA TYR A 400 3.11 -49.96 25.43
C TYR A 400 3.50 -50.95 24.34
N MET A 401 4.47 -51.79 24.66
CA MET A 401 5.01 -52.74 23.71
C MET A 401 3.95 -53.75 23.27
N ASP A 402 4.29 -54.47 22.20
CA ASP A 402 3.46 -55.52 21.66
C ASP A 402 4.30 -56.51 20.87
N UNK B 2 -43.25 31.04 -39.11
CA UNK B 2 -43.86 29.91 -39.80
C UNK B 2 -42.81 28.98 -40.43
N UNK B 3 -41.54 29.41 -40.43
CA UNK B 3 -40.47 28.52 -40.86
C UNK B 3 -40.13 27.50 -39.77
N UNK B 4 -40.02 27.98 -38.53
CA UNK B 4 -39.67 27.10 -37.42
C UNK B 4 -40.70 25.99 -37.24
N UNK B 5 -41.98 26.35 -37.12
CA UNK B 5 -43.01 25.34 -36.91
C UNK B 5 -43.14 24.41 -38.10
N UNK B 6 -42.98 24.93 -39.32
CA UNK B 6 -43.09 24.09 -40.50
C UNK B 6 -41.96 23.06 -40.54
N UNK B 7 -40.72 23.53 -40.40
CA UNK B 7 -39.59 22.61 -40.35
C UNK B 7 -39.63 21.70 -39.13
N UNK B 8 -40.34 22.09 -38.07
CA UNK B 8 -40.46 21.24 -36.89
C UNK B 8 -41.45 20.09 -37.11
N UNK B 9 -42.64 20.42 -37.63
CA UNK B 9 -43.59 19.37 -38.00
C UNK B 9 -42.98 18.44 -39.05
N UNK B 10 -42.18 19.00 -39.97
CA UNK B 10 -41.51 18.18 -40.96
C UNK B 10 -40.31 17.42 -40.38
N UNK B 11 -39.69 17.95 -39.32
CA UNK B 11 -38.56 17.29 -38.70
C UNK B 11 -38.97 16.13 -37.82
N UNK B 12 -40.18 16.18 -37.25
CA UNK B 12 -40.73 14.98 -36.62
C UNK B 12 -40.78 13.82 -37.62
N UNK B 13 -41.37 14.07 -38.79
CA UNK B 13 -41.41 13.07 -39.84
C UNK B 13 -40.03 12.73 -40.36
N UNK B 14 -39.10 13.70 -40.35
CA UNK B 14 -37.75 13.42 -40.81
C UNK B 14 -36.98 12.56 -39.81
N UNK B 15 -37.27 12.71 -38.52
CA UNK B 15 -36.68 11.82 -37.53
C UNK B 15 -37.29 10.43 -37.62
N UNK B 16 -38.56 10.32 -38.01
CA UNK B 16 -39.11 9.01 -38.31
C UNK B 16 -38.41 8.39 -39.52
N UNK B 17 -38.19 9.20 -40.56
CA UNK B 17 -37.45 8.73 -41.73
C UNK B 17 -36.00 8.41 -41.40
N UNK B 18 -35.46 9.02 -40.35
CA UNK B 18 -34.09 8.73 -39.91
C UNK B 18 -34.04 7.43 -39.11
N UNK B 19 -34.99 7.24 -38.19
CA UNK B 19 -35.14 5.95 -37.53
C UNK B 19 -35.38 4.83 -38.54
N UNK B 20 -35.95 5.16 -39.69
CA UNK B 20 -36.05 4.20 -40.79
C UNK B 20 -34.69 3.99 -41.48
N UNK B 21 -34.12 5.07 -42.02
CA UNK B 21 -32.89 5.02 -42.81
C UNK B 21 -31.64 5.29 -41.98
N UNK B 22 -31.64 6.36 -41.20
CA UNK B 22 -30.44 6.77 -40.46
C UNK B 22 -30.21 5.92 -39.21
N UNK B 23 -31.18 5.11 -38.79
CA UNK B 23 -30.93 4.20 -37.67
C UNK B 23 -29.79 3.25 -37.98
N UNK B 24 -29.63 2.86 -39.24
CA UNK B 24 -28.43 2.15 -39.66
C UNK B 24 -27.19 2.97 -39.38
N UNK B 25 -27.26 4.29 -39.58
CA UNK B 25 -26.16 5.19 -39.29
C UNK B 25 -26.11 5.61 -37.83
N UNK B 26 -27.19 5.39 -37.05
CA UNK B 26 -27.30 5.87 -35.67
C UNK B 26 -27.74 4.74 -34.75
N UNK B 27 -27.09 3.58 -34.87
CA UNK B 27 -27.32 2.45 -33.97
C UNK B 27 -26.15 2.37 -33.00
N UNK B 28 -26.44 2.54 -31.71
CA UNK B 28 -25.42 2.55 -30.66
C UNK B 28 -25.48 1.29 -29.78
N UNK B 29 -26.66 0.95 -29.27
CA UNK B 29 -26.82 -0.14 -28.33
C UNK B 29 -28.24 -0.66 -28.44
N UNK B 30 -28.57 -1.66 -27.63
CA UNK B 30 -29.91 -2.24 -27.68
C UNK B 30 -30.94 -1.30 -27.04
N UNK B 31 -30.74 -0.98 -25.75
CA UNK B 31 -31.57 0.05 -25.13
C UNK B 31 -31.43 1.37 -25.87
N UNK B 32 -30.23 1.66 -26.39
CA UNK B 32 -30.06 2.84 -27.23
C UNK B 32 -30.67 2.65 -28.61
N UNK B 33 -30.80 1.42 -29.12
CA UNK B 33 -31.59 1.23 -30.33
C UNK B 33 -33.05 1.56 -30.08
N UNK B 34 -33.54 1.24 -28.88
CA UNK B 34 -34.91 1.60 -28.52
C UNK B 34 -35.06 3.11 -28.38
N UNK B 35 -34.10 3.76 -27.73
CA UNK B 35 -34.17 5.19 -27.45
C UNK B 35 -33.50 6.04 -28.52
N UNK B 36 -33.08 5.47 -29.65
CA UNK B 36 -32.43 6.26 -30.68
C UNK B 36 -33.38 7.28 -31.29
N UNK B 37 -34.55 6.83 -31.74
CA UNK B 37 -35.52 7.76 -32.30
C UNK B 37 -36.00 8.74 -31.24
N UNK B 38 -36.19 8.25 -30.01
CA UNK B 38 -36.65 9.12 -28.93
C UNK B 38 -35.61 10.19 -28.59
N UNK B 39 -34.33 9.83 -28.62
CA UNK B 39 -33.28 10.79 -28.31
C UNK B 39 -33.07 11.75 -29.46
N UNK B 40 -33.19 11.28 -30.70
CA UNK B 40 -33.16 12.17 -31.84
C UNK B 40 -34.27 13.20 -31.75
N UNK B 41 -35.49 12.74 -31.41
CA UNK B 41 -36.60 13.67 -31.21
C UNK B 41 -36.33 14.61 -30.04
N UNK B 42 -35.69 14.10 -28.99
CA UNK B 42 -35.40 14.91 -27.81
C UNK B 42 -34.44 16.04 -28.15
N UNK B 43 -33.34 15.71 -28.83
CA UNK B 43 -32.37 16.73 -29.18
C UNK B 43 -32.93 17.68 -30.23
N UNK B 44 -33.77 17.18 -31.14
CA UNK B 44 -34.42 18.06 -32.10
C UNK B 44 -35.36 19.04 -31.41
N UNK B 45 -36.10 18.56 -30.40
CA UNK B 45 -36.98 19.43 -29.65
C UNK B 45 -36.18 20.45 -28.84
N UNK B 46 -35.05 20.03 -28.28
CA UNK B 46 -34.18 20.96 -27.57
C UNK B 46 -33.65 22.04 -28.52
N UNK B 47 -33.29 21.63 -29.74
CA UNK B 47 -32.81 22.59 -30.73
C UNK B 47 -33.91 23.57 -31.11
N UNK B 48 -35.13 23.06 -31.29
CA UNK B 48 -36.26 23.93 -31.63
C UNK B 48 -36.51 24.95 -30.53
N UNK B 49 -36.56 24.48 -29.29
CA UNK B 49 -36.76 25.40 -28.16
C UNK B 49 -35.63 26.41 -28.07
N UNK B 50 -34.39 25.98 -28.31
CA UNK B 50 -33.25 26.88 -28.17
C UNK B 50 -33.28 27.97 -29.23
N UNK B 51 -33.48 27.60 -30.49
CA UNK B 51 -33.46 28.58 -31.57
C UNK B 51 -34.79 29.30 -31.74
N UNK B 52 -35.83 28.94 -30.98
CA UNK B 52 -37.03 29.74 -30.89
C UNK B 52 -36.97 30.74 -29.75
N UNK B 53 -36.33 30.36 -28.64
CA UNK B 53 -36.35 31.16 -27.42
C UNK B 53 -35.70 32.52 -27.65
N UNK B 54 -34.41 32.54 -27.98
CA UNK B 54 -33.68 33.79 -28.13
C UNK B 54 -34.29 34.68 -29.21
N UNK B 55 -34.87 34.08 -30.24
CA UNK B 55 -35.43 34.86 -31.34
C UNK B 55 -36.75 35.50 -30.94
N UNK B 56 -37.76 34.69 -30.61
CA UNK B 56 -39.08 35.23 -30.31
C UNK B 56 -39.10 35.98 -28.99
N UNK B 57 -38.13 35.75 -28.11
CA UNK B 57 -37.98 36.59 -26.93
C UNK B 57 -37.45 37.97 -27.31
N UNK B 58 -36.62 38.03 -28.35
CA UNK B 58 -36.00 39.29 -28.74
C UNK B 58 -36.98 40.20 -29.47
N UNK B 59 -37.81 39.63 -30.34
CA UNK B 59 -38.69 40.44 -31.19
C UNK B 59 -39.68 41.24 -30.34
N UNK B 60 -40.53 40.56 -29.57
CA UNK B 60 -41.47 41.26 -28.70
C UNK B 60 -40.73 42.09 -27.65
N UNK B 61 -39.51 41.71 -27.30
CA UNK B 61 -38.72 42.52 -26.37
C UNK B 61 -38.37 43.89 -26.95
N UNK B 62 -38.49 44.07 -28.27
CA UNK B 62 -38.27 45.38 -28.86
C UNK B 62 -39.28 46.40 -28.34
N UNK B 63 -40.48 45.95 -27.95
CA UNK B 63 -41.52 46.80 -27.38
C UNK B 63 -41.95 46.31 -26.01
N UNK B 64 -40.99 45.85 -25.21
CA UNK B 64 -41.25 45.42 -23.84
C UNK B 64 -40.05 45.81 -22.99
N UNK B 65 -40.10 45.44 -21.70
CA UNK B 65 -39.16 46.00 -20.74
C UNK B 65 -37.79 45.35 -20.83
N UNK B 66 -37.71 44.03 -20.61
CA UNK B 66 -36.43 43.35 -20.57
C UNK B 66 -36.62 41.88 -20.87
N UNK B 67 -35.60 41.29 -21.51
CA UNK B 67 -35.59 39.87 -21.89
C UNK B 67 -34.48 39.12 -21.18
N UNK B 68 -34.19 39.49 -19.93
CA UNK B 68 -33.07 38.88 -19.20
C UNK B 68 -33.42 37.48 -18.72
N ASP B 147 -34.92 34.86 -20.02
CA ASP B 147 -35.25 33.88 -21.04
C ASP B 147 -34.13 32.92 -21.38
N PHE B 148 -32.87 33.31 -21.21
CA PHE B 148 -31.81 32.30 -21.27
C PHE B 148 -31.97 31.29 -20.15
N ILE B 149 -32.34 31.77 -18.96
CA ILE B 149 -32.59 30.87 -17.83
C ILE B 149 -33.76 29.94 -18.14
N CYS B 150 -34.79 30.44 -18.83
CA CYS B 150 -35.94 29.58 -19.12
C CYS B 150 -35.59 28.57 -20.19
N THR B 151 -34.85 28.99 -21.23
CA THR B 151 -34.34 28.06 -22.23
C THR B 151 -33.54 26.95 -21.56
N SER B 152 -32.63 27.33 -20.65
CA SER B 152 -31.82 26.36 -19.92
C SER B 152 -32.70 25.38 -19.15
N LEU B 153 -33.60 25.93 -18.33
CA LEU B 153 -34.46 25.12 -17.46
C LEU B 153 -35.27 24.13 -18.28
N ILE B 154 -36.00 24.62 -19.27
CA ILE B 154 -36.84 23.77 -20.11
C ILE B 154 -35.97 22.71 -20.80
N ALA B 155 -34.85 23.15 -21.38
CA ALA B 155 -34.05 22.28 -22.22
C ALA B 155 -33.50 21.10 -21.44
N VAL B 156 -33.15 21.32 -20.16
CA VAL B 156 -32.65 20.19 -19.39
C VAL B 156 -33.78 19.38 -18.75
N ILE B 157 -34.86 20.01 -18.28
CA ILE B 157 -35.87 19.20 -17.59
C ILE B 157 -36.60 18.30 -18.57
N LEU B 158 -36.71 18.70 -19.84
CA LEU B 158 -37.34 17.84 -20.82
C LEU B 158 -36.55 16.55 -21.00
N THR B 159 -35.28 16.68 -21.36
CA THR B 159 -34.42 15.52 -21.54
C THR B 159 -34.30 14.72 -20.25
N ILE B 160 -34.34 15.40 -19.10
CA ILE B 160 -34.20 14.69 -17.84
C ILE B 160 -35.47 13.93 -17.52
N LYS B 161 -36.64 14.46 -17.88
CA LYS B 161 -37.87 13.69 -17.75
C LYS B 161 -37.80 12.44 -18.61
N LEU B 162 -37.35 12.59 -19.86
CA LEU B 162 -37.15 11.44 -20.73
C LEU B 162 -36.27 10.39 -20.06
N PHE B 163 -35.11 10.82 -19.55
CA PHE B 163 -34.15 9.86 -19.03
C PHE B 163 -34.58 9.27 -17.70
N LEU B 164 -35.26 10.05 -16.87
CA LEU B 164 -35.85 9.52 -15.65
C LEU B 164 -36.88 8.44 -15.96
N LEU B 165 -37.70 8.66 -16.98
CA LEU B 165 -38.65 7.62 -17.36
C LEU B 165 -37.93 6.42 -17.93
N ILE B 166 -36.83 6.63 -18.65
CA ILE B 166 -36.05 5.50 -19.15
C ILE B 166 -35.48 4.70 -17.99
N ASN B 167 -35.12 5.36 -16.90
CA ASN B 167 -34.64 4.65 -15.71
C ASN B 167 -35.78 3.91 -15.01
N GLN B 168 -36.98 4.48 -15.01
CA GLN B 168 -38.13 3.74 -14.51
C GLN B 168 -38.37 2.47 -15.34
N PHE B 169 -38.22 2.58 -16.66
CA PHE B 169 -38.35 1.40 -17.51
C PHE B 169 -37.24 0.40 -17.24
N GLU B 170 -36.02 0.90 -16.98
CA GLU B 170 -34.94 0.01 -16.56
C GLU B 170 -35.32 -0.73 -15.30
N LYS B 171 -35.82 0.01 -14.31
CA LYS B 171 -36.29 -0.60 -13.05
C LYS B 171 -37.28 -1.71 -13.34
N GLN B 172 -38.27 -1.43 -14.20
CA GLN B 172 -39.27 -2.46 -14.51
C GLN B 172 -38.63 -3.68 -15.16
N GLN B 173 -37.62 -3.46 -16.01
CA GLN B 173 -36.88 -4.59 -16.56
C GLN B 173 -36.16 -5.36 -15.47
N ILE B 174 -35.67 -4.65 -14.44
CA ILE B 174 -35.01 -5.29 -13.31
C ILE B 174 -36.03 -6.00 -12.42
N LYS B 175 -37.31 -5.61 -12.50
CA LYS B 175 -38.31 -6.08 -11.55
C LYS B 175 -38.71 -7.52 -11.80
N LYS B 176 -38.56 -7.99 -13.04
CA LYS B 176 -39.04 -9.33 -13.39
C LYS B 176 -38.36 -10.40 -12.54
N GLY B 177 -37.05 -10.28 -12.33
CA GLY B 177 -36.26 -11.31 -11.69
C GLY B 177 -35.64 -10.91 -10.37
N ARG B 178 -36.13 -9.84 -9.76
CA ARG B 178 -35.55 -9.32 -8.53
C ARG B 178 -36.70 -8.80 -7.66
N ASP B 179 -36.36 -8.00 -6.64
CA ASP B 179 -37.26 -7.61 -5.58
C ASP B 179 -37.64 -6.14 -5.71
N ILE B 180 -38.59 -5.72 -4.86
CA ILE B 180 -39.04 -4.35 -4.87
C ILE B 180 -38.12 -3.48 -4.03
N THR B 181 -37.61 -4.02 -2.92
CA THR B 181 -36.75 -3.26 -2.02
C THR B 181 -35.50 -2.79 -2.76
N SER B 182 -34.75 -3.77 -3.26
CA SER B 182 -33.51 -3.50 -3.97
C SER B 182 -33.71 -2.69 -5.25
N ALA B 183 -34.75 -2.99 -6.01
CA ALA B 183 -34.99 -2.26 -7.25
C ALA B 183 -35.34 -0.81 -6.96
N ARG B 184 -36.12 -0.57 -5.90
CA ARG B 184 -36.41 0.79 -5.46
C ARG B 184 -35.13 1.52 -5.06
N ILE B 185 -34.28 0.86 -4.26
CA ILE B 185 -33.05 1.49 -3.81
C ILE B 185 -32.15 1.81 -4.99
N MET B 186 -32.04 0.86 -5.92
CA MET B 186 -31.23 1.05 -7.11
C MET B 186 -31.79 2.16 -7.99
N SER B 187 -33.12 2.29 -8.01
CA SER B 187 -33.76 3.40 -8.70
C SER B 187 -33.32 4.72 -8.10
N ARG B 188 -33.45 4.85 -6.78
CA ARG B 188 -32.97 6.04 -6.09
C ARG B 188 -31.53 6.35 -6.45
N ILE B 189 -30.69 5.32 -6.47
CA ILE B 189 -29.26 5.51 -6.70
C ILE B 189 -29.02 6.05 -8.10
N ILE B 190 -29.58 5.39 -9.11
CA ILE B 190 -29.34 5.82 -10.49
C ILE B 190 -29.95 7.20 -10.72
N LYS B 191 -31.09 7.48 -10.09
CA LYS B 191 -31.72 8.78 -10.24
C LYS B 191 -30.83 9.88 -9.71
N ILE B 192 -30.34 9.72 -8.49
CA ILE B 192 -29.41 10.69 -7.91
C ILE B 192 -28.20 10.85 -8.82
N THR B 193 -27.65 9.74 -9.32
CA THR B 193 -26.44 9.80 -10.12
C THR B 193 -26.68 10.59 -11.40
N ILE B 194 -27.86 10.44 -12.00
CA ILE B 194 -28.08 11.10 -13.29
C ILE B 194 -28.45 12.56 -13.08
N ILE B 195 -29.15 12.90 -12.01
CA ILE B 195 -29.50 14.32 -11.82
C ILE B 195 -28.27 15.13 -11.43
N VAL B 196 -27.42 14.56 -10.58
CA VAL B 196 -26.28 15.30 -10.07
C VAL B 196 -25.34 15.75 -11.17
N VAL B 197 -25.16 14.90 -12.17
CA VAL B 197 -24.25 15.19 -13.27
C VAL B 197 -24.73 16.40 -14.04
N LEU B 198 -26.00 16.42 -14.38
CA LEU B 198 -26.51 17.50 -15.21
C LEU B 198 -26.69 18.78 -14.42
N VAL B 199 -26.89 18.65 -13.11
CA VAL B 199 -26.92 19.79 -12.22
C VAL B 199 -25.51 20.42 -12.20
N LEU B 200 -24.50 19.56 -12.17
CA LEU B 200 -23.10 19.98 -12.13
C LEU B 200 -22.72 20.69 -13.42
N LEU B 201 -23.10 20.09 -14.55
CA LEU B 201 -22.84 20.69 -15.85
C LEU B 201 -23.61 22.00 -16.16
N TYR B 202 -24.91 22.03 -15.85
CA TYR B 202 -25.73 23.18 -16.16
C TYR B 202 -26.02 24.06 -14.95
N GLY B 203 -25.40 23.78 -13.80
CA GLY B 203 -25.51 24.68 -12.67
C GLY B 203 -24.96 26.06 -12.98
N GLU B 204 -23.93 26.14 -13.82
CA GLU B 204 -23.43 27.42 -14.29
C GLU B 204 -24.16 27.92 -15.53
N HIS B 205 -24.83 27.03 -16.26
CA HIS B 205 -25.84 27.47 -17.22
C HIS B 205 -26.95 28.21 -16.51
N PHE B 206 -27.24 27.83 -15.27
CA PHE B 206 -28.03 28.67 -14.39
C PHE B 206 -27.18 29.79 -13.82
N GLY B 207 -25.91 29.49 -13.52
CA GLY B 207 -24.94 30.50 -13.14
C GLY B 207 -24.77 30.54 -11.64
N MET B 208 -24.89 29.39 -11.00
CA MET B 208 -25.00 29.28 -9.55
C MET B 208 -23.70 28.67 -9.00
N SER B 209 -22.78 29.54 -8.58
CA SER B 209 -21.56 29.19 -7.85
C SER B 209 -20.80 28.06 -8.55
N LEU B 210 -20.25 28.44 -9.70
CA LEU B 210 -19.51 27.51 -10.56
C LEU B 210 -18.49 26.69 -9.79
N SER B 211 -17.58 27.37 -9.09
CA SER B 211 -16.43 26.66 -8.55
C SER B 211 -16.77 25.85 -7.32
N GLY B 212 -17.83 26.22 -6.59
CA GLY B 212 -18.34 25.33 -5.57
C GLY B 212 -18.82 24.01 -6.16
N LEU B 213 -19.52 24.11 -7.28
CA LEU B 213 -20.00 22.92 -7.97
C LEU B 213 -18.79 22.12 -8.44
N LEU B 214 -17.77 22.83 -8.90
CA LEU B 214 -16.53 22.20 -9.36
C LEU B 214 -15.90 21.37 -8.25
N THR B 215 -15.79 21.96 -7.06
CA THR B 215 -15.26 21.23 -5.90
C THR B 215 -16.11 20.01 -5.59
N PHE B 216 -17.43 20.20 -5.55
CA PHE B 216 -18.36 19.11 -5.27
C PHE B 216 -18.10 17.93 -6.18
N GLY B 217 -18.15 18.17 -7.49
CA GLY B 217 -17.91 17.10 -8.43
C GLY B 217 -16.52 16.52 -8.33
N GLY B 218 -15.53 17.37 -8.02
CA GLY B 218 -14.16 16.90 -7.96
C GLY B 218 -13.96 15.89 -6.86
N ILE B 219 -14.42 16.22 -5.66
CA ILE B 219 -14.22 15.33 -4.53
C ILE B 219 -15.09 14.08 -4.67
N GLY B 220 -16.31 14.24 -5.19
CA GLY B 220 -17.16 13.09 -5.41
C GLY B 220 -16.51 12.09 -6.35
N GLY B 221 -16.13 12.54 -7.54
CA GLY B 221 -15.50 11.66 -8.49
C GLY B 221 -14.15 11.15 -8.00
N LEU B 222 -13.48 11.93 -7.16
CA LEU B 222 -12.18 11.50 -6.59
C LEU B 222 -12.32 10.28 -5.67
N ALA B 223 -13.28 10.31 -4.75
CA ALA B 223 -13.57 9.16 -3.91
C ALA B 223 -14.09 8.00 -4.75
N VAL B 224 -14.95 8.30 -5.72
CA VAL B 224 -15.49 7.27 -6.60
C VAL B 224 -14.37 6.53 -7.32
N GLY B 225 -13.36 7.25 -7.76
CA GLY B 225 -12.26 6.60 -8.47
C GLY B 225 -11.41 5.77 -7.53
N MET B 226 -11.12 6.32 -6.36
CA MET B 226 -10.32 5.58 -5.38
C MET B 226 -11.00 4.29 -4.98
N ALA B 227 -12.33 4.27 -5.01
CA ALA B 227 -13.05 3.05 -4.72
C ALA B 227 -13.06 2.10 -5.92
N GLY B 228 -13.63 2.55 -7.04
CA GLY B 228 -13.79 1.71 -8.21
C GLY B 228 -12.52 1.30 -8.92
N LYS B 229 -11.36 1.72 -8.42
CA LYS B 229 -10.09 1.12 -8.80
C LYS B 229 -10.18 -0.40 -8.86
N ASP B 230 -10.67 -0.99 -7.77
CA ASP B 230 -10.73 -2.44 -7.62
C ASP B 230 -11.47 -3.10 -8.77
N ILE B 231 -12.48 -2.44 -9.30
CA ILE B 231 -13.35 -3.03 -10.32
C ILE B 231 -12.82 -2.75 -11.71
N LEU B 232 -12.41 -1.51 -11.95
CA LEU B 232 -11.91 -1.17 -13.26
C LEU B 232 -10.64 -1.93 -13.58
N SER B 233 -9.85 -2.25 -12.56
CA SER B 233 -8.70 -3.11 -12.78
C SER B 233 -9.15 -4.45 -13.33
N ASN B 234 -10.22 -5.01 -12.77
CA ASN B 234 -10.75 -6.27 -13.25
C ASN B 234 -11.18 -6.14 -14.70
N PHE B 235 -11.84 -5.04 -15.02
CA PHE B 235 -12.39 -4.89 -16.37
C PHE B 235 -11.28 -4.74 -17.40
N PHE B 236 -10.31 -3.87 -17.11
CA PHE B 236 -9.22 -3.66 -18.03
C PHE B 236 -8.39 -4.93 -18.20
N SER B 237 -8.20 -5.67 -17.13
CA SER B 237 -7.48 -6.92 -17.29
C SER B 237 -8.29 -7.92 -18.08
N GLY B 238 -9.62 -7.86 -17.97
CA GLY B 238 -10.45 -8.67 -18.85
C GLY B 238 -10.22 -8.35 -20.30
N ILE B 239 -10.02 -7.06 -20.59
CA ILE B 239 -9.72 -6.66 -21.96
C ILE B 239 -8.37 -7.21 -22.40
N MET B 240 -7.36 -7.09 -21.54
CA MET B 240 -6.05 -7.61 -21.91
C MET B 240 -6.11 -9.10 -22.18
N LEU B 241 -6.90 -9.82 -21.40
CA LEU B 241 -7.09 -11.24 -21.67
C LEU B 241 -7.82 -11.45 -22.99
N TYR B 242 -8.75 -10.54 -23.31
CA TYR B 242 -9.45 -10.63 -24.58
C TYR B 242 -8.49 -10.56 -25.74
N PHE B 243 -7.45 -9.73 -25.61
CA PHE B 243 -6.47 -9.60 -26.68
C PHE B 243 -5.28 -10.52 -26.45
N ASP B 244 -4.59 -10.35 -25.35
CA ASP B 244 -3.49 -11.23 -24.99
C ASP B 244 -4.06 -12.53 -24.44
N ARG B 245 -3.68 -13.64 -25.05
CA ARG B 245 -4.21 -14.95 -24.67
C ARG B 245 -3.14 -15.74 -23.96
N PRO B 246 -2.88 -15.48 -22.68
CA PRO B 246 -1.96 -16.34 -21.94
C PRO B 246 -2.49 -17.74 -21.82
N PHE B 247 -3.79 -17.86 -21.63
CA PHE B 247 -4.48 -19.12 -21.60
C PHE B 247 -5.72 -19.03 -22.46
N SER B 248 -6.43 -20.13 -22.51
CA SER B 248 -7.69 -20.24 -23.22
C SER B 248 -8.54 -21.22 -22.44
N ILE B 249 -9.57 -21.72 -23.07
CA ILE B 249 -10.53 -22.58 -22.40
C ILE B 249 -10.06 -24.03 -22.48
N GLY B 250 -10.31 -24.77 -21.41
CA GLY B 250 -9.82 -26.11 -21.28
C GLY B 250 -8.40 -26.21 -20.78
N ASP B 251 -7.73 -25.08 -20.58
CA ASP B 251 -6.33 -25.06 -20.24
C ASP B 251 -6.20 -25.10 -18.73
N TRP B 252 -5.75 -26.23 -18.21
CA TRP B 252 -5.35 -26.33 -16.82
C TRP B 252 -4.38 -25.21 -16.49
N ILE B 253 -4.61 -24.58 -15.36
CA ILE B 253 -3.90 -23.41 -14.92
C ILE B 253 -3.42 -23.67 -13.50
N ARG B 254 -2.36 -22.99 -13.11
CA ARG B 254 -2.09 -22.76 -11.72
C ARG B 254 -1.23 -21.53 -11.60
N SER B 255 -1.03 -21.10 -10.37
CA SER B 255 -0.05 -20.11 -10.05
C SER B 255 0.70 -20.53 -8.81
N PRO B 256 2.01 -20.33 -8.76
CA PRO B 256 2.73 -20.60 -7.51
C PRO B 256 2.32 -19.65 -6.41
N ASP B 257 1.87 -18.46 -6.76
CA ASP B 257 1.61 -17.40 -5.81
C ASP B 257 0.22 -17.47 -5.20
N ARG B 258 -0.67 -18.27 -5.75
CA ARG B 258 -2.05 -18.29 -5.30
C ARG B 258 -2.70 -19.60 -5.70
N ASN B 259 -3.78 -19.93 -5.00
CA ASN B 259 -4.57 -21.10 -5.35
C ASN B 259 -5.59 -20.69 -6.39
N ILE B 260 -5.38 -21.15 -7.60
CA ILE B 260 -6.26 -20.91 -8.73
C ILE B 260 -6.55 -22.22 -9.44
N GLU B 261 -5.88 -23.29 -9.00
CA GLU B 261 -5.61 -24.42 -9.85
C GLU B 261 -6.88 -25.11 -10.31
N GLY B 262 -7.16 -24.98 -11.60
CA GLY B 262 -8.29 -25.64 -12.19
C GLY B 262 -8.33 -25.39 -13.67
N THR B 263 -9.20 -26.12 -14.33
CA THR B 263 -9.42 -25.92 -15.75
C THR B 263 -10.33 -24.74 -15.95
N VAL B 264 -9.92 -23.84 -16.84
CA VAL B 264 -10.79 -22.75 -17.22
C VAL B 264 -12.04 -23.32 -17.87
N ALA B 265 -13.16 -22.69 -17.57
CA ALA B 265 -14.44 -23.01 -18.16
C ALA B 265 -15.05 -21.83 -18.86
N GLU B 266 -14.75 -20.62 -18.41
CA GLU B 266 -15.32 -19.44 -19.04
C GLU B 266 -14.50 -18.23 -18.70
N ILE B 267 -14.36 -17.34 -19.66
CA ILE B 267 -13.77 -16.06 -19.46
C ILE B 267 -14.92 -15.06 -19.36
N GLY B 268 -14.64 -13.95 -18.69
CA GLY B 268 -15.60 -12.88 -18.59
C GLY B 268 -14.88 -11.55 -18.70
N TRP B 269 -15.62 -10.48 -18.47
CA TRP B 269 -15.06 -9.15 -18.53
C TRP B 269 -14.52 -8.73 -17.19
N ARG B 270 -15.20 -9.14 -16.14
CA ARG B 270 -14.74 -8.94 -14.78
C ARG B 270 -13.97 -10.14 -14.27
N ILE B 271 -14.52 -11.33 -14.47
CA ILE B 271 -14.06 -12.53 -13.79
C ILE B 271 -13.89 -13.67 -14.79
N THR B 272 -13.42 -14.78 -14.26
CA THR B 272 -13.31 -16.05 -14.95
C THR B 272 -13.94 -17.12 -14.08
N LYS B 273 -14.55 -18.09 -14.76
CA LYS B 273 -15.12 -19.22 -14.08
C LYS B 273 -14.24 -20.44 -14.38
N ILE B 274 -13.50 -20.84 -13.37
CA ILE B 274 -12.65 -22.01 -13.38
C ILE B 274 -13.41 -23.14 -12.74
N THR B 275 -13.14 -24.36 -13.15
CA THR B 275 -13.52 -25.55 -12.41
C THR B 275 -12.27 -26.14 -11.79
N THR B 276 -12.28 -26.29 -10.47
CA THR B 276 -11.20 -26.99 -9.81
C THR B 276 -11.24 -28.46 -10.17
N PHE B 277 -10.31 -29.18 -9.61
CA PHE B 277 -10.30 -30.63 -9.69
C PHE B 277 -11.15 -31.28 -8.61
N ASP B 278 -11.83 -30.48 -7.80
CA ASP B 278 -12.94 -30.94 -6.99
C ASP B 278 -14.26 -30.88 -7.74
N ASN B 279 -14.24 -30.54 -9.02
CA ASN B 279 -15.43 -30.21 -9.78
C ASN B 279 -16.22 -29.06 -9.16
N ARG B 280 -15.53 -28.19 -8.46
CA ARG B 280 -16.10 -27.00 -7.86
C ARG B 280 -15.82 -25.80 -8.73
N PRO B 281 -16.74 -24.86 -8.88
CA PRO B 281 -16.40 -23.63 -9.55
C PRO B 281 -15.67 -22.63 -8.67
N LEU B 282 -14.88 -21.81 -9.33
CA LEU B 282 -14.08 -20.78 -8.70
C LEU B 282 -14.19 -19.53 -9.56
N TYR B 283 -14.69 -18.47 -8.97
CA TYR B 283 -14.92 -17.22 -9.65
C TYR B 283 -13.76 -16.31 -9.30
N VAL B 284 -12.90 -16.05 -10.27
CA VAL B 284 -11.63 -15.34 -10.04
C VAL B 284 -11.73 -13.97 -10.69
N PRO B 285 -11.29 -12.91 -10.03
CA PRO B 285 -11.24 -11.62 -10.69
C PRO B 285 -9.99 -11.45 -11.55
N ASN B 286 -10.18 -10.73 -12.65
CA ASN B 286 -9.16 -10.66 -13.68
C ASN B 286 -8.05 -9.67 -13.37
N SER B 287 -8.21 -8.82 -12.37
CA SER B 287 -7.11 -7.95 -11.96
C SER B 287 -5.92 -8.77 -11.51
N LEU B 288 -6.19 -9.95 -10.97
CA LEU B 288 -5.18 -10.80 -10.42
C LEU B 288 -4.19 -11.27 -11.46
N PHE B 289 -4.64 -11.49 -12.69
CA PHE B 289 -3.78 -12.01 -13.74
C PHE B 289 -2.78 -10.98 -14.24
N SER B 290 -2.96 -9.72 -13.91
CA SER B 290 -2.03 -8.68 -14.29
C SER B 290 -0.99 -8.39 -13.21
N SER B 291 -1.08 -9.07 -12.07
CA SER B 291 -0.17 -8.87 -10.95
C SER B 291 0.60 -10.13 -10.62
N ILE B 292 0.32 -11.23 -11.32
CA ILE B 292 0.65 -12.55 -10.82
C ILE B 292 1.14 -13.41 -11.97
N SER B 293 2.04 -14.31 -11.64
CA SER B 293 2.58 -15.24 -12.61
C SER B 293 1.63 -16.40 -12.77
N VAL B 294 1.47 -16.83 -14.00
CA VAL B 294 0.49 -17.83 -14.38
C VAL B 294 1.21 -18.94 -15.10
N GLU B 295 0.86 -20.17 -14.78
CA GLU B 295 1.45 -21.36 -15.34
C GLU B 295 0.35 -22.15 -16.01
N ASN B 296 0.56 -22.50 -17.27
CA ASN B 296 -0.43 -23.19 -18.07
C ASN B 296 0.10 -24.58 -18.42
N PRO B 297 0.07 -25.50 -17.46
CA PRO B 297 0.53 -26.85 -17.75
C PRO B 297 -0.26 -27.56 -18.81
N GLY B 298 -1.46 -27.10 -19.12
CA GLY B 298 -2.22 -27.71 -20.19
C GLY B 298 -1.58 -27.54 -21.54
N ARG B 299 -0.69 -26.57 -21.68
CA ARG B 299 0.06 -26.40 -22.91
C ARG B 299 1.34 -27.21 -22.95
N MET B 300 1.70 -27.88 -21.86
CA MET B 300 3.03 -28.43 -21.77
C MET B 300 3.19 -29.59 -22.73
N THR B 301 4.40 -30.13 -22.71
CA THR B 301 4.89 -31.08 -23.70
C THR B 301 5.09 -32.45 -23.12
N ASN B 302 5.74 -32.49 -21.97
CA ASN B 302 6.22 -33.70 -21.33
C ASN B 302 6.00 -33.56 -19.85
N ARG B 303 5.98 -34.68 -19.16
CA ARG B 303 5.69 -34.70 -17.74
C ARG B 303 6.86 -35.28 -16.97
N ARG B 304 7.07 -34.75 -15.79
CA ARG B 304 8.29 -35.03 -15.09
C ARG B 304 8.12 -36.15 -14.09
N ILE B 305 9.21 -36.85 -13.86
CA ILE B 305 9.33 -37.87 -12.85
C ILE B 305 10.49 -37.48 -11.96
N THR B 306 10.27 -37.51 -10.66
CA THR B 306 11.28 -37.12 -9.69
C THR B 306 11.17 -38.01 -8.48
N THR B 307 12.31 -38.54 -8.04
CA THR B 307 12.32 -39.30 -6.80
C THR B 307 13.65 -39.15 -6.10
N THR B 308 13.67 -39.64 -4.87
CA THR B 308 14.88 -39.83 -4.10
C THR B 308 14.87 -41.24 -3.57
N ILE B 309 15.77 -42.05 -4.08
CA ILE B 309 15.99 -43.41 -3.61
C ILE B 309 16.84 -43.29 -2.36
N GLY B 310 16.24 -43.58 -1.22
CA GLY B 310 16.95 -43.50 0.05
C GLY B 310 17.54 -44.82 0.46
N LEU B 311 18.80 -45.02 0.14
CA LEU B 311 19.54 -46.19 0.57
C LEU B 311 20.18 -45.94 1.91
N ARG B 312 20.91 -46.95 2.35
CA ARG B 312 21.60 -46.94 3.63
C ARG B 312 23.08 -46.69 3.42
N TYR B 313 23.73 -46.26 4.50
CA TYR B 313 25.17 -46.04 4.45
C TYR B 313 25.93 -47.35 4.30
N GLU B 314 25.30 -48.47 4.66
CA GLU B 314 25.91 -49.77 4.44
C GLU B 314 26.07 -50.06 2.96
N ASP B 315 25.17 -49.53 2.14
CA ASP B 315 25.08 -49.85 0.73
C ASP B 315 25.87 -48.88 -0.14
N ALA B 316 26.86 -48.22 0.44
CA ALA B 316 27.60 -47.21 -0.29
C ALA B 316 28.43 -47.81 -1.40
N ALA B 317 28.95 -49.00 -1.20
CA ALA B 317 29.77 -49.64 -2.20
C ALA B 317 28.99 -49.98 -3.45
N LYS B 318 27.68 -50.07 -3.35
CA LYS B 318 26.82 -50.53 -4.43
C LYS B 318 26.18 -49.39 -5.20
N VAL B 319 26.59 -48.16 -4.95
CA VAL B 319 25.84 -47.03 -5.43
C VAL B 319 26.11 -46.79 -6.91
N GLY B 320 27.38 -46.87 -7.31
CA GLY B 320 27.71 -46.63 -8.70
C GLY B 320 26.99 -47.56 -9.64
N VAL B 321 26.93 -48.84 -9.27
CA VAL B 321 26.38 -49.83 -10.17
C VAL B 321 24.86 -49.79 -10.15
N ILE B 322 24.26 -49.53 -8.99
CA ILE B 322 22.82 -49.31 -8.92
C ILE B 322 22.43 -48.16 -9.83
N VAL B 323 23.14 -47.05 -9.68
CA VAL B 323 22.90 -45.86 -10.46
C VAL B 323 22.99 -46.17 -11.94
N GLU B 324 24.04 -46.87 -12.34
CA GLU B 324 24.24 -47.16 -13.74
C GLU B 324 23.14 -48.07 -14.27
N ALA B 325 22.69 -49.00 -13.44
CA ALA B 325 21.62 -49.90 -13.85
C ALA B 325 20.32 -49.15 -14.04
N VAL B 326 19.98 -48.30 -13.09
CA VAL B 326 18.78 -47.49 -13.16
C VAL B 326 18.79 -46.65 -14.42
N ARG B 327 19.91 -45.97 -14.66
CA ARG B 327 20.07 -45.16 -15.85
C ARG B 327 19.83 -45.99 -17.10
N GLU B 328 20.43 -47.17 -17.15
CA GLU B 328 20.29 -48.02 -18.32
C GLU B 328 18.87 -48.50 -18.50
N MET B 329 18.13 -48.60 -17.41
CA MET B 329 16.73 -48.97 -17.52
C MET B 329 15.91 -47.85 -18.12
N LEU B 330 15.99 -46.67 -17.51
CA LEU B 330 15.24 -45.51 -18.01
C LEU B 330 15.56 -45.25 -19.46
N LYS B 331 16.81 -45.37 -19.81
CA LYS B 331 17.26 -45.14 -21.17
C LYS B 331 16.72 -46.18 -22.14
N ASN B 332 16.23 -47.31 -21.64
CA ASN B 332 15.61 -48.35 -22.46
C ASN B 332 14.16 -48.59 -22.08
N HIS B 333 13.52 -47.60 -21.54
CA HIS B 333 12.11 -47.62 -21.20
C HIS B 333 11.32 -46.92 -22.30
N PRO B 334 10.23 -47.50 -22.80
CA PRO B 334 9.55 -46.87 -23.94
C PRO B 334 8.95 -45.52 -23.65
N ALA B 335 8.30 -45.39 -22.50
CA ALA B 335 7.54 -44.19 -22.17
C ALA B 335 8.38 -42.96 -21.92
N ILE B 336 9.65 -43.08 -21.94
CA ILE B 336 10.56 -42.04 -21.51
C ILE B 336 11.09 -41.29 -22.72
N ASP B 337 11.34 -39.99 -22.53
CA ASP B 337 11.85 -39.11 -23.57
C ASP B 337 13.32 -38.88 -23.30
N GLN B 338 14.16 -39.41 -24.18
CA GLN B 338 15.60 -39.36 -23.95
C GLN B 338 16.23 -38.08 -24.48
N ARG B 339 15.57 -37.39 -25.39
CA ARG B 339 16.05 -36.09 -25.84
C ARG B 339 16.03 -35.08 -24.71
N GLN B 340 15.10 -35.22 -23.79
CA GLN B 340 15.03 -34.35 -22.63
C GLN B 340 16.07 -34.82 -21.62
N THR B 341 15.99 -34.30 -20.41
CA THR B 341 16.98 -34.63 -19.42
C THR B 341 16.75 -36.03 -18.89
N LEU B 342 17.80 -36.59 -18.34
CA LEU B 342 17.75 -37.90 -17.73
C LEU B 342 18.91 -37.98 -16.77
N LEU B 343 18.61 -37.88 -15.48
CA LEU B 343 19.64 -37.73 -14.47
C LEU B 343 19.40 -38.76 -13.38
N VAL B 344 20.41 -39.57 -13.15
CA VAL B 344 20.45 -40.46 -12.01
C VAL B 344 21.84 -40.32 -11.43
N TYR B 345 21.93 -39.73 -10.25
CA TYR B 345 23.21 -39.36 -9.69
C TYR B 345 23.05 -39.26 -8.19
N PHE B 346 24.00 -39.83 -7.47
CA PHE B 346 24.06 -39.66 -6.04
C PHE B 346 24.39 -38.21 -5.75
N ASN B 347 23.44 -37.52 -5.14
CA ASN B 347 23.48 -36.07 -5.00
C ASN B 347 23.57 -35.58 -3.58
N GLN B 348 23.18 -36.37 -2.60
CA GLN B 348 23.37 -35.93 -1.23
C GLN B 348 23.39 -37.10 -0.27
N PHE B 349 24.14 -36.88 0.79
CA PHE B 349 23.92 -37.56 2.03
C PHE B 349 22.60 -37.10 2.63
N ALA B 350 22.23 -37.75 3.71
CA ALA B 350 21.07 -37.34 4.47
C ALA B 350 21.10 -38.03 5.81
N ASP B 351 20.39 -37.48 6.78
CA ASP B 351 20.24 -38.18 8.04
C ASP B 351 19.58 -39.50 7.73
N SER B 352 20.26 -40.59 8.05
CA SER B 352 19.80 -41.96 7.93
C SER B 352 19.89 -42.55 6.54
N SER B 353 20.33 -41.81 5.52
CA SER B 353 20.27 -42.38 4.19
C SER B 353 21.19 -41.66 3.22
N LEU B 354 21.47 -42.38 2.14
CA LEU B 354 22.14 -41.87 0.96
C LEU B 354 21.08 -41.71 -0.12
N ASN B 355 20.95 -40.52 -0.68
CA ASN B 355 19.80 -40.22 -1.50
C ASN B 355 20.26 -40.08 -2.94
N ILE B 356 19.76 -40.97 -3.77
CA ILE B 356 19.99 -40.91 -5.20
C ILE B 356 18.82 -40.20 -5.83
N MET B 357 19.11 -39.21 -6.63
CA MET B 357 18.04 -38.52 -7.32
C MET B 357 17.64 -39.30 -8.54
N VAL B 358 16.40 -39.10 -8.95
CA VAL B 358 15.95 -39.47 -10.27
C VAL B 358 15.18 -38.29 -10.79
N TYR B 359 15.38 -37.99 -12.06
CA TYR B 359 14.84 -36.81 -12.72
C TYR B 359 14.71 -37.19 -14.18
N CYS B 360 13.48 -37.43 -14.61
CA CYS B 360 13.22 -37.89 -15.96
C CYS B 360 11.92 -37.29 -16.51
N PHE B 361 11.75 -37.45 -17.82
CA PHE B 361 10.58 -36.92 -18.49
C PHE B 361 9.91 -37.99 -19.34
N THR B 362 8.61 -38.09 -19.18
CA THR B 362 7.78 -38.88 -20.04
C THR B 362 7.28 -38.03 -21.19
N LYS B 363 7.15 -38.67 -22.34
CA LYS B 363 6.70 -38.06 -23.56
C LYS B 363 5.19 -37.97 -23.66
N THR B 364 4.46 -38.35 -22.62
CA THR B 364 3.05 -38.08 -22.52
C THR B 364 2.80 -36.83 -21.70
N THR B 365 1.59 -36.35 -21.82
CA THR B 365 1.06 -35.32 -20.96
C THR B 365 -0.18 -35.79 -20.24
N VAL B 366 -0.59 -37.02 -20.45
CA VAL B 366 -1.79 -37.55 -19.85
C VAL B 366 -1.48 -37.93 -18.42
N TRP B 367 -2.45 -37.72 -17.55
CA TRP B 367 -2.30 -38.00 -16.14
C TRP B 367 -2.08 -39.48 -15.90
N ALA B 368 -2.95 -40.29 -16.48
CA ALA B 368 -2.98 -41.71 -16.16
C ALA B 368 -1.77 -42.43 -16.72
N GLU B 369 -1.39 -42.12 -17.95
CA GLU B 369 -0.27 -42.82 -18.55
C GLU B 369 1.01 -42.43 -17.87
N TRP B 370 1.14 -41.16 -17.53
CA TRP B 370 2.24 -40.71 -16.71
C TRP B 370 2.32 -41.49 -15.41
N LEU B 371 1.18 -41.70 -14.77
CA LEU B 371 1.21 -42.40 -13.49
C LEU B 371 1.55 -43.86 -13.66
N ALA B 372 1.08 -44.47 -14.75
CA ALA B 372 1.39 -45.86 -15.00
C ALA B 372 2.88 -46.05 -15.24
N ALA B 373 3.46 -45.14 -15.99
CA ALA B 373 4.90 -45.20 -16.23
C ALA B 373 5.67 -44.97 -14.96
N GLN B 374 5.26 -43.98 -14.18
CA GLN B 374 5.81 -43.77 -12.85
C GLN B 374 5.80 -45.07 -12.04
N GLN B 375 4.67 -45.76 -12.07
CA GLN B 375 4.51 -47.04 -11.40
C GLN B 375 5.58 -48.02 -11.85
N ASP B 376 5.61 -48.31 -13.14
CA ASP B 376 6.52 -49.32 -13.68
C ASP B 376 7.96 -48.97 -13.35
N VAL B 377 8.31 -47.70 -13.46
CA VAL B 377 9.64 -47.22 -13.14
C VAL B 377 9.98 -47.52 -11.69
N TYR B 378 9.04 -47.26 -10.80
CA TYR B 378 9.31 -47.42 -9.38
C TYR B 378 9.48 -48.88 -9.03
N LEU B 379 8.64 -49.73 -9.62
CA LEU B 379 8.73 -51.14 -9.31
C LEU B 379 10.02 -51.74 -9.84
N LYS B 380 10.44 -51.29 -11.01
CA LYS B 380 11.69 -51.77 -11.56
C LYS B 380 12.86 -51.31 -10.72
N ILE B 381 12.78 -50.08 -10.20
CA ILE B 381 13.80 -49.58 -9.29
C ILE B 381 13.91 -50.49 -8.08
N ILE B 382 12.77 -50.86 -7.52
CA ILE B 382 12.75 -51.72 -6.35
C ILE B 382 13.44 -53.04 -6.68
N ASP B 383 13.05 -53.66 -7.78
CA ASP B 383 13.64 -54.93 -8.18
C ASP B 383 15.15 -54.80 -8.35
N ILE B 384 15.59 -53.70 -8.95
CA ILE B 384 17.00 -53.46 -9.17
C ILE B 384 17.74 -53.38 -7.85
N VAL B 385 17.25 -52.52 -6.96
CA VAL B 385 17.85 -52.32 -5.65
C VAL B 385 17.98 -53.64 -4.93
N GLN B 386 16.85 -54.31 -4.71
CA GLN B 386 16.85 -55.53 -3.93
C GLN B 386 17.60 -56.65 -4.60
N SER B 387 17.78 -56.58 -5.92
CA SER B 387 18.63 -57.54 -6.60
C SER B 387 20.08 -57.34 -6.23
N HIS B 388 20.57 -56.12 -6.36
CA HIS B 388 21.97 -55.81 -6.13
C HIS B 388 22.39 -55.97 -4.68
N GLY B 389 21.47 -56.24 -3.77
CA GLY B 389 21.80 -56.56 -2.40
C GLY B 389 21.48 -55.46 -1.42
N ALA B 390 21.22 -54.27 -1.90
CA ALA B 390 20.90 -53.16 -1.02
C ALA B 390 19.47 -53.28 -0.54
N ASP B 391 19.00 -52.24 0.12
CA ASP B 391 17.62 -52.13 0.50
C ASP B 391 17.37 -50.70 0.91
N PHE B 392 16.12 -50.30 0.85
CA PHE B 392 15.76 -48.95 1.19
C PHE B 392 15.98 -48.71 2.67
N ALA B 393 15.94 -47.44 3.03
CA ALA B 393 16.28 -47.00 4.37
C ALA B 393 15.06 -46.38 5.03
N PHE B 394 14.80 -46.83 6.23
CA PHE B 394 13.87 -46.14 7.09
C PHE B 394 14.69 -45.13 7.84
N PRO B 395 14.08 -44.27 8.60
CA PRO B 395 14.87 -43.45 9.52
C PRO B 395 15.62 -44.29 10.51
N SER B 396 16.56 -43.69 11.21
CA SER B 396 17.54 -44.47 11.94
C SER B 396 18.01 -43.66 13.13
N GLN B 397 18.50 -44.38 14.14
CA GLN B 397 18.95 -43.77 15.36
C GLN B 397 19.97 -44.70 16.01
N THR B 398 20.75 -44.12 16.92
CA THR B 398 21.71 -44.86 17.73
C THR B 398 21.36 -44.55 19.18
N LEU B 399 20.99 -45.58 19.90
CA LEU B 399 20.51 -45.43 21.27
C LEU B 399 21.59 -45.85 22.24
N TYR B 400 22.01 -44.91 23.06
CA TYR B 400 23.04 -45.13 24.06
C TYR B 400 22.33 -45.29 25.40
N MET B 401 21.92 -46.52 25.69
CA MET B 401 21.18 -46.82 26.89
C MET B 401 21.99 -46.52 28.15
N ASP B 402 21.27 -46.51 29.28
CA ASP B 402 21.86 -46.31 30.59
C ASP B 402 20.96 -46.90 31.67
N UNK C 2 -48.74 43.72 -8.71
CA UNK C 2 -49.91 42.90 -8.43
C UNK C 2 -49.91 41.61 -9.25
N UNK C 3 -48.98 41.48 -10.20
CA UNK C 3 -48.82 40.22 -10.91
C UNK C 3 -48.05 39.21 -10.06
N UNK C 4 -46.98 39.66 -9.42
CA UNK C 4 -46.16 38.77 -8.61
C UNK C 4 -46.96 38.18 -7.45
N UNK C 5 -47.62 39.03 -6.66
CA UNK C 5 -48.37 38.53 -5.51
C UNK C 5 -49.55 37.66 -5.96
N UNK C 6 -50.20 38.02 -7.06
CA UNK C 6 -51.33 37.23 -7.54
C UNK C 6 -50.87 35.84 -7.96
N UNK C 7 -49.86 35.77 -8.83
CA UNK C 7 -49.32 34.48 -9.24
C UNK C 7 -48.68 33.74 -8.08
N UNK C 8 -48.28 34.43 -7.00
CA UNK C 8 -47.71 33.75 -5.85
C UNK C 8 -48.78 33.09 -4.98
N UNK C 9 -49.84 33.83 -4.67
CA UNK C 9 -50.98 33.23 -3.98
C UNK C 9 -51.58 32.10 -4.80
N UNK C 10 -51.59 32.24 -6.12
CA UNK C 10 -52.07 31.16 -6.98
C UNK C 10 -51.06 30.03 -7.12
N UNK C 11 -49.77 30.31 -6.96
CA UNK C 11 -48.74 29.29 -7.06
C UNK C 11 -48.65 28.43 -5.81
N UNK C 12 -49.01 28.99 -4.65
CA UNK C 12 -49.20 28.14 -3.47
C UNK C 12 -50.24 27.05 -3.75
N UNK C 13 -51.41 27.47 -4.26
CA UNK C 13 -52.44 26.50 -4.63
C UNK C 13 -52.00 25.61 -5.78
N UNK C 14 -51.16 26.13 -6.69
CA UNK C 14 -50.68 25.31 -7.79
C UNK C 14 -49.68 24.28 -7.33
N UNK C 15 -48.89 24.58 -6.30
CA UNK C 15 -48.01 23.59 -5.71
C UNK C 15 -48.80 22.55 -4.93
N UNK C 16 -49.93 22.94 -4.34
CA UNK C 16 -50.83 21.94 -3.77
C UNK C 16 -51.39 21.04 -4.86
N UNK C 17 -51.80 21.64 -5.98
CA UNK C 17 -52.29 20.86 -7.12
C UNK C 17 -51.20 20.00 -7.72
N UNK C 18 -49.93 20.40 -7.56
CA UNK C 18 -48.81 19.60 -8.04
C UNK C 18 -48.51 18.43 -7.11
N UNK C 19 -48.51 18.68 -5.80
CA UNK C 19 -48.44 17.60 -4.83
C UNK C 19 -49.59 16.62 -5.01
N UNK C 20 -50.72 17.09 -5.54
CA UNK C 20 -51.81 16.20 -5.92
C UNK C 20 -51.48 15.43 -7.20
N UNK C 21 -51.23 16.16 -8.29
CA UNK C 21 -51.03 15.58 -9.62
C UNK C 21 -49.56 15.37 -9.96
N UNK C 22 -48.72 16.39 -9.76
CA UNK C 22 -47.33 16.32 -10.16
C UNK C 22 -46.47 15.52 -9.19
N UNK C 23 -46.99 15.18 -8.00
CA UNK C 23 -46.24 14.31 -7.10
C UNK C 23 -45.96 12.96 -7.75
N UNK C 24 -46.87 12.48 -8.60
CA UNK C 24 -46.57 11.33 -9.44
C UNK C 24 -45.36 11.60 -10.32
N UNK C 25 -45.24 12.82 -10.83
CA UNK C 25 -44.10 13.22 -11.63
C UNK C 25 -42.90 13.66 -10.81
N UNK C 26 -43.09 13.94 -9.51
CA UNK C 26 -42.05 14.48 -8.63
C UNK C 26 -41.94 13.67 -7.35
N UNK C 27 -41.89 12.34 -7.47
CA UNK C 27 -41.65 11.45 -6.34
C UNK C 27 -40.22 10.96 -6.42
N UNK C 28 -39.43 11.30 -5.40
CA UNK C 28 -38.01 10.94 -5.33
C UNK C 28 -37.72 9.86 -4.30
N UNK C 29 -38.19 10.05 -3.07
CA UNK C 29 -37.88 9.16 -1.96
C UNK C 29 -39.01 9.25 -0.94
N UNK C 30 -38.87 8.51 0.15
CA UNK C 30 -39.91 8.51 1.19
C UNK C 30 -39.88 9.81 1.98
N UNK C 31 -38.74 10.10 2.63
CA UNK C 31 -38.58 11.40 3.27
C UNK C 31 -38.71 12.51 2.25
N UNK C 32 -38.23 12.27 1.02
CA UNK C 32 -38.45 13.24 -0.05
C UNK C 32 -39.89 13.24 -0.55
N UNK C 33 -40.64 12.13 -0.41
CA UNK C 33 -42.07 12.22 -0.67
C UNK C 33 -42.75 13.12 0.35
N UNK C 34 -42.28 13.08 1.60
CA UNK C 34 -42.82 13.98 2.61
C UNK C 34 -42.45 15.43 2.32
N UNK C 35 -41.20 15.67 1.94
CA UNK C 35 -40.69 17.02 1.71
C UNK C 35 -40.83 17.47 0.27
N UNK C 36 -41.52 16.73 -0.59
CA UNK C 36 -41.65 17.14 -1.99
C UNK C 36 -42.45 18.42 -2.12
N UNK C 37 -43.64 18.46 -1.52
CA UNK C 37 -44.45 19.68 -1.56
C UNK C 37 -43.77 20.81 -0.84
N UNK C 38 -43.11 20.51 0.29
CA UNK C 38 -42.41 21.54 1.04
C UNK C 38 -41.25 22.12 0.26
N UNK C 39 -40.51 21.27 -0.47
CA UNK C 39 -39.38 21.74 -1.26
C UNK C 39 -39.84 22.48 -2.50
N UNK C 40 -40.94 22.04 -3.12
CA UNK C 40 -41.52 22.79 -4.21
C UNK C 40 -41.93 24.18 -3.75
N UNK C 41 -42.58 24.26 -2.58
CA UNK C 41 -42.93 25.57 -2.02
C UNK C 41 -41.68 26.38 -1.69
N UNK C 42 -40.63 25.71 -1.22
CA UNK C 42 -39.40 26.39 -0.85
C UNK C 42 -38.75 27.02 -2.08
N UNK C 43 -38.61 26.25 -3.16
CA UNK C 43 -37.99 26.77 -4.37
C UNK C 43 -38.88 27.82 -5.02
N UNK C 44 -40.19 27.65 -4.95
CA UNK C 44 -41.10 28.67 -5.47
C UNK C 44 -40.97 29.97 -4.70
N UNK C 45 -40.84 29.88 -3.37
CA UNK C 45 -40.65 31.07 -2.55
C UNK C 45 -39.31 31.73 -2.84
N UNK C 46 -38.27 30.92 -3.06
CA UNK C 46 -36.97 31.46 -3.44
C UNK C 46 -37.05 32.18 -4.77
N UNK C 47 -37.79 31.61 -5.72
CA UNK C 47 -37.97 32.25 -7.02
C UNK C 47 -38.73 33.56 -6.88
N UNK C 48 -39.77 33.57 -6.06
CA UNK C 48 -40.54 34.79 -5.83
C UNK C 48 -39.66 35.89 -5.24
N UNK C 49 -38.89 35.55 -4.19
CA UNK C 49 -37.99 36.51 -3.59
C UNK C 49 -36.96 37.00 -4.59
N UNK C 50 -36.42 36.10 -5.41
CA UNK C 50 -35.37 36.46 -6.35
C UNK C 50 -35.89 37.43 -7.41
N UNK C 51 -37.03 37.09 -8.04
CA UNK C 51 -37.56 37.93 -9.10
C UNK C 51 -38.37 39.12 -8.59
N UNK C 52 -38.56 39.24 -7.27
CA UNK C 52 -39.09 40.47 -6.69
C UNK C 52 -37.98 41.42 -6.26
N UNK C 53 -36.85 40.86 -5.80
CA UNK C 53 -35.79 41.67 -5.21
C UNK C 53 -35.20 42.64 -6.21
N UNK C 54 -34.61 42.12 -7.29
CA UNK C 54 -33.94 42.97 -8.27
C UNK C 54 -34.90 43.96 -8.91
N UNK C 55 -36.17 43.60 -9.05
CA UNK C 55 -37.13 44.50 -9.69
C UNK C 55 -37.55 45.62 -8.76
N UNK C 56 -38.16 45.29 -7.61
CA UNK C 56 -38.66 46.34 -6.73
C UNK C 56 -37.54 47.10 -6.04
N UNK C 57 -36.33 46.54 -5.99
CA UNK C 57 -35.18 47.31 -5.55
C UNK C 57 -34.77 48.34 -6.60
N UNK C 58 -34.98 48.02 -7.87
CA UNK C 58 -34.55 48.90 -8.95
C UNK C 58 -35.49 50.08 -9.11
N UNK C 59 -36.80 49.86 -8.98
CA UNK C 59 -37.78 50.90 -9.25
C UNK C 59 -37.61 52.07 -8.29
N UNK C 60 -37.78 51.83 -6.99
CA UNK C 60 -37.57 52.88 -6.00
C UNK C 60 -36.14 53.41 -6.02
N UNK C 61 -35.18 52.59 -6.46
CA UNK C 61 -33.81 53.06 -6.59
C UNK C 61 -33.67 54.14 -7.65
N UNK C 62 -34.66 54.29 -8.54
CA UNK C 62 -34.63 55.38 -9.52
C UNK C 62 -34.65 56.73 -8.83
N UNK C 63 -35.25 56.82 -7.64
CA UNK C 63 -35.32 58.05 -6.85
C UNK C 63 -34.71 57.84 -5.47
N UNK C 64 -33.63 57.07 -5.39
CA UNK C 64 -32.91 56.86 -4.14
C UNK C 64 -31.42 56.78 -4.45
N UNK C 65 -30.61 56.53 -3.43
CA UNK C 65 -29.17 56.70 -3.55
C UNK C 65 -28.50 55.56 -4.30
N UNK C 66 -28.61 54.34 -3.77
CA UNK C 66 -27.92 53.20 -4.36
C UNK C 66 -28.63 51.91 -3.97
N UNK C 67 -28.57 50.93 -4.88
CA UNK C 67 -29.18 49.62 -4.69
C UNK C 67 -28.13 48.51 -4.69
N UNK C 68 -26.95 48.80 -4.13
CA UNK C 68 -25.86 47.83 -4.16
C UNK C 68 -26.07 46.71 -3.15
N ASP C 147 -28.61 44.85 -2.23
CA ASP C 147 -29.81 44.04 -2.41
C ASP C 147 -29.56 42.69 -3.06
N PHE C 148 -28.52 42.55 -3.89
CA PHE C 148 -28.13 41.21 -4.30
C PHE C 148 -27.66 40.40 -3.09
N ILE C 149 -26.92 41.04 -2.19
CA ILE C 149 -26.50 40.38 -0.95
C ILE C 149 -27.69 39.97 -0.11
N CYS C 150 -28.73 40.81 -0.07
CA CYS C 150 -29.89 40.48 0.74
C CYS C 150 -30.69 39.35 0.10
N THR C 151 -30.86 39.40 -1.22
CA THR C 151 -31.48 38.28 -1.94
C THR C 151 -30.75 36.98 -1.65
N SER C 152 -29.41 37.01 -1.73
CA SER C 152 -28.59 35.84 -1.44
C SER C 152 -28.84 35.33 -0.02
N LEU C 153 -28.70 36.23 0.95
CA LEU C 153 -28.83 35.89 2.36
C LEU C 153 -30.17 35.25 2.64
N ILE C 154 -31.25 35.94 2.28
CA ILE C 154 -32.60 35.45 2.52
C ILE C 154 -32.80 34.11 1.83
N ALA C 155 -32.38 34.03 0.56
CA ALA C 155 -32.69 32.88 -0.27
C ALA C 155 -32.05 31.62 0.30
N VAL C 156 -30.86 31.75 0.87
CA VAL C 156 -30.24 30.55 1.45
C VAL C 156 -30.71 30.28 2.88
N ILE C 157 -30.90 31.32 3.71
CA ILE C 157 -31.26 31.02 5.10
C ILE C 157 -32.65 30.43 5.18
N LEU C 158 -33.54 30.79 4.25
CA LEU C 158 -34.88 30.20 4.27
C LEU C 158 -34.81 28.70 4.05
N THR C 159 -34.21 28.29 2.92
CA THR C 159 -34.07 26.88 2.62
C THR C 159 -33.25 26.16 3.68
N ILE C 160 -32.28 26.85 4.28
CA ILE C 160 -31.45 26.22 5.29
C ILE C 160 -32.23 26.04 6.58
N LYS C 161 -33.11 26.97 6.92
CA LYS C 161 -33.99 26.77 8.05
C LYS C 161 -34.88 25.55 7.83
N LEU C 162 -35.46 25.45 6.62
CA LEU C 162 -36.24 24.27 6.26
C LEU C 162 -35.43 23.00 6.49
N PHE C 163 -34.22 22.95 5.95
CA PHE C 163 -33.45 21.71 5.98
C PHE C 163 -32.91 21.41 7.38
N LEU C 164 -32.56 22.44 8.14
CA LEU C 164 -32.18 22.25 9.53
C LEU C 164 -33.33 21.65 10.32
N LEU C 165 -34.55 22.13 10.10
CA LEU C 165 -35.69 21.55 10.79
C LEU C 165 -35.93 20.13 10.32
N ILE C 166 -35.69 19.84 9.04
CA ILE C 166 -35.83 18.48 8.55
C ILE C 166 -34.81 17.57 9.23
N ASN C 167 -33.62 18.09 9.53
CA ASN C 167 -32.64 17.30 10.27
C ASN C 167 -33.04 17.12 11.72
N GLN C 168 -33.68 18.12 12.33
CA GLN C 168 -34.24 17.93 13.66
C GLN C 168 -35.29 16.82 13.66
N PHE C 169 -36.13 16.79 12.61
CA PHE C 169 -37.11 15.73 12.49
C PHE C 169 -36.44 14.38 12.27
N GLU C 170 -35.35 14.36 11.51
CA GLU C 170 -34.56 13.13 11.37
C GLU C 170 -34.07 12.67 12.72
N LYS C 171 -33.49 13.60 13.50
CA LYS C 171 -33.04 13.28 14.85
C LYS C 171 -34.15 12.66 15.67
N GLN C 172 -35.34 13.27 15.63
CA GLN C 172 -36.47 12.70 16.40
C GLN C 172 -36.82 11.30 15.92
N GLN C 173 -36.73 11.05 14.61
CA GLN C 173 -36.93 9.70 14.12
C GLN C 173 -35.84 8.76 14.65
N ILE C 174 -34.62 9.26 14.79
CA ILE C 174 -33.53 8.47 15.36
C ILE C 174 -33.72 8.28 16.86
N LYS C 175 -34.51 9.14 17.51
CA LYS C 175 -34.58 9.15 18.97
C LYS C 175 -35.37 7.98 19.52
N LYS C 176 -36.29 7.43 18.73
CA LYS C 176 -37.17 6.38 19.23
C LYS C 176 -36.38 5.17 19.71
N GLY C 177 -35.35 4.78 18.97
CA GLY C 177 -34.63 3.54 19.22
C GLY C 177 -33.18 3.72 19.60
N ARG C 178 -32.78 4.93 19.99
CA ARG C 178 -31.40 5.24 20.30
C ARG C 178 -31.38 6.22 21.47
N ASP C 179 -30.24 6.86 21.69
CA ASP C 179 -29.95 7.64 22.89
C ASP C 179 -29.92 9.13 22.57
N ILE C 180 -29.83 9.93 23.63
CA ILE C 180 -29.80 11.37 23.49
C ILE C 180 -28.38 11.84 23.18
N THR C 181 -27.38 11.20 23.79
CA THR C 181 -25.99 11.59 23.60
C THR C 181 -25.60 11.49 22.13
N SER C 182 -25.72 10.27 21.61
CA SER C 182 -25.37 9.98 20.22
C SER C 182 -26.23 10.74 19.22
N ALA C 183 -27.52 10.84 19.46
CA ALA C 183 -28.40 11.54 18.53
C ALA C 183 -28.06 13.02 18.51
N ARG C 184 -27.74 13.60 19.66
CA ARG C 184 -27.28 14.98 19.71
C ARG C 184 -25.99 15.16 18.92
N ILE C 185 -25.03 14.27 19.13
CA ILE C 185 -23.75 14.38 18.44
C ILE C 185 -23.95 14.24 16.94
N MET C 186 -24.77 13.28 16.52
CA MET C 186 -25.07 13.08 15.12
C MET C 186 -25.80 14.27 14.52
N SER C 187 -26.63 14.93 15.33
CA SER C 187 -27.28 16.16 14.92
C SER C 187 -26.24 17.22 14.62
N ARG C 188 -25.34 17.45 15.57
CA ARG C 188 -24.24 18.39 15.36
C ARG C 188 -23.49 18.08 14.06
N ILE C 189 -23.22 16.80 13.84
CA ILE C 189 -22.42 16.40 12.69
C ILE C 189 -23.15 16.72 11.39
N ILE C 190 -24.41 16.29 11.27
CA ILE C 190 -25.14 16.52 10.04
C ILE C 190 -25.37 18.01 9.83
N LYS C 191 -25.57 18.75 10.91
CA LYS C 191 -25.79 20.19 10.81
C LYS C 191 -24.56 20.88 10.23
N ILE C 192 -23.39 20.59 10.81
CA ILE C 192 -22.14 21.13 10.29
C ILE C 192 -21.98 20.76 8.82
N THR C 193 -22.25 19.49 8.48
CA THR C 193 -22.05 19.03 7.12
C THR C 193 -22.93 19.78 6.14
N ILE C 194 -24.16 20.08 6.54
CA ILE C 194 -25.07 20.70 5.60
C ILE C 194 -24.81 22.20 5.50
N ILE C 195 -24.39 22.86 6.59
CA ILE C 195 -24.15 24.29 6.49
C ILE C 195 -22.88 24.56 5.70
N VAL C 196 -21.85 23.74 5.91
CA VAL C 196 -20.56 23.99 5.28
C VAL C 196 -20.65 23.97 3.76
N VAL C 197 -21.46 23.07 3.24
CA VAL C 197 -21.59 22.92 1.80
C VAL C 197 -22.17 24.18 1.18
N LEU C 198 -23.24 24.70 1.77
CA LEU C 198 -23.91 25.84 1.18
C LEU C 198 -23.14 27.13 1.44
N VAL C 199 -22.35 27.14 2.51
CA VAL C 199 -21.45 28.26 2.76
C VAL C 199 -20.37 28.27 1.67
N LEU C 200 -19.90 27.07 1.30
CA LEU C 200 -18.87 26.90 0.29
C LEU C 200 -19.40 27.33 -1.07
N LEU C 201 -20.60 26.88 -1.41
CA LEU C 201 -21.23 27.27 -2.67
C LEU C 201 -21.63 28.75 -2.80
N TYR C 202 -22.23 29.32 -1.76
CA TYR C 202 -22.71 30.68 -1.80
C TYR C 202 -21.82 31.66 -1.06
N GLY C 203 -20.64 31.22 -0.59
CA GLY C 203 -19.68 32.14 -0.03
C GLY C 203 -19.21 33.17 -1.05
N GLU C 204 -19.14 32.79 -2.31
CA GLU C 204 -18.84 33.73 -3.38
C GLU C 204 -20.10 34.42 -3.92
N HIS C 205 -21.28 33.84 -3.69
CA HIS C 205 -22.51 34.59 -3.85
C HIS C 205 -22.54 35.75 -2.87
N PHE C 206 -21.91 35.58 -1.71
CA PHE C 206 -21.59 36.72 -0.84
C PHE C 206 -20.35 37.43 -1.38
N GLY C 207 -19.39 36.66 -1.90
CA GLY C 207 -18.24 37.22 -2.59
C GLY C 207 -17.03 37.26 -1.68
N MET C 208 -16.92 36.28 -0.80
CA MET C 208 -15.96 36.31 0.30
C MET C 208 -14.89 35.26 0.04
N SER C 209 -13.78 35.71 -0.55
CA SER C 209 -12.54 34.92 -0.73
C SER C 209 -12.83 33.56 -1.35
N LEU C 210 -13.23 33.63 -2.62
CA LEU C 210 -13.60 32.44 -3.39
C LEU C 210 -12.58 31.32 -3.27
N SER C 211 -11.32 31.60 -3.59
CA SER C 211 -10.36 30.53 -3.75
C SER C 211 -9.88 29.98 -2.40
N GLY C 212 -9.95 30.78 -1.35
CA GLY C 212 -9.75 30.23 -0.02
C GLY C 212 -10.80 29.19 0.32
N LEU C 213 -12.05 29.49 -0.02
CA LEU C 213 -13.15 28.55 0.19
C LEU C 213 -12.88 27.32 -0.67
N LEU C 214 -12.39 27.54 -1.89
CA LEU C 214 -12.09 26.45 -2.79
C LEU C 214 -11.07 25.49 -2.18
N THR C 215 -10.00 26.04 -1.62
CA THR C 215 -8.99 25.23 -0.94
C THR C 215 -9.61 24.46 0.22
N PHE C 216 -10.39 25.17 1.05
CA PHE C 216 -11.04 24.56 2.20
C PHE C 216 -11.83 23.33 1.79
N GLY C 217 -12.75 23.50 0.83
CA GLY C 217 -13.55 22.38 0.37
C GLY C 217 -12.70 21.29 -0.27
N GLY C 218 -11.64 21.69 -0.98
CA GLY C 218 -10.83 20.72 -1.68
C GLY C 218 -10.14 19.77 -0.73
N ILE C 219 -9.49 20.32 0.30
CA ILE C 219 -8.76 19.47 1.23
C ILE C 219 -9.72 18.67 2.10
N GLY C 220 -10.85 19.29 2.50
CA GLY C 220 -11.84 18.56 3.25
C GLY C 220 -12.34 17.34 2.51
N GLY C 221 -12.85 17.54 1.30
CA GLY C 221 -13.34 16.43 0.52
C GLY C 221 -12.25 15.45 0.15
N LEU C 222 -11.00 15.94 0.03
CA LEU C 222 -9.87 15.06 -0.28
C LEU C 222 -9.58 14.04 0.83
N ALA C 223 -9.53 14.50 2.09
CA ALA C 223 -9.38 13.60 3.23
C ALA C 223 -10.61 12.70 3.36
N VAL C 224 -11.79 13.28 3.15
CA VAL C 224 -13.03 12.51 3.23
C VAL C 224 -13.01 11.35 2.24
N GLY C 225 -12.50 11.58 1.04
CA GLY C 225 -12.46 10.51 0.06
C GLY C 225 -11.44 9.46 0.41
N MET C 226 -10.26 9.89 0.86
CA MET C 226 -9.22 8.96 1.25
C MET C 226 -9.68 8.07 2.38
N ALA C 227 -10.55 8.58 3.24
CA ALA C 227 -11.12 7.76 4.30
C ALA C 227 -12.21 6.84 3.77
N GLY C 228 -13.29 7.41 3.23
CA GLY C 228 -14.44 6.66 2.80
C GLY C 228 -14.24 5.74 1.62
N LYS C 229 -13.03 5.69 1.07
CA LYS C 229 -12.63 4.61 0.18
C LYS C 229 -13.09 3.25 0.69
N ASP C 230 -12.77 2.96 1.95
CA ASP C 230 -13.05 1.67 2.55
C ASP C 230 -14.52 1.30 2.46
N ILE C 231 -15.40 2.27 2.54
CA ILE C 231 -16.83 2.04 2.59
C ILE C 231 -17.43 2.02 1.20
N LEU C 232 -17.04 2.97 0.37
CA LEU C 232 -17.59 3.01 -0.97
C LEU C 232 -17.18 1.81 -1.77
N SER C 233 -16.01 1.24 -1.47
CA SER C 233 -15.64 -0.02 -2.10
C SER C 233 -16.65 -1.10 -1.75
N ASN C 234 -17.06 -1.15 -0.49
CA ASN C 234 -18.07 -2.12 -0.07
C ASN C 234 -19.36 -1.90 -0.83
N PHE C 235 -19.76 -0.65 -0.98
CA PHE C 235 -21.04 -0.36 -1.60
C PHE C 235 -21.04 -0.71 -3.07
N PHE C 236 -20.00 -0.29 -3.78
CA PHE C 236 -19.90 -0.59 -5.21
C PHE C 236 -19.80 -2.07 -5.45
N SER C 237 -19.08 -2.79 -4.60
CA SER C 237 -19.04 -4.22 -4.76
C SER C 237 -20.38 -4.85 -4.46
N GLY C 238 -21.14 -4.26 -3.55
CA GLY C 238 -22.50 -4.72 -3.34
C GLY C 238 -23.32 -4.58 -4.60
N ILE C 239 -23.10 -3.50 -5.34
CA ILE C 239 -23.80 -3.32 -6.61
C ILE C 239 -23.37 -4.39 -7.61
N MET C 240 -22.08 -4.64 -7.72
CA MET C 240 -21.63 -5.65 -8.65
C MET C 240 -22.22 -7.01 -8.32
N LEU C 241 -22.34 -7.32 -7.04
CA LEU C 241 -23.00 -8.54 -6.64
C LEU C 241 -24.47 -8.50 -7.01
N TYR C 242 -25.09 -7.33 -6.93
CA TYR C 242 -26.49 -7.20 -7.31
C TYR C 242 -26.70 -7.57 -8.76
N PHE C 243 -25.73 -7.22 -9.61
CA PHE C 243 -25.83 -7.55 -11.02
C PHE C 243 -25.13 -8.85 -11.35
N ASP C 244 -23.83 -8.92 -11.09
CA ASP C 244 -23.08 -10.15 -11.27
C ASP C 244 -23.37 -11.07 -10.11
N ARG C 245 -23.83 -12.28 -10.42
CA ARG C 245 -24.21 -13.24 -9.39
C ARG C 245 -23.20 -14.37 -9.34
N PRO C 246 -22.04 -14.16 -8.72
CA PRO C 246 -21.12 -15.28 -8.53
C PRO C 246 -21.72 -16.34 -7.66
N PHE C 247 -22.45 -15.92 -6.64
CA PHE C 247 -23.17 -16.81 -5.76
C PHE C 247 -24.58 -16.26 -5.57
N SER C 248 -25.35 -17.00 -4.78
CA SER C 248 -26.68 -16.62 -4.43
C SER C 248 -26.92 -17.15 -3.02
N ILE C 249 -28.16 -17.22 -2.62
CA ILE C 249 -28.49 -17.59 -1.26
C ILE C 249 -28.60 -19.10 -1.15
N GLY C 250 -28.17 -19.63 -0.02
CA GLY C 250 -28.08 -21.06 0.18
C GLY C 250 -26.83 -21.68 -0.36
N ASP C 251 -25.99 -20.90 -1.02
CA ASP C 251 -24.82 -21.44 -1.71
C ASP C 251 -23.65 -21.45 -0.74
N TRP C 252 -23.26 -22.63 -0.32
CA TRP C 252 -22.02 -22.82 0.41
C TRP C 252 -20.88 -22.17 -0.36
N ILE C 253 -20.08 -21.43 0.37
CA ILE C 253 -19.00 -20.62 -0.16
C ILE C 253 -17.73 -20.98 0.58
N ARG C 254 -16.60 -20.77 -0.07
CA ARG C 254 -15.36 -20.60 0.65
C ARG C 254 -14.41 -19.81 -0.23
N SER C 255 -13.29 -19.43 0.35
CA SER C 255 -12.20 -18.90 -0.39
C SER C 255 -10.91 -19.52 0.12
N PRO C 256 -9.98 -19.86 -0.77
CA PRO C 256 -8.67 -20.33 -0.29
C PRO C 256 -7.90 -19.25 0.43
N ASP C 257 -8.17 -17.99 0.09
CA ASP C 257 -7.39 -16.87 0.58
C ASP C 257 -7.86 -16.34 1.92
N ARG C 258 -9.03 -16.75 2.39
CA ARG C 258 -9.61 -16.19 3.59
C ARG C 258 -10.63 -17.16 4.17
N ASN C 259 -10.90 -16.99 5.45
CA ASN C 259 -11.94 -17.76 6.11
C ASN C 259 -13.25 -17.03 5.94
N ILE C 260 -14.11 -17.60 5.11
CA ILE C 260 -15.43 -17.08 4.82
C ILE C 260 -16.45 -18.21 4.94
N GLU C 261 -15.97 -19.43 5.15
CA GLU C 261 -16.69 -20.62 4.76
C GLU C 261 -18.01 -20.75 5.49
N GLY C 262 -19.09 -20.59 4.75
CA GLY C 262 -20.41 -20.78 5.29
C GLY C 262 -21.43 -20.61 4.21
N THR C 263 -22.66 -20.96 4.55
CA THR C 263 -23.78 -20.76 3.67
C THR C 263 -24.22 -19.32 3.74
N VAL C 264 -24.39 -18.71 2.57
CA VAL C 264 -24.96 -17.38 2.52
C VAL C 264 -26.37 -17.44 3.07
N ALA C 265 -26.73 -16.40 3.81
CA ALA C 265 -28.06 -16.21 4.33
C ALA C 265 -28.68 -14.92 3.87
N GLU C 266 -27.87 -13.91 3.59
CA GLU C 266 -28.40 -12.64 3.16
C GLU C 266 -27.32 -11.84 2.47
N ILE C 267 -27.72 -11.14 1.43
CA ILE C 267 -26.88 -10.17 0.78
C ILE C 267 -27.30 -8.80 1.26
N GLY C 268 -26.38 -7.86 1.19
CA GLY C 268 -26.65 -6.50 1.54
C GLY C 268 -25.96 -5.57 0.58
N TRP C 269 -26.01 -4.28 0.86
CA TRP C 269 -25.38 -3.29 0.03
C TRP C 269 -23.95 -3.05 0.46
N ARG C 270 -23.72 -3.11 1.76
CA ARG C 270 -22.39 -3.04 2.33
C ARG C 270 -21.82 -4.42 2.57
N ILE C 271 -22.61 -5.31 3.18
CA ILE C 271 -22.12 -6.55 3.72
C ILE C 271 -23.00 -7.70 3.29
N THR C 272 -22.58 -8.88 3.70
CA THR C 272 -23.31 -10.12 3.57
C THR C 272 -23.36 -10.81 4.93
N LYS C 273 -24.47 -11.50 5.16
CA LYS C 273 -24.63 -12.27 6.36
C LYS C 273 -24.57 -13.74 5.99
N ILE C 274 -23.45 -14.35 6.32
CA ILE C 274 -23.20 -15.77 6.13
C ILE C 274 -23.49 -16.46 7.44
N THR C 275 -23.92 -17.72 7.37
CA THR C 275 -23.91 -18.62 8.51
C THR C 275 -22.80 -19.62 8.31
N THR C 276 -21.89 -19.70 9.28
CA THR C 276 -20.88 -20.72 9.24
C THR C 276 -21.53 -22.07 9.50
N PHE C 277 -20.69 -23.09 9.52
CA PHE C 277 -21.10 -24.41 9.92
C PHE C 277 -21.02 -24.61 11.42
N ASP C 278 -20.68 -23.56 12.17
CA ASP C 278 -20.92 -23.50 13.59
C ASP C 278 -22.30 -22.97 13.92
N ASN C 279 -23.13 -22.72 12.92
CA ASN C 279 -24.38 -21.98 13.06
C ASN C 279 -24.15 -20.59 13.64
N ARG C 280 -22.98 -20.02 13.38
CA ARG C 280 -22.64 -18.68 13.78
C ARG C 280 -22.79 -17.74 12.61
N PRO C 281 -23.26 -16.52 12.81
CA PRO C 281 -23.24 -15.56 11.73
C PRO C 281 -21.89 -14.90 11.54
N LEU C 282 -21.66 -14.48 10.31
CA LEU C 282 -20.44 -13.84 9.89
C LEU C 282 -20.82 -12.70 8.96
N TYR C 283 -20.47 -11.49 9.36
CA TYR C 283 -20.80 -10.28 8.64
C TYR C 283 -19.58 -9.90 7.83
N VAL C 284 -19.65 -10.06 6.52
CA VAL C 284 -18.51 -9.91 5.62
C VAL C 284 -18.71 -8.65 4.80
N PRO C 285 -17.69 -7.81 4.62
CA PRO C 285 -17.82 -6.69 3.72
C PRO C 285 -17.61 -7.07 2.27
N ASN C 286 -18.35 -6.40 1.40
CA ASN C 286 -18.42 -6.79 0.00
C ASN C 286 -17.23 -6.32 -0.82
N SER C 287 -16.40 -5.42 -0.31
CA SER C 287 -15.19 -5.05 -1.02
C SER C 287 -14.28 -6.25 -1.21
N LEU C 288 -14.36 -7.18 -0.29
CA LEU C 288 -13.51 -8.35 -0.29
C LEU C 288 -13.74 -9.23 -1.51
N PHE C 289 -14.98 -9.31 -1.99
CA PHE C 289 -15.31 -10.18 -3.10
C PHE C 289 -14.78 -9.66 -4.42
N SER C 290 -14.35 -8.41 -4.49
CA SER C 290 -13.77 -7.86 -5.69
C SER C 290 -12.25 -7.96 -5.72
N SER C 291 -11.65 -8.48 -4.65
CA SER C 291 -10.20 -8.60 -4.53
C SER C 291 -9.77 -10.05 -4.42
N ILE C 292 -10.72 -10.98 -4.36
CA ILE C 292 -10.47 -12.30 -3.80
C ILE C 292 -11.19 -13.33 -4.63
N SER C 293 -10.59 -14.50 -4.71
CA SER C 293 -11.16 -15.61 -5.42
C SER C 293 -12.18 -16.31 -4.54
N VAL C 294 -13.28 -16.71 -5.15
CA VAL C 294 -14.42 -17.25 -4.45
C VAL C 294 -14.76 -18.59 -5.06
N GLU C 295 -15.05 -19.55 -4.21
CA GLU C 295 -15.36 -20.91 -4.60
C GLU C 295 -16.75 -21.22 -4.09
N ASN C 296 -17.60 -21.69 -4.97
CA ASN C 296 -18.99 -21.98 -4.66
C ASN C 296 -19.24 -23.46 -4.79
N PRO C 297 -18.79 -24.25 -3.83
CA PRO C 297 -19.03 -25.70 -3.89
C PRO C 297 -20.48 -26.08 -3.87
N GLY C 298 -21.36 -25.19 -3.45
CA GLY C 298 -22.77 -25.49 -3.50
C GLY C 298 -23.30 -25.66 -4.90
N ARG C 299 -22.60 -25.15 -5.89
CA ARG C 299 -22.95 -25.35 -7.28
C ARG C 299 -22.36 -26.60 -7.87
N MET C 300 -21.50 -27.29 -7.14
CA MET C 300 -20.71 -28.33 -7.77
C MET C 300 -21.57 -29.51 -8.16
N THR C 301 -20.92 -30.48 -8.77
CA THR C 301 -21.55 -31.60 -9.46
C THR C 301 -21.32 -32.91 -8.75
N ASN C 302 -20.08 -33.14 -8.37
CA ASN C 302 -19.61 -34.41 -7.85
C ASN C 302 -18.64 -34.12 -6.73
N ARG C 303 -18.43 -35.11 -5.88
CA ARG C 303 -17.59 -34.94 -4.72
C ARG C 303 -16.42 -35.89 -4.76
N ARG C 304 -15.30 -35.43 -4.26
CA ARG C 304 -14.06 -36.14 -4.48
C ARG C 304 -13.74 -37.05 -3.32
N ILE C 305 -13.03 -38.11 -3.64
CA ILE C 305 -12.46 -39.04 -2.70
C ILE C 305 -10.98 -39.11 -2.97
N THR C 306 -10.18 -38.98 -1.92
CA THR C 306 -8.74 -38.98 -2.04
C THR C 306 -8.14 -39.69 -0.85
N THR C 307 -7.22 -40.61 -1.11
CA THR C 307 -6.50 -41.25 -0.03
C THR C 307 -5.10 -41.61 -0.46
N THR C 308 -4.31 -42.00 0.53
CA THR C 308 -3.02 -42.62 0.33
C THR C 308 -2.99 -43.88 1.16
N ILE C 309 -2.96 -45.01 0.48
CA ILE C 309 -2.81 -46.31 1.10
C ILE C 309 -1.33 -46.48 1.37
N GLY C 310 -0.96 -46.45 2.64
CA GLY C 310 0.42 -46.60 3.02
C GLY C 310 0.79 -48.02 3.35
N LEU C 311 1.33 -48.72 2.36
CA LEU C 311 1.83 -50.06 2.55
C LEU C 311 3.27 -50.04 2.99
N ARG C 312 3.84 -51.21 3.13
CA ARG C 312 5.20 -51.42 3.57
C ARG C 312 6.06 -51.79 2.38
N TYR C 313 7.37 -51.61 2.55
CA TYR C 313 8.30 -51.98 1.52
C TYR C 313 8.38 -53.49 1.34
N GLU C 314 7.95 -54.25 2.35
CA GLU C 314 7.87 -55.69 2.23
C GLU C 314 6.83 -56.11 1.21
N ASP C 315 5.79 -55.29 1.05
CA ASP C 315 4.64 -55.62 0.25
C ASP C 315 4.75 -55.09 -1.17
N ALA C 316 5.97 -54.86 -1.64
CA ALA C 316 6.16 -54.26 -2.95
C ALA C 316 5.74 -55.20 -4.06
N ALA C 317 5.94 -56.50 -3.87
CA ALA C 317 5.59 -57.46 -4.89
C ALA C 317 4.10 -57.52 -5.14
N LYS C 318 3.30 -57.06 -4.18
CA LYS C 318 1.86 -57.20 -4.23
C LYS C 318 1.16 -55.94 -4.69
N VAL C 319 1.91 -54.97 -5.19
CA VAL C 319 1.34 -53.65 -5.39
C VAL C 319 0.51 -53.61 -6.67
N GLY C 320 1.02 -54.22 -7.73
CA GLY C 320 0.29 -54.20 -8.99
C GLY C 320 -1.08 -54.82 -8.87
N VAL C 321 -1.16 -55.94 -8.16
CA VAL C 321 -2.41 -56.66 -8.10
C VAL C 321 -3.38 -56.02 -7.11
N ILE C 322 -2.86 -55.49 -6.01
CA ILE C 322 -3.68 -54.71 -5.10
C ILE C 322 -4.31 -53.55 -5.84
N VAL C 323 -3.48 -52.81 -6.55
CA VAL C 323 -3.92 -51.66 -7.32
C VAL C 323 -5.00 -52.06 -8.29
N GLU C 324 -4.77 -53.13 -9.03
CA GLU C 324 -5.74 -53.54 -10.03
C GLU C 324 -7.05 -53.97 -9.38
N ALA C 325 -6.97 -54.60 -8.22
CA ALA C 325 -8.17 -55.01 -7.51
C ALA C 325 -8.96 -53.82 -7.04
N VAL C 326 -8.28 -52.86 -6.44
CA VAL C 326 -8.92 -51.65 -5.96
C VAL C 326 -9.62 -50.93 -7.11
N ARG C 327 -8.90 -50.77 -8.21
CA ARG C 327 -9.47 -50.16 -9.40
C ARG C 327 -10.72 -50.89 -9.84
N GLU C 328 -10.67 -52.21 -9.90
CA GLU C 328 -11.81 -52.99 -10.33
C GLU C 328 -12.97 -52.87 -9.38
N MET C 329 -12.69 -52.61 -8.11
CA MET C 329 -13.76 -52.40 -7.15
C MET C 329 -14.45 -51.07 -7.40
N LEU C 330 -13.68 -49.98 -7.41
CA LEU C 330 -14.24 -48.66 -7.63
C LEU C 330 -15.02 -48.61 -8.92
N LYS C 331 -14.50 -49.24 -9.95
CA LYS C 331 -15.13 -49.29 -11.24
C LYS C 331 -16.43 -50.08 -11.22
N ASN C 332 -16.66 -50.88 -10.19
CA ASN C 332 -17.89 -51.63 -10.02
C ASN C 332 -18.62 -51.25 -8.74
N HIS C 333 -18.41 -50.06 -8.26
CA HIS C 333 -19.07 -49.50 -7.11
C HIS C 333 -20.22 -48.61 -7.58
N PRO C 334 -21.43 -48.71 -7.04
CA PRO C 334 -22.53 -47.93 -7.57
C PRO C 334 -22.39 -46.44 -7.42
N ALA C 335 -21.94 -46.00 -6.25
CA ALA C 335 -21.90 -44.59 -5.91
C ALA C 335 -20.88 -43.78 -6.69
N ILE C 336 -20.10 -44.40 -7.49
CA ILE C 336 -18.95 -43.78 -8.12
C ILE C 336 -19.31 -43.36 -9.53
N ASP C 337 -18.69 -42.28 -9.98
CA ASP C 337 -18.90 -41.72 -11.31
C ASP C 337 -17.71 -42.08 -12.16
N GLN C 338 -17.92 -42.94 -13.14
CA GLN C 338 -16.83 -43.46 -13.93
C GLN C 338 -16.48 -42.58 -15.11
N ARG C 339 -17.41 -41.72 -15.54
CA ARG C 339 -17.11 -40.76 -16.57
C ARG C 339 -16.05 -39.77 -16.12
N GLN C 340 -16.03 -39.47 -14.83
CA GLN C 340 -15.02 -38.59 -14.26
C GLN C 340 -13.73 -39.37 -14.10
N THR C 341 -12.77 -38.80 -13.38
CA THR C 341 -11.50 -39.46 -13.24
C THR C 341 -11.60 -40.61 -12.27
N LEU C 342 -10.66 -41.53 -12.40
CA LEU C 342 -10.57 -42.68 -11.52
C LEU C 342 -9.15 -43.17 -11.60
N LEU C 343 -8.38 -42.89 -10.56
CA LEU C 343 -6.94 -43.12 -10.56
C LEU C 343 -6.57 -43.91 -9.33
N VAL C 344 -5.94 -45.04 -9.56
CA VAL C 344 -5.30 -45.81 -8.52
C VAL C 344 -3.95 -46.21 -9.08
N TYR C 345 -2.91 -45.65 -8.51
CA TYR C 345 -1.58 -45.80 -9.07
C TYR C 345 -0.57 -45.58 -7.97
N PHE C 346 0.43 -46.43 -7.92
CA PHE C 346 1.54 -46.22 -7.03
C PHE C 346 2.32 -45.01 -7.50
N ASN C 347 2.32 -43.97 -6.68
CA ASN C 347 2.78 -42.65 -7.09
C ASN C 347 4.00 -42.18 -6.33
N GLN C 348 4.26 -42.69 -5.14
CA GLN C 348 5.48 -42.30 -4.47
C GLN C 348 5.91 -43.33 -3.45
N PHE C 349 7.22 -43.38 -3.28
CA PHE C 349 7.81 -43.85 -2.06
C PHE C 349 7.50 -42.86 -0.94
N ALA C 350 7.89 -43.26 0.26
CA ALA C 350 7.78 -42.39 1.40
C ALA C 350 8.60 -42.96 2.52
N ASP C 351 8.99 -42.13 3.47
CA ASP C 351 9.62 -42.64 4.66
C ASP C 351 8.66 -43.61 5.32
N SER C 352 9.08 -44.86 5.44
CA SER C 352 8.36 -45.94 6.10
C SER C 352 7.26 -46.58 5.26
N SER C 353 6.99 -46.13 4.05
CA SER C 353 5.85 -46.68 3.35
C SER C 353 5.91 -46.45 1.86
N LEU C 354 5.13 -47.26 1.16
CA LEU C 354 4.84 -47.12 -0.25
C LEU C 354 3.42 -46.63 -0.36
N ASN C 355 3.21 -45.51 -1.03
CA ASN C 355 1.94 -44.80 -0.95
C ASN C 355 1.24 -44.94 -2.28
N ILE C 356 0.09 -45.59 -2.24
CA ILE C 356 -0.78 -45.71 -3.41
C ILE C 356 -1.82 -44.62 -3.29
N MET C 357 -1.98 -43.86 -4.35
CA MET C 357 -2.99 -42.84 -4.36
C MET C 357 -4.33 -43.46 -4.69
N VAL C 358 -5.37 -42.80 -4.23
CA VAL C 358 -6.71 -43.03 -4.72
C VAL C 358 -7.30 -41.65 -4.96
N TYR C 359 -8.02 -41.53 -6.05
CA TYR C 359 -8.56 -40.27 -6.53
C TYR C 359 -9.79 -40.63 -7.35
N CYS C 360 -10.95 -40.39 -6.76
CA CYS C 360 -12.22 -40.77 -7.36
C CYS C 360 -13.31 -39.74 -7.10
N PHE C 361 -14.40 -39.88 -7.83
CA PHE C 361 -15.52 -38.96 -7.70
C PHE C 361 -16.81 -39.71 -7.50
N THR C 362 -17.57 -39.28 -6.51
CA THR C 362 -18.93 -39.70 -6.31
C THR C 362 -19.87 -38.79 -7.06
N LYS C 363 -20.93 -39.39 -7.55
CA LYS C 363 -21.97 -38.70 -8.29
C LYS C 363 -23.00 -38.02 -7.40
N THR C 364 -22.80 -38.04 -6.09
CA THR C 364 -23.58 -37.21 -5.19
C THR C 364 -22.85 -35.92 -4.88
N THR C 365 -23.59 -35.01 -4.32
CA THR C 365 -23.06 -33.81 -3.72
C THR C 365 -23.46 -33.70 -2.26
N VAL C 366 -24.17 -34.67 -1.74
CA VAL C 366 -24.64 -34.65 -0.38
C VAL C 366 -23.49 -35.06 0.53
N TRP C 367 -23.44 -34.43 1.69
CA TRP C 367 -22.38 -34.68 2.65
C TRP C 367 -22.43 -36.11 3.14
N ALA C 368 -23.61 -36.53 3.58
CA ALA C 368 -23.74 -37.80 4.27
C ALA C 368 -23.54 -38.97 3.33
N GLU C 369 -24.12 -38.90 2.15
CA GLU C 369 -24.00 -40.02 1.22
C GLU C 369 -22.57 -40.15 0.73
N TRP C 370 -21.94 -39.02 0.47
CA TRP C 370 -20.52 -39.00 0.17
C TRP C 370 -19.73 -39.68 1.26
N LEU C 371 -20.04 -39.39 2.51
CA LEU C 371 -19.28 -39.97 3.61
C LEU C 371 -19.53 -41.46 3.73
N ALA C 372 -20.76 -41.88 3.49
CA ALA C 372 -21.08 -43.29 3.56
C ALA C 372 -20.35 -44.07 2.49
N ALA C 373 -20.29 -43.51 1.29
CA ALA C 373 -19.56 -44.15 0.22
C ALA C 373 -18.07 -44.18 0.51
N GLN C 374 -17.53 -43.08 1.01
CA GLN C 374 -16.17 -43.04 1.50
C GLN C 374 -15.90 -44.17 2.47
N GLN C 375 -16.82 -44.36 3.40
CA GLN C 375 -16.75 -45.44 4.38
C GLN C 375 -16.62 -46.78 3.70
N ASP C 376 -17.61 -47.13 2.88
CA ASP C 376 -17.65 -48.44 2.23
C ASP C 376 -16.40 -48.68 1.42
N VAL C 377 -15.95 -47.65 0.71
CA VAL C 377 -14.74 -47.74 -0.09
C VAL C 377 -13.55 -48.08 0.78
N TYR C 378 -13.44 -47.41 1.92
CA TYR C 378 -12.28 -47.61 2.77
C TYR C 378 -12.28 -49.00 3.38
N LEU C 379 -13.44 -49.47 3.79
CA LEU C 379 -13.51 -50.78 4.41
C LEU C 379 -13.20 -51.86 3.38
N LYS C 380 -13.67 -51.68 2.16
CA LYS C 380 -13.37 -52.65 1.13
C LYS C 380 -11.90 -52.65 0.79
N ILE C 381 -11.28 -51.47 0.80
CA ILE C 381 -9.84 -51.38 0.61
C ILE C 381 -9.11 -52.19 1.66
N ILE C 382 -9.53 -52.03 2.90
CA ILE C 382 -8.91 -52.77 4.00
C ILE C 382 -9.02 -54.26 3.76
N ASP C 383 -10.22 -54.73 3.44
CA ASP C 383 -10.43 -56.14 3.20
C ASP C 383 -9.56 -56.63 2.06
N ILE C 384 -9.44 -55.84 1.01
CA ILE C 384 -8.62 -56.19 -0.15
C ILE C 384 -7.17 -56.35 0.26
N VAL C 385 -6.64 -55.32 0.91
CA VAL C 385 -5.25 -55.32 1.36
C VAL C 385 -4.97 -56.54 2.20
N GLN C 386 -5.69 -56.68 3.29
CA GLN C 386 -5.43 -57.77 4.23
C GLN C 386 -5.70 -59.13 3.62
N SER C 387 -6.53 -59.20 2.59
CA SER C 387 -6.71 -60.46 1.88
C SER C 387 -5.45 -60.83 1.12
N HIS C 388 -4.92 -59.92 0.32
CA HIS C 388 -3.78 -60.19 -0.53
C HIS C 388 -2.50 -60.42 0.24
N GLY C 389 -2.50 -60.25 1.55
CA GLY C 389 -1.38 -60.60 2.39
C GLY C 389 -0.60 -59.42 2.91
N ALA C 390 -0.83 -58.25 2.37
CA ALA C 390 -0.13 -57.07 2.82
C ALA C 390 -0.74 -56.59 4.13
N ASP C 391 -0.31 -55.41 4.55
CA ASP C 391 -0.90 -54.74 5.68
C ASP C 391 -0.41 -53.31 5.66
N PHE C 392 -1.17 -52.45 6.31
CA PHE C 392 -0.83 -51.05 6.34
C PHE C 392 0.44 -50.84 7.14
N ALA C 393 0.99 -49.65 7.00
CA ALA C 393 2.28 -49.31 7.55
C ALA C 393 2.12 -48.23 8.60
N PHE C 394 2.71 -48.47 9.74
CA PHE C 394 2.90 -47.43 10.72
C PHE C 394 4.23 -46.79 10.37
N PRO C 395 4.59 -45.73 11.02
CA PRO C 395 5.96 -45.24 10.87
C PRO C 395 6.96 -46.27 11.34
N SER C 396 8.22 -46.06 11.01
CA SER C 396 9.19 -47.11 11.14
C SER C 396 10.56 -46.51 11.38
N GLN C 397 11.42 -47.32 11.98
CA GLN C 397 12.76 -46.88 12.34
C GLN C 397 13.66 -48.09 12.41
N THR C 398 14.96 -47.84 12.34
CA THR C 398 15.99 -48.86 12.52
C THR C 398 16.88 -48.36 13.64
N LEU C 399 16.93 -49.12 14.72
CA LEU C 399 17.63 -48.72 15.91
C LEU C 399 18.93 -49.49 16.02
N TYR C 400 20.03 -48.76 16.01
CA TYR C 400 21.36 -49.32 16.10
C TYR C 400 21.83 -49.11 17.53
N MET C 401 21.49 -50.06 18.39
CA MET C 401 21.80 -49.97 19.81
C MET C 401 23.31 -49.97 20.04
N ASP C 402 23.66 -49.62 21.27
CA ASP C 402 25.04 -49.60 21.73
C ASP C 402 25.10 -49.73 23.24
N UNK D 2 -27.17 59.04 11.69
CA UNK D 2 -27.93 58.77 12.91
C UNK D 2 -28.84 57.55 12.77
N UNK D 3 -28.97 57.02 11.55
CA UNK D 3 -29.68 55.76 11.36
C UNK D 3 -28.81 54.58 11.76
N UNK D 4 -27.54 54.59 11.36
CA UNK D 4 -26.63 53.49 11.66
C UNK D 4 -26.46 53.31 13.17
N UNK D 5 -26.11 54.40 13.87
CA UNK D 5 -25.88 54.31 15.31
C UNK D 5 -27.17 53.96 16.06
N UNK D 6 -28.30 54.49 15.61
CA UNK D 6 -29.57 54.19 16.27
C UNK D 6 -29.92 52.72 16.13
N UNK D 7 -29.91 52.21 14.90
CA UNK D 7 -30.17 50.80 14.67
C UNK D 7 -29.10 49.91 15.30
N UNK D 8 -27.90 50.43 15.55
CA UNK D 8 -26.85 49.65 16.19
C UNK D 8 -27.08 49.52 17.70
N UNK D 9 -27.35 50.63 18.37
CA UNK D 9 -27.74 50.58 19.78
C UNK D 9 -28.99 49.73 19.96
N UNK D 10 -29.92 49.80 19.02
CA UNK D 10 -31.12 48.97 19.09
C UNK D 10 -30.84 47.52 18.71
N UNK D 11 -29.82 47.27 17.88
CA UNK D 11 -29.48 45.91 17.46
C UNK D 11 -28.72 45.17 18.54
N UNK D 12 -27.97 45.87 19.40
CA UNK D 12 -27.45 45.23 20.60
C UNK D 12 -28.59 44.64 21.44
N UNK D 13 -29.60 45.45 21.72
CA UNK D 13 -30.78 44.97 22.44
C UNK D 13 -31.53 43.91 21.65
N UNK D 14 -31.54 44.02 20.32
CA UNK D 14 -32.23 43.02 19.50
C UNK D 14 -31.48 41.69 19.51
N UNK D 15 -30.15 41.72 19.60
CA UNK D 15 -29.40 40.48 19.75
C UNK D 15 -29.61 39.89 21.14
N UNK D 16 -29.80 40.73 22.15
CA UNK D 16 -30.22 40.19 23.45
C UNK D 16 -31.59 39.53 23.36
N UNK D 17 -32.52 40.20 22.67
CA UNK D 17 -33.85 39.63 22.45
C UNK D 17 -33.79 38.36 21.59
N UNK D 18 -32.76 38.23 20.76
CA UNK D 18 -32.57 37.03 19.95
C UNK D 18 -31.99 35.89 20.77
N UNK D 19 -30.98 36.18 21.60
CA UNK D 19 -30.50 35.21 22.57
C UNK D 19 -31.61 34.76 23.50
N UNK D 20 -32.61 35.61 23.72
CA UNK D 20 -33.80 35.21 24.46
C UNK D 20 -34.70 34.32 23.60
N UNK D 21 -35.16 34.83 22.46
CA UNK D 21 -36.13 34.16 21.61
C UNK D 21 -35.48 33.36 20.48
N UNK D 22 -34.55 33.97 19.75
CA UNK D 22 -33.94 33.33 18.59
C UNK D 22 -32.88 32.30 18.96
N UNK D 23 -32.45 32.26 20.22
CA UNK D 23 -31.52 31.20 20.63
C UNK D 23 -32.14 29.83 20.43
N UNK D 24 -33.45 29.71 20.60
CA UNK D 24 -34.15 28.49 20.19
C UNK D 24 -33.93 28.21 18.71
N UNK D 25 -33.94 29.26 17.89
CA UNK D 25 -33.68 29.13 16.46
C UNK D 25 -32.19 29.09 16.12
N UNK D 26 -31.31 29.48 17.04
CA UNK D 26 -29.89 29.62 16.79
C UNK D 26 -29.07 28.90 17.87
N UNK D 27 -29.45 27.65 18.18
CA UNK D 27 -28.70 26.79 19.09
C UNK D 27 -27.95 25.77 18.25
N UNK D 28 -26.61 25.80 18.33
CA UNK D 28 -25.74 24.92 17.57
C UNK D 28 -25.06 23.86 18.44
N UNK D 29 -24.43 24.28 19.53
CA UNK D 29 -23.63 23.40 20.38
C UNK D 29 -23.61 24.00 21.78
N UNK D 30 -22.92 23.31 22.69
CA UNK D 30 -22.83 23.78 24.07
C UNK D 30 -21.92 25.00 24.19
N UNK D 31 -20.65 24.84 23.79
CA UNK D 31 -19.76 25.99 23.71
C UNK D 31 -20.32 27.02 22.73
N UNK D 32 -20.96 26.55 21.66
CA UNK D 32 -21.64 27.47 20.75
C UNK D 32 -22.94 28.01 21.35
N UNK D 33 -23.57 27.31 22.28
CA UNK D 33 -24.67 27.94 23.02
C UNK D 33 -24.16 29.10 23.86
N UNK D 34 -22.96 28.94 24.43
CA UNK D 34 -22.35 30.03 25.18
C UNK D 34 -21.98 31.18 24.28
N UNK D 35 -21.38 30.89 23.13
CA UNK D 35 -20.89 31.90 22.20
C UNK D 35 -21.92 32.32 21.15
N UNK D 36 -23.17 31.87 21.25
CA UNK D 36 -24.16 32.22 20.25
C UNK D 36 -24.47 33.72 20.27
N UNK D 37 -24.79 34.25 21.43
CA UNK D 37 -25.05 35.68 21.55
C UNK D 37 -23.80 36.48 21.23
N UNK D 38 -22.65 35.99 21.68
CA UNK D 38 -21.39 36.70 21.41
C UNK D 38 -21.07 36.73 19.93
N UNK D 39 -21.34 35.63 19.22
CA UNK D 39 -21.06 35.56 17.79
C UNK D 39 -22.08 36.37 17.00
N UNK D 40 -23.34 36.35 17.43
CA UNK D 40 -24.33 37.23 16.82
C UNK D 40 -23.92 38.69 16.95
N UNK D 41 -23.47 39.09 18.15
CA UNK D 41 -22.97 40.44 18.35
C UNK D 41 -21.74 40.70 17.50
N UNK D 42 -20.87 39.69 17.36
CA UNK D 42 -19.66 39.84 16.58
C UNK D 42 -19.97 40.09 15.11
N UNK D 43 -20.84 39.28 14.53
CA UNK D 43 -21.20 39.45 13.14
C UNK D 43 -21.99 40.74 12.91
N UNK D 44 -22.83 41.11 13.88
CA UNK D 44 -23.54 42.38 13.78
C UNK D 44 -22.58 43.56 13.82
N UNK D 45 -21.56 43.49 14.67
CA UNK D 45 -20.56 44.55 14.72
C UNK D 45 -19.74 44.59 13.44
N UNK D 46 -19.42 43.43 12.88
CA UNK D 46 -18.73 43.39 11.59
C UNK D 46 -19.58 44.01 10.50
N UNK D 47 -20.88 43.74 10.51
CA UNK D 47 -21.79 44.32 9.54
C UNK D 47 -21.85 45.83 9.69
N UNK D 48 -21.92 46.31 10.94
CA UNK D 48 -21.95 47.74 11.20
C UNK D 48 -20.70 48.42 10.68
N UNK D 49 -19.54 47.86 11.02
CA UNK D 49 -18.27 48.41 10.52
C UNK D 49 -18.22 48.39 9.01
N UNK D 50 -18.69 47.31 8.38
CA UNK D 50 -18.60 47.19 6.94
C UNK D 50 -19.47 48.21 6.24
N UNK D 51 -20.73 48.34 6.66
CA UNK D 51 -21.64 49.27 6.00
C UNK D 51 -21.51 50.70 6.49
N UNK D 52 -20.66 50.96 7.50
CA UNK D 52 -20.27 52.31 7.85
C UNK D 52 -19.01 52.75 7.10
N UNK D 53 -18.09 51.82 6.86
CA UNK D 53 -16.78 52.17 6.33
C UNK D 53 -16.89 52.77 4.94
N UNK D 54 -17.42 52.00 3.98
CA UNK D 54 -17.49 52.47 2.60
C UNK D 54 -18.33 53.74 2.46
N UNK D 55 -19.34 53.90 3.32
CA UNK D 55 -20.21 55.07 3.21
C UNK D 55 -19.53 56.31 3.76
N UNK D 56 -19.17 56.30 5.05
CA UNK D 56 -18.60 57.51 5.64
C UNK D 56 -17.20 57.79 5.14
N UNK D 57 -16.52 56.80 4.57
CA UNK D 57 -15.26 57.08 3.87
C UNK D 57 -15.52 57.80 2.56
N UNK D 58 -16.65 57.52 1.92
CA UNK D 58 -16.94 58.11 0.62
C UNK D 58 -17.38 59.55 0.74
N UNK D 59 -18.19 59.87 1.75
CA UNK D 59 -18.76 61.22 1.87
C UNK D 59 -17.67 62.27 2.05
N UNK D 60 -16.89 62.17 3.13
CA UNK D 60 -15.79 63.11 3.33
C UNK D 60 -14.75 63.02 2.21
N UNK D 61 -14.64 61.87 1.55
CA UNK D 61 -13.74 61.74 0.42
C UNK D 61 -14.17 62.62 -0.75
N UNK D 62 -15.41 63.10 -0.77
CA UNK D 62 -15.83 64.04 -1.80
C UNK D 62 -15.02 65.33 -1.75
N UNK D 63 -14.52 65.70 -0.57
CA UNK D 63 -13.70 66.89 -0.38
C UNK D 63 -12.35 66.53 0.24
N UNK D 64 -11.78 65.40 -0.16
CA UNK D 64 -10.46 64.98 0.30
C UNK D 64 -9.76 64.30 -0.87
N UNK D 65 -8.55 63.79 -0.60
CA UNK D 65 -7.66 63.37 -1.68
C UNK D 65 -8.06 62.02 -2.25
N UNK D 66 -8.04 60.97 -1.44
CA UNK D 66 -8.30 59.62 -1.92
C UNK D 66 -8.78 58.75 -0.78
N UNK D 67 -9.64 57.78 -1.13
CA UNK D 67 -10.22 56.83 -0.19
C UNK D 67 -9.81 55.40 -0.51
N UNK D 68 -8.57 55.22 -0.98
CA UNK D 68 -8.12 53.89 -1.40
C UNK D 68 -7.80 53.00 -0.21
N ASP D 147 -9.21 52.36 2.68
CA ASP D 147 -10.32 52.09 3.60
C ASP D 147 -10.96 50.72 3.42
N PHE D 148 -10.93 50.14 2.22
CA PHE D 148 -11.29 48.73 2.11
C PHE D 148 -10.30 47.88 2.90
N ILE D 149 -9.02 48.20 2.83
CA ILE D 149 -8.01 47.49 3.61
C ILE D 149 -8.27 47.65 5.10
N CYS D 150 -8.72 48.82 5.53
CA CYS D 150 -8.95 49.02 6.96
C CYS D 150 -10.20 48.28 7.40
N THR D 151 -11.26 48.31 6.59
CA THR D 151 -12.44 47.51 6.86
C THR D 151 -12.08 46.04 7.00
N SER D 152 -11.27 45.54 6.07
CA SER D 152 -10.82 44.14 6.11
C SER D 152 -10.07 43.85 7.40
N LEU D 153 -9.05 44.67 7.69
CA LEU D 153 -8.20 44.47 8.85
C LEU D 153 -9.02 44.44 10.14
N ILE D 154 -9.82 45.49 10.36
CA ILE D 154 -10.63 45.59 11.56
C ILE D 154 -11.57 44.41 11.64
N ALA D 155 -12.25 44.11 10.53
CA ALA D 155 -13.32 43.13 10.53
C ALA D 155 -12.81 41.76 10.91
N VAL D 156 -11.59 41.42 10.49
CA VAL D 156 -11.06 40.11 10.87
C VAL D 156 -10.39 40.13 12.23
N ILE D 157 -9.67 41.19 12.60
CA ILE D 157 -8.96 41.13 13.89
C ILE D 157 -9.95 41.15 15.04
N LEU D 158 -11.11 41.79 14.87
CA LEU D 158 -12.10 41.78 15.94
C LEU D 158 -12.58 40.36 16.23
N THR D 159 -13.11 39.70 15.19
CA THR D 159 -13.58 38.33 15.34
C THR D 159 -12.46 37.40 15.77
N ILE D 160 -11.23 37.68 15.33
CA ILE D 160 -10.12 36.82 15.69
C ILE D 160 -9.71 37.03 17.14
N LYS D 161 -9.83 38.25 17.65
CA LYS D 161 -9.63 38.48 19.07
C LYS D 161 -10.64 37.70 19.88
N LEU D 162 -11.91 37.78 19.46
CA LEU D 162 -12.97 36.99 20.09
C LEU D 162 -12.60 35.51 20.14
N PHE D 163 -12.21 34.96 19.00
CA PHE D 163 -11.99 33.52 18.92
C PHE D 163 -10.71 33.10 19.62
N LEU D 164 -9.67 33.94 19.58
CA LEU D 164 -8.47 33.69 20.36
C LEU D 164 -8.78 33.64 21.85
N LEU D 165 -9.61 34.56 22.33
CA LEU D 165 -9.99 34.51 23.73
C LEU D 165 -10.84 33.28 24.03
N ILE D 166 -11.68 32.86 23.08
CA ILE D 166 -12.45 31.64 23.28
C ILE D 166 -11.52 30.44 23.37
N ASN D 167 -10.40 30.46 22.64
CA ASN D 167 -9.43 29.38 22.75
C ASN D 167 -8.67 29.44 24.07
N GLN D 168 -8.41 30.64 24.58
CA GLN D 168 -7.85 30.76 25.92
C GLN D 168 -8.80 30.17 26.97
N PHE D 169 -10.11 30.42 26.80
CA PHE D 169 -11.10 29.84 27.70
C PHE D 169 -11.14 28.32 27.55
N GLU D 170 -10.99 27.83 26.31
CA GLU D 170 -10.88 26.39 26.10
C GLU D 170 -9.69 25.84 26.87
N LYS D 171 -8.54 26.49 26.73
CA LYS D 171 -7.34 26.09 27.45
C LYS D 171 -7.62 26.01 28.95
N GLN D 172 -8.26 27.04 29.51
CA GLN D 172 -8.57 27.01 30.93
C GLN D 172 -9.48 25.85 31.29
N GLN D 173 -10.43 25.52 30.41
CA GLN D 173 -11.25 24.33 30.64
C GLN D 173 -10.40 23.06 30.60
N ILE D 174 -9.38 23.04 29.74
CA ILE D 174 -8.46 21.91 29.68
C ILE D 174 -7.53 21.88 30.90
N LYS D 175 -7.37 23.02 31.58
CA LYS D 175 -6.36 23.13 32.62
C LYS D 175 -6.75 22.40 33.90
N LYS D 176 -8.05 22.22 34.12
CA LYS D 176 -8.50 21.64 35.38
C LYS D 176 -7.94 20.24 35.58
N GLY D 177 -7.91 19.43 34.53
CA GLY D 177 -7.56 18.03 34.63
C GLY D 177 -6.31 17.63 33.89
N ARG D 178 -5.48 18.60 33.51
CA ARG D 178 -4.29 18.35 32.72
C ARG D 178 -3.18 19.30 33.21
N ASP D 179 -2.14 19.43 32.40
CA ASP D 179 -0.89 20.09 32.78
C ASP D 179 -0.75 21.43 32.08
N ILE D 180 0.28 22.18 32.49
CA ILE D 180 0.55 23.48 31.90
C ILE D 180 1.35 23.32 30.61
N THR D 181 2.28 22.37 30.59
CA THR D 181 3.14 22.17 29.43
C THR D 181 2.29 21.84 28.20
N SER D 182 1.55 20.75 28.31
CA SER D 182 0.70 20.27 27.22
C SER D 182 -0.40 21.26 26.84
N ALA D 183 -1.03 21.89 27.84
CA ALA D 183 -2.10 22.83 27.53
C ALA D 183 -1.54 24.05 26.81
N ARG D 184 -0.36 24.50 27.21
CA ARG D 184 0.30 25.59 26.50
C ARG D 184 0.61 25.19 25.06
N ILE D 185 1.17 24.00 24.86
CA ILE D 185 1.52 23.56 23.52
C ILE D 185 0.27 23.44 22.66
N MET D 186 -0.79 22.88 23.22
CA MET D 186 -2.05 22.73 22.52
C MET D 186 -2.67 24.09 22.20
N SER D 187 -2.46 25.06 23.09
CA SER D 187 -2.88 26.43 22.83
C SER D 187 -2.17 26.97 21.61
N ARG D 188 -0.84 26.87 21.60
CA ARG D 188 -0.06 27.28 20.43
C ARG D 188 -0.58 26.63 19.17
N ILE D 189 -0.89 25.34 19.23
CA ILE D 189 -1.30 24.59 18.06
C ILE D 189 -2.63 25.11 17.53
N ILE D 190 -3.63 25.22 18.41
CA ILE D 190 -4.95 25.65 17.96
C ILE D 190 -4.88 27.10 17.49
N LYS D 191 -4.05 27.93 18.12
CA LYS D 191 -3.92 29.31 17.73
C LYS D 191 -3.38 29.42 16.32
N ILE D 192 -2.27 28.72 16.04
CA ILE D 192 -1.72 28.69 14.70
C ILE D 192 -2.77 28.21 13.70
N THR D 193 -3.49 27.15 14.06
CA THR D 193 -4.46 26.57 13.14
C THR D 193 -5.55 27.56 12.79
N ILE D 194 -5.99 28.35 13.78
CA ILE D 194 -7.11 29.24 13.52
C ILE D 194 -6.65 30.50 12.80
N ILE D 195 -5.43 30.99 13.07
CA ILE D 195 -4.99 32.19 12.38
C ILE D 195 -4.68 31.89 10.92
N VAL D 196 -4.06 30.76 10.66
CA VAL D 196 -3.62 30.43 9.31
C VAL D 196 -4.78 30.36 8.33
N VAL D 197 -5.89 29.81 8.79
CA VAL D 197 -7.08 29.67 7.95
C VAL D 197 -7.67 31.00 7.51
N LEU D 198 -7.73 31.97 8.41
CA LEU D 198 -8.30 33.26 8.07
C LEU D 198 -7.31 34.14 7.34
N VAL D 199 -6.02 33.89 7.55
CA VAL D 199 -4.99 34.56 6.78
C VAL D 199 -5.09 34.08 5.33
N LEU D 200 -5.34 32.79 5.15
CA LEU D 200 -5.45 32.18 3.83
C LEU D 200 -6.67 32.70 3.12
N LEU D 201 -7.80 32.75 3.80
CA LEU D 201 -9.02 33.30 3.21
C LEU D 201 -9.02 34.81 2.91
N TYR D 202 -8.51 35.62 3.84
CA TYR D 202 -8.53 37.06 3.68
C TYR D 202 -7.18 37.63 3.30
N GLY D 203 -6.19 36.78 3.01
CA GLY D 203 -4.94 37.27 2.46
C GLY D 203 -5.11 37.97 1.13
N GLU D 204 -6.09 37.53 0.33
CA GLU D 204 -6.44 38.22 -0.89
C GLU D 204 -7.46 39.33 -0.67
N HIS D 205 -8.20 39.28 0.44
CA HIS D 205 -8.93 40.45 0.90
C HIS D 205 -7.96 41.58 1.21
N PHE D 206 -6.75 41.23 1.66
CA PHE D 206 -5.64 42.18 1.67
C PHE D 206 -5.06 42.31 0.27
N GLY D 207 -5.00 41.21 -0.47
CA GLY D 207 -4.63 41.21 -1.87
C GLY D 207 -3.18 40.82 -2.04
N MET D 208 -2.71 39.93 -1.19
CA MET D 208 -1.29 39.62 -1.07
C MET D 208 -1.04 38.22 -1.61
N SER D 209 -0.65 38.16 -2.89
CA SER D 209 -0.16 36.94 -3.57
C SER D 209 -1.13 35.77 -3.36
N LEU D 210 -2.29 35.92 -4.00
CA LEU D 210 -3.37 34.95 -3.91
C LEU D 210 -2.89 33.52 -4.13
N SER D 211 -2.25 33.27 -5.26
CA SER D 211 -2.00 31.88 -5.64
C SER D 211 -0.85 31.27 -4.86
N GLY D 212 0.07 32.07 -4.34
CA GLY D 212 1.02 31.55 -3.38
C GLY D 212 0.33 31.04 -2.12
N LEU D 213 -0.64 31.79 -1.65
CA LEU D 213 -1.43 31.40 -0.49
C LEU D 213 -2.18 30.12 -0.84
N LEU D 214 -2.70 30.06 -2.07
CA LEU D 214 -3.41 28.89 -2.55
C LEU D 214 -2.54 27.65 -2.48
N THR D 215 -1.31 27.75 -2.97
CA THR D 215 -0.37 26.63 -2.89
C THR D 215 -0.11 26.24 -1.45
N PHE D 216 0.16 27.23 -0.61
CA PHE D 216 0.41 26.99 0.81
C PHE D 216 -0.68 26.16 1.44
N GLY D 217 -1.91 26.63 1.31
CA GLY D 217 -3.06 25.94 1.86
C GLY D 217 -3.23 24.56 1.24
N GLY D 218 -2.96 24.45 -0.06
CA GLY D 218 -3.17 23.20 -0.76
C GLY D 218 -2.28 22.10 -0.25
N ILE D 219 -0.98 22.40 -0.15
CA ILE D 219 -0.04 21.38 0.29
C ILE D 219 -0.23 21.08 1.78
N GLY D 220 -0.51 22.10 2.58
CA GLY D 220 -0.77 21.87 3.98
C GLY D 220 -1.94 20.91 4.19
N GLY D 221 -3.10 21.26 3.63
CA GLY D 221 -4.25 20.38 3.77
C GLY D 221 -4.05 19.03 3.12
N LEU D 222 -3.22 18.97 2.07
CA LEU D 222 -2.92 17.71 1.40
C LEU D 222 -2.17 16.71 2.31
N ALA D 223 -1.12 17.17 2.99
CA ALA D 223 -0.42 16.35 3.96
C ALA D 223 -1.33 16.03 5.14
N VAL D 224 -2.11 17.02 5.58
CA VAL D 224 -3.03 16.80 6.69
C VAL D 224 -4.01 15.69 6.37
N GLY D 225 -4.50 15.64 5.14
CA GLY D 225 -5.44 14.60 4.78
C GLY D 225 -4.79 13.24 4.70
N MET D 226 -3.60 13.19 4.09
CA MET D 226 -2.87 11.93 3.99
C MET D 226 -2.56 11.36 5.35
N ALA D 227 -2.38 12.22 6.35
CA ALA D 227 -2.18 11.76 7.71
C ALA D 227 -3.48 11.33 8.36
N GLY D 228 -4.43 12.25 8.49
CA GLY D 228 -5.67 11.99 9.20
C GLY D 228 -6.62 11.02 8.54
N LYS D 229 -6.24 10.45 7.40
CA LYS D 229 -6.89 9.26 6.87
C LYS D 229 -7.16 8.24 7.97
N ASP D 230 -6.11 7.90 8.70
CA ASP D 230 -6.16 6.86 9.72
C ASP D 230 -7.26 7.09 10.73
N ILE D 231 -7.54 8.36 11.04
CA ILE D 231 -8.49 8.71 12.09
C ILE D 231 -9.89 8.86 11.54
N LEU D 232 -10.01 9.54 10.41
CA LEU D 232 -11.32 9.73 9.83
C LEU D 232 -11.93 8.42 9.40
N SER D 233 -11.10 7.45 9.02
CA SER D 233 -11.61 6.12 8.76
C SER D 233 -12.27 5.55 9.99
N ASN D 234 -11.63 5.73 11.15
CA ASN D 234 -12.22 5.27 12.40
C ASN D 234 -13.54 5.95 12.65
N PHE D 235 -13.61 7.24 12.41
CA PHE D 235 -14.82 7.99 12.73
C PHE D 235 -15.97 7.60 11.82
N PHE D 236 -15.71 7.53 10.52
CA PHE D 236 -16.75 7.15 9.58
C PHE D 236 -17.21 5.73 9.83
N SER D 237 -16.31 4.83 10.18
CA SER D 237 -16.75 3.49 10.48
C SER D 237 -17.55 3.47 11.77
N GLY D 238 -17.24 4.36 12.71
CA GLY D 238 -18.08 4.50 13.88
C GLY D 238 -19.49 4.89 13.51
N ILE D 239 -19.62 5.75 12.50
CA ILE D 239 -20.93 6.12 12.03
C ILE D 239 -21.65 4.93 11.40
N MET D 240 -20.95 4.18 10.57
CA MET D 240 -21.59 3.01 9.96
C MET D 240 -22.06 2.04 11.01
N LEU D 241 -21.28 1.86 12.06
CA LEU D 241 -21.73 1.03 13.17
C LEU D 241 -22.92 1.64 13.87
N TYR D 242 -22.98 2.96 13.94
CA TYR D 242 -24.12 3.62 14.55
C TYR D 242 -25.39 3.28 13.80
N PHE D 243 -25.30 3.18 12.47
CA PHE D 243 -26.48 2.85 11.68
C PHE D 243 -26.57 1.35 11.42
N ASP D 244 -25.56 0.79 10.77
CA ASP D 244 -25.51 -0.65 10.55
C ASP D 244 -25.08 -1.33 11.84
N ARG D 245 -25.90 -2.26 12.31
CA ARG D 245 -25.62 -2.92 13.58
C ARG D 245 -25.21 -4.36 13.32
N PRO D 246 -23.96 -4.60 12.93
CA PRO D 246 -23.50 -5.98 12.82
C PRO D 246 -23.51 -6.68 14.15
N PHE D 247 -23.14 -5.95 15.18
CA PHE D 247 -23.20 -6.43 16.54
C PHE D 247 -23.83 -5.35 17.41
N SER D 248 -23.94 -5.68 18.69
CA SER D 248 -24.44 -4.78 19.70
C SER D 248 -23.71 -5.10 20.98
N ILE D 249 -24.24 -4.66 22.08
CA ILE D 249 -23.55 -4.79 23.36
C ILE D 249 -23.91 -6.13 23.98
N GLY D 250 -22.94 -6.72 24.65
CA GLY D 250 -23.08 -8.06 25.19
C GLY D 250 -22.82 -9.15 24.20
N ASP D 251 -22.56 -8.81 22.95
CA ASP D 251 -22.44 -9.81 21.89
C ASP D 251 -20.98 -10.22 21.80
N TRP D 252 -20.71 -11.45 22.21
CA TRP D 252 -19.42 -12.08 21.97
C TRP D 252 -19.09 -11.97 20.49
N ILE D 253 -17.87 -11.58 20.23
CA ILE D 253 -17.36 -11.30 18.90
C ILE D 253 -16.08 -12.10 18.71
N ARG D 254 -15.78 -12.39 17.46
CA ARG D 254 -14.42 -12.69 17.09
C ARG D 254 -14.26 -12.40 15.61
N SER D 255 -13.02 -12.46 15.16
CA SER D 255 -12.72 -12.46 13.76
C SER D 255 -11.67 -13.51 13.47
N PRO D 256 -11.79 -14.25 12.37
CA PRO D 256 -10.72 -15.16 12.00
C PRO D 256 -9.44 -14.45 11.65
N ASP D 257 -9.55 -13.22 11.19
CA ASP D 257 -8.42 -12.48 10.65
C ASP D 257 -7.62 -11.74 11.71
N ARG D 258 -8.15 -11.61 12.93
CA ARG D 258 -7.51 -10.82 13.95
C ARG D 258 -7.98 -11.25 15.32
N ASN D 259 -7.19 -10.93 16.33
CA ASN D 259 -7.57 -11.20 17.70
C ASN D 259 -8.37 -10.01 18.21
N ILE D 260 -9.66 -10.23 18.37
CA ILE D 260 -10.59 -9.23 18.87
C ILE D 260 -11.43 -9.85 19.98
N GLU D 261 -11.27 -11.16 20.20
CA GLU D 261 -12.30 -11.98 20.78
C GLU D 261 -12.66 -11.54 22.19
N GLY D 262 -13.85 -10.99 22.33
CA GLY D 262 -14.35 -10.61 23.61
C GLY D 262 -15.76 -10.10 23.50
N THR D 263 -16.38 -9.92 24.64
CA THR D 263 -17.70 -9.33 24.70
C THR D 263 -17.59 -7.83 24.57
N VAL D 264 -18.40 -7.27 23.68
CA VAL D 264 -18.47 -5.83 23.59
C VAL D 264 -19.00 -5.28 24.90
N ALA D 265 -18.44 -4.16 25.31
CA ALA D 265 -18.89 -3.42 26.47
C ALA D 265 -19.30 -2.01 26.14
N GLU D 266 -18.74 -1.43 25.10
CA GLU D 266 -19.09 -0.07 24.74
C GLU D 266 -18.70 0.19 23.31
N ILE D 267 -19.54 0.94 22.63
CA ILE D 267 -19.24 1.46 21.32
C ILE D 267 -18.83 2.90 21.49
N GLY D 268 -18.05 3.39 20.53
CA GLY D 268 -17.65 4.77 20.51
C GLY D 268 -17.68 5.29 19.11
N TRP D 269 -17.19 6.51 18.92
CA TRP D 269 -17.15 7.12 17.62
C TRP D 269 -15.85 6.79 16.90
N ARG D 270 -14.78 6.71 17.67
CA ARG D 270 -13.50 6.27 17.17
C ARG D 270 -13.29 4.79 17.41
N ILE D 271 -13.57 4.32 18.62
CA ILE D 271 -13.15 3.02 19.08
C ILE D 271 -14.32 2.29 19.73
N THR D 272 -14.03 1.06 20.12
CA THR D 272 -14.91 0.21 20.91
C THR D 272 -14.12 -0.32 22.08
N LYS D 273 -14.83 -0.50 23.18
CA LYS D 273 -14.24 -1.09 24.36
C LYS D 273 -14.84 -2.48 24.55
N ILE D 274 -14.03 -3.47 24.24
CA ILE D 274 -14.34 -4.87 24.40
C ILE D 274 -13.74 -5.33 25.72
N THR D 275 -14.38 -6.31 26.35
CA THR D 275 -13.77 -7.07 27.42
C THR D 275 -13.43 -8.45 26.89
N THR D 276 -12.17 -8.82 26.98
CA THR D 276 -11.79 -10.17 26.63
C THR D 276 -12.34 -11.13 27.66
N PHE D 277 -12.04 -12.39 27.46
CA PHE D 277 -12.33 -13.42 28.42
C PHE D 277 -11.24 -13.56 29.47
N ASP D 278 -10.23 -12.71 29.42
CA ASP D 278 -9.33 -12.49 30.54
C ASP D 278 -9.86 -11.43 31.49
N ASN D 279 -11.07 -10.92 31.26
CA ASN D 279 -11.58 -9.74 31.94
C ASN D 279 -10.68 -8.52 31.73
N ARG D 280 -9.97 -8.49 30.62
CA ARG D 280 -9.14 -7.38 30.24
C ARG D 280 -9.85 -6.51 29.23
N PRO D 281 -9.72 -5.19 29.28
CA PRO D 281 -10.26 -4.37 28.21
C PRO D 281 -9.37 -4.32 27.00
N LEU D 282 -10.01 -4.10 25.87
CA LEU D 282 -9.37 -4.02 24.57
C LEU D 282 -10.00 -2.86 23.82
N TYR D 283 -9.20 -1.88 23.48
CA TYR D 283 -9.65 -0.69 22.80
C TYR D 283 -9.35 -0.86 21.32
N VAL D 284 -10.39 -1.04 20.53
CA VAL D 284 -10.26 -1.40 19.12
C VAL D 284 -10.67 -0.21 18.28
N PRO D 285 -9.94 0.14 17.22
CA PRO D 285 -10.42 1.17 16.32
C PRO D 285 -11.42 0.66 15.31
N ASN D 286 -12.36 1.52 14.97
CA ASN D 286 -13.52 1.14 14.18
C ASN D 286 -13.23 1.04 12.70
N SER D 287 -12.11 1.57 12.23
CA SER D 287 -11.75 1.39 10.82
C SER D 287 -11.60 -0.08 10.49
N LEU D 288 -11.21 -0.87 11.47
CA LEU D 288 -10.94 -2.28 11.29
C LEU D 288 -12.19 -3.04 10.89
N PHE D 289 -13.35 -2.64 11.40
CA PHE D 289 -14.58 -3.36 11.12
C PHE D 289 -15.07 -3.17 9.70
N SER D 290 -14.54 -2.21 8.97
CA SER D 290 -14.90 -1.98 7.58
C SER D 290 -13.96 -2.68 6.62
N SER D 291 -12.93 -3.35 7.12
CA SER D 291 -11.95 -4.03 6.30
C SER D 291 -11.93 -5.53 6.57
N ILE D 292 -12.73 -5.99 7.53
CA ILE D 292 -12.48 -7.27 8.17
C ILE D 292 -13.80 -7.98 8.40
N SER D 293 -13.74 -9.30 8.33
CA SER D 293 -14.90 -10.12 8.58
C SER D 293 -15.09 -10.30 10.06
N VAL D 294 -16.34 -10.26 10.49
CA VAL D 294 -16.69 -10.25 11.90
C VAL D 294 -17.68 -11.38 12.11
N GLU D 295 -17.48 -12.10 13.21
CA GLU D 295 -18.29 -13.24 13.58
C GLU D 295 -18.90 -12.96 14.93
N ASN D 296 -20.21 -13.08 15.03
CA ASN D 296 -20.94 -12.77 16.24
C ASN D 296 -21.56 -14.04 16.79
N PRO D 297 -20.76 -14.89 17.42
CA PRO D 297 -21.30 -16.13 17.99
C PRO D 297 -22.33 -15.90 19.07
N GLY D 298 -22.38 -14.71 19.65
CA GLY D 298 -23.39 -14.42 20.63
C GLY D 298 -24.79 -14.44 20.07
N ARG D 299 -24.92 -14.30 18.77
CA ARG D 299 -26.21 -14.40 18.10
C ARG D 299 -26.56 -15.82 17.72
N MET D 300 -25.64 -16.76 17.87
CA MET D 300 -25.84 -18.06 17.27
C MET D 300 -26.98 -18.81 17.95
N THR D 301 -27.23 -19.99 17.41
CA THR D 301 -28.40 -20.80 17.71
C THR D 301 -28.05 -22.05 18.47
N ASN D 302 -27.02 -22.74 18.00
CA ASN D 302 -26.66 -24.06 18.45
C ASN D 302 -25.15 -24.13 18.50
N ARG D 303 -24.64 -25.08 19.25
CA ARG D 303 -23.21 -25.20 19.46
C ARG D 303 -22.73 -26.53 18.98
N ARG D 304 -21.53 -26.55 18.45
CA ARG D 304 -21.06 -27.70 17.71
C ARG D 304 -20.22 -28.59 18.59
N ILE D 305 -20.26 -29.88 18.25
CA ILE D 305 -19.43 -30.90 18.84
C ILE D 305 -18.69 -31.57 17.70
N THR D 306 -17.39 -31.72 17.86
CA THR D 306 -16.53 -32.29 16.84
C THR D 306 -15.47 -33.13 17.50
N THR D 307 -15.29 -34.35 17.02
CA THR D 307 -14.19 -35.17 17.50
C THR D 307 -13.68 -36.08 16.40
N THR D 308 -12.55 -36.70 16.70
CA THR D 308 -12.01 -37.80 15.91
C THR D 308 -11.69 -38.93 16.87
N ILE D 309 -12.45 -40.00 16.75
CA ILE D 309 -12.22 -41.23 17.50
C ILE D 309 -11.11 -41.97 16.78
N GLY D 310 -9.94 -42.01 17.39
CA GLY D 310 -8.81 -42.69 16.80
C GLY D 310 -8.68 -44.11 17.25
N LEU D 311 -9.22 -45.01 16.45
CA LEU D 311 -9.08 -46.43 16.69
C LEU D 311 -7.82 -46.97 16.04
N ARG D 312 -7.65 -48.26 16.15
CA ARG D 312 -6.50 -48.97 15.62
C ARG D 312 -6.89 -49.73 14.37
N TYR D 313 -5.87 -50.06 13.58
CA TYR D 313 -6.11 -50.84 12.37
C TYR D 313 -6.55 -52.25 12.70
N GLU D 314 -6.28 -52.72 13.91
CA GLU D 314 -6.77 -54.02 14.34
C GLU D 314 -8.28 -54.03 14.44
N ASP D 315 -8.87 -52.88 14.75
CA ASP D 315 -10.28 -52.77 15.06
C ASP D 315 -11.10 -52.39 13.84
N ALA D 316 -10.60 -52.69 12.65
CA ALA D 316 -11.28 -52.29 11.43
C ALA D 316 -12.58 -53.04 11.24
N ALA D 317 -12.63 -54.28 11.66
CA ALA D 317 -13.83 -55.08 11.49
C ALA D 317 -14.99 -54.55 12.31
N LYS D 318 -14.70 -53.77 13.35
CA LYS D 318 -15.69 -53.33 14.30
C LYS D 318 -16.18 -51.91 14.03
N VAL D 319 -15.82 -51.35 12.88
CA VAL D 319 -16.02 -49.92 12.70
C VAL D 319 -17.47 -49.62 12.35
N GLY D 320 -18.06 -50.43 11.48
CA GLY D 320 -19.43 -50.18 11.08
C GLY D 320 -20.38 -50.20 12.25
N VAL D 321 -20.19 -51.15 13.16
CA VAL D 321 -21.13 -51.31 14.24
C VAL D 321 -20.88 -50.30 15.34
N ILE D 322 -19.61 -49.97 15.59
CA ILE D 322 -19.30 -48.87 16.51
C ILE D 322 -19.96 -47.60 16.03
N VAL D 323 -19.76 -47.29 14.76
CA VAL D 323 -20.32 -46.10 14.15
C VAL D 323 -21.83 -46.07 14.31
N GLU D 324 -22.47 -47.20 14.01
CA GLU D 324 -23.92 -47.24 14.08
C GLU D 324 -24.40 -47.07 15.51
N ALA D 325 -23.66 -47.62 16.47
CA ALA D 325 -24.02 -47.47 17.87
C ALA D 325 -23.90 -46.05 18.32
N VAL D 326 -22.79 -45.41 17.98
CA VAL D 326 -22.57 -44.01 18.34
C VAL D 326 -23.68 -43.14 17.77
N ARG D 327 -23.98 -43.34 16.50
CA ARG D 327 -25.05 -42.62 15.85
C ARG D 327 -26.36 -42.80 16.60
N GLU D 328 -26.68 -44.04 16.95
CA GLU D 328 -27.93 -44.32 17.64
C GLU D 328 -27.95 -43.68 19.02
N MET D 329 -26.79 -43.51 19.62
CA MET D 329 -26.73 -42.84 20.91
C MET D 329 -27.04 -41.35 20.76
N LEU D 330 -26.28 -40.67 19.90
CA LEU D 330 -26.49 -39.25 19.69
C LEU D 330 -27.91 -38.95 19.30
N LYS D 331 -28.47 -39.80 18.45
CA LYS D 331 -29.83 -39.64 17.99
C LYS D 331 -30.85 -39.84 19.10
N ASN D 332 -30.44 -40.44 20.21
CA ASN D 332 -31.30 -40.62 21.39
C ASN D 332 -30.75 -39.92 22.61
N HIS D 333 -29.97 -38.89 22.41
CA HIS D 333 -29.43 -38.06 23.46
C HIS D 333 -30.30 -36.80 23.60
N PRO D 334 -30.71 -36.40 24.80
CA PRO D 334 -31.62 -35.26 24.90
C PRO D 334 -31.05 -33.93 24.43
N ALA D 335 -29.80 -33.66 24.80
CA ALA D 335 -29.19 -32.37 24.56
C ALA D 335 -28.91 -32.08 23.10
N ILE D 336 -29.13 -33.00 22.24
CA ILE D 336 -28.69 -32.92 20.85
C ILE D 336 -29.85 -32.47 19.98
N ASP D 337 -29.52 -31.74 18.93
CA ASP D 337 -30.48 -31.21 17.97
C ASP D 337 -30.41 -32.06 16.72
N GLN D 338 -31.47 -32.82 16.46
CA GLN D 338 -31.47 -33.77 15.37
C GLN D 338 -31.89 -33.16 14.06
N ARG D 339 -32.58 -32.02 14.09
CA ARG D 339 -32.90 -31.31 12.86
C ARG D 339 -31.65 -30.81 12.18
N GLN D 340 -30.63 -30.48 12.95
CA GLN D 340 -29.36 -30.05 12.40
C GLN D 340 -28.60 -31.27 11.92
N THR D 341 -27.32 -31.10 11.61
CA THR D 341 -26.55 -32.20 11.09
C THR D 341 -26.20 -33.17 12.19
N LEU D 342 -25.90 -34.39 11.79
CA LEU D 342 -25.49 -35.43 12.71
C LEU D 342 -24.74 -36.45 11.88
N LEU D 343 -23.42 -36.45 12.01
CA LEU D 343 -22.56 -37.23 11.15
C LEU D 343 -21.62 -38.04 12.00
N VAL D 344 -21.66 -39.35 11.79
CA VAL D 344 -20.68 -40.26 12.35
C VAL D 344 -20.30 -41.18 11.21
N TYR D 345 -19.07 -41.06 10.74
CA TYR D 345 -18.67 -41.76 9.54
C TYR D 345 -17.16 -41.90 9.56
N PHE D 346 -16.69 -43.08 9.23
CA PHE D 346 -15.27 -43.28 9.06
C PHE D 346 -14.82 -42.52 7.83
N ASN D 347 -13.98 -41.52 8.05
CA ASN D 347 -13.65 -40.52 7.05
C ASN D 347 -12.20 -40.53 6.63
N GLN D 348 -11.30 -41.04 7.44
CA GLN D 348 -9.92 -41.13 6.98
C GLN D 348 -9.16 -42.20 7.74
N PHE D 349 -8.20 -42.76 7.02
CA PHE D 349 -7.05 -43.37 7.62
C PHE D 349 -6.21 -42.29 8.27
N ALA D 350 -5.18 -42.75 8.97
CA ALA D 350 -4.22 -41.85 9.55
C ALA D 350 -3.00 -42.65 9.97
N ASP D 351 -1.86 -41.99 10.10
CA ASP D 351 -0.72 -42.66 10.67
C ASP D 351 -1.10 -43.12 12.06
N SER D 352 -1.05 -44.42 12.27
CA SER D 352 -1.29 -45.09 13.54
C SER D 352 -2.76 -45.28 13.89
N SER D 353 -3.71 -44.82 13.08
CA SER D 353 -5.08 -44.91 13.53
C SER D 353 -6.07 -44.80 12.38
N LEU D 354 -7.27 -45.26 12.68
CA LEU D 354 -8.46 -45.09 11.85
C LEU D 354 -9.33 -44.07 12.54
N ASN D 355 -9.68 -43.00 11.85
CA ASN D 355 -10.27 -41.84 12.51
C ASN D 355 -11.72 -41.76 12.10
N ILE D 356 -12.60 -41.89 13.07
CA ILE D 356 -14.01 -41.71 12.88
C ILE D 356 -14.35 -40.29 13.29
N MET D 357 -15.04 -39.59 12.41
CA MET D 357 -15.45 -38.25 12.75
C MET D 357 -16.70 -38.30 13.59
N VAL D 358 -16.87 -37.25 14.37
CA VAL D 358 -18.16 -36.94 14.98
C VAL D 358 -18.37 -35.47 14.76
N TYR D 359 -19.61 -35.12 14.43
CA TYR D 359 -20.00 -33.77 14.05
C TYR D 359 -21.46 -33.66 14.41
N CYS D 360 -21.73 -32.94 15.49
CA CYS D 360 -23.08 -32.82 16.01
C CYS D 360 -23.34 -31.43 16.58
N PHE D 361 -24.61 -31.15 16.84
CA PHE D 361 -25.01 -29.85 17.35
C PHE D 361 -25.89 -30.02 18.57
N THR D 362 -25.55 -29.27 19.61
CA THR D 362 -26.38 -29.11 20.77
C THR D 362 -27.31 -27.94 20.58
N LYS D 363 -28.51 -28.08 21.12
CA LYS D 363 -29.54 -27.07 21.06
C LYS D 363 -29.39 -26.01 22.13
N THR D 364 -28.33 -26.03 22.90
CA THR D 364 -27.98 -24.92 23.76
C THR D 364 -26.96 -24.01 23.09
N THR D 365 -26.82 -22.84 23.66
CA THR D 365 -25.75 -21.93 23.35
C THR D 365 -24.92 -21.60 24.57
N VAL D 366 -25.25 -22.19 25.70
CA VAL D 366 -24.55 -21.91 26.94
C VAL D 366 -23.26 -22.69 26.95
N TRP D 367 -22.23 -22.08 27.52
CA TRP D 367 -20.91 -22.68 27.56
C TRP D 367 -20.92 -23.95 28.40
N ALA D 368 -21.48 -23.84 29.59
CA ALA D 368 -21.37 -24.91 30.56
C ALA D 368 -22.21 -26.12 30.17
N GLU D 369 -23.42 -25.88 29.70
CA GLU D 369 -24.28 -27.00 29.36
C GLU D 369 -23.75 -27.71 28.13
N TRP D 370 -23.25 -26.94 27.18
CA TRP D 370 -22.55 -27.50 26.04
C TRP D 370 -21.42 -28.39 26.49
N LEU D 371 -20.63 -27.94 27.47
CA LEU D 371 -19.49 -28.72 27.90
C LEU D 371 -19.93 -29.97 28.62
N ALA D 372 -21.00 -29.88 29.40
CA ALA D 372 -21.50 -31.04 30.11
C ALA D 372 -21.99 -32.10 29.16
N ALA D 373 -22.68 -31.67 28.11
CA ALA D 373 -23.14 -32.60 27.09
C ALA D 373 -21.97 -33.21 26.34
N GLN D 374 -21.00 -32.39 25.98
CA GLN D 374 -19.75 -32.87 25.41
C GLN D 374 -19.15 -33.97 26.27
N GLN D 375 -19.12 -33.73 27.57
CA GLN D 375 -18.62 -34.70 28.54
C GLN D 375 -19.36 -36.01 28.43
N ASP D 376 -20.68 -35.97 28.61
CA ASP D 376 -21.49 -37.18 28.62
C ASP D 376 -21.32 -37.95 27.33
N VAL D 377 -21.30 -37.22 26.21
CA VAL D 377 -21.13 -37.82 24.91
C VAL D 377 -19.80 -38.57 24.85
N TYR D 378 -18.75 -37.94 25.34
CA TYR D 378 -17.43 -38.55 25.23
C TYR D 378 -17.32 -39.78 26.09
N LEU D 379 -17.89 -39.72 27.28
CA LEU D 379 -17.81 -40.88 28.17
C LEU D 379 -18.61 -42.04 27.61
N LYS D 380 -19.76 -41.75 27.02
CA LYS D 380 -20.55 -42.80 26.43
C LYS D 380 -19.84 -43.41 25.24
N ILE D 381 -19.15 -42.58 24.46
CA ILE D 381 -18.33 -43.08 23.37
C ILE D 381 -17.30 -44.06 23.87
N ILE D 382 -16.63 -43.68 24.95
CA ILE D 382 -15.62 -44.55 25.54
C ILE D 382 -16.22 -45.89 25.92
N ASP D 383 -17.33 -45.85 26.64
CA ASP D 383 -17.99 -47.08 27.07
C ASP D 383 -18.37 -47.93 25.87
N ILE D 384 -18.86 -47.30 24.82
CA ILE D 384 -19.26 -48.01 23.61
C ILE D 384 -18.07 -48.70 22.98
N VAL D 385 -17.00 -47.95 22.76
CA VAL D 385 -15.79 -48.48 22.16
C VAL D 385 -15.30 -49.67 22.95
N GLN D 386 -15.00 -49.45 24.22
CA GLN D 386 -14.41 -50.51 25.04
C GLN D 386 -15.36 -51.68 25.24
N SER D 387 -16.65 -51.47 25.08
CA SER D 387 -17.59 -52.58 25.12
C SER D 387 -17.42 -53.46 23.90
N HIS D 388 -17.44 -52.87 22.72
CA HIS D 388 -17.38 -53.61 21.47
C HIS D 388 -16.05 -54.31 21.24
N GLY D 389 -15.06 -54.09 22.09
CA GLY D 389 -13.82 -54.82 22.04
C GLY D 389 -12.65 -54.02 21.52
N ALA D 390 -12.91 -52.88 20.92
CA ALA D 390 -11.85 -52.05 20.40
C ALA D 390 -11.17 -51.31 21.53
N ASP D 391 -10.30 -50.38 21.17
CA ASP D 391 -9.70 -49.48 22.12
C ASP D 391 -9.06 -48.36 21.32
N PHE D 392 -8.87 -47.24 21.99
CA PHE D 392 -8.29 -46.09 21.33
C PHE D 392 -6.84 -46.37 20.99
N ALA D 393 -6.30 -45.50 20.15
CA ALA D 393 -4.98 -45.68 19.59
C ALA D 393 -4.07 -44.58 20.06
N PHE D 394 -2.91 -44.98 20.54
CA PHE D 394 -1.83 -44.05 20.75
C PHE D 394 -1.08 -44.01 19.44
N PRO D 395 -0.11 -43.15 19.31
CA PRO D 395 0.78 -43.25 18.17
C PRO D 395 1.52 -44.57 18.16
N SER D 396 2.15 -44.90 17.05
CA SER D 396 2.61 -46.26 16.84
C SER D 396 3.81 -46.23 15.93
N GLN D 397 4.61 -47.28 16.04
CA GLN D 397 5.84 -47.40 15.27
C GLN D 397 6.17 -48.87 15.13
N THR D 398 7.03 -49.15 14.16
CA THR D 398 7.58 -50.48 13.93
C THR D 398 9.08 -50.33 13.96
N LEU D 399 9.71 -50.99 14.92
CA LEU D 399 11.13 -50.85 15.15
C LEU D 399 11.86 -52.07 14.62
N TYR D 400 12.73 -51.84 13.67
CA TYR D 400 13.52 -52.88 13.05
C TYR D 400 14.92 -52.81 13.65
N MET D 401 15.09 -53.49 14.77
CA MET D 401 16.33 -53.47 15.51
C MET D 401 17.49 -54.05 14.70
N ASP D 402 18.69 -53.80 15.20
CA ASP D 402 19.91 -54.33 14.61
C ASP D 402 21.02 -54.39 15.66
N UNK E 2 5.25 65.49 6.70
CA UNK E 2 5.59 65.60 8.12
C UNK E 2 4.60 64.84 9.02
N UNK E 3 3.51 64.33 8.42
CA UNK E 3 2.61 63.46 9.18
C UNK E 3 3.17 62.06 9.26
N UNK E 4 3.70 61.53 8.15
CA UNK E 4 4.25 60.18 8.13
C UNK E 4 5.40 60.04 9.10
N UNK E 5 6.41 60.92 9.01
CA UNK E 5 7.57 60.82 9.88
C UNK E 5 7.20 61.05 11.34
N UNK E 6 6.27 61.96 11.60
CA UNK E 6 5.86 62.23 12.98
C UNK E 6 5.17 61.02 13.58
N UNK E 7 4.16 60.49 12.89
CA UNK E 7 3.50 59.28 13.37
C UNK E 7 4.42 58.08 13.38
N UNK E 8 5.51 58.10 12.60
CA UNK E 8 6.46 56.98 12.61
C UNK E 8 7.36 57.03 13.84
N UNK E 9 7.95 58.20 14.12
CA UNK E 9 8.71 58.37 15.35
C UNK E 9 7.84 58.10 16.57
N UNK E 10 6.56 58.49 16.50
CA UNK E 10 5.65 58.22 17.60
C UNK E 10 5.19 56.76 17.62
N UNK E 11 5.18 56.08 16.48
CA UNK E 11 4.78 54.69 16.40
C UNK E 11 5.87 53.74 16.89
N UNK E 12 7.14 54.13 16.77
CA UNK E 12 8.20 53.40 17.45
C UNK E 12 7.93 53.36 18.96
N UNK E 13 7.66 54.52 19.55
CA UNK E 13 7.33 54.58 20.97
C UNK E 13 6.00 53.89 21.27
N UNK E 14 5.06 53.91 20.32
CA UNK E 14 3.79 53.23 20.53
C UNK E 14 3.94 51.72 20.48
N UNK E 15 4.88 51.21 19.67
CA UNK E 15 5.17 49.79 19.68
C UNK E 15 5.90 49.40 20.95
N UNK E 16 6.72 50.30 21.51
CA UNK E 16 7.27 50.04 22.84
C UNK E 16 6.15 49.98 23.88
N UNK E 17 5.21 50.93 23.81
CA UNK E 17 4.06 50.92 24.71
C UNK E 17 3.17 49.70 24.48
N UNK E 18 3.20 49.13 23.28
CA UNK E 18 2.44 47.91 22.99
C UNK E 18 3.13 46.67 23.54
N UNK E 19 4.45 46.58 23.36
CA UNK E 19 5.24 45.55 24.02
C UNK E 19 5.09 45.62 25.54
N UNK E 20 4.81 46.82 26.06
CA UNK E 20 4.48 46.96 27.47
C UNK E 20 3.07 46.46 27.76
N UNK E 21 2.06 47.06 27.11
CA UNK E 21 0.65 46.79 27.37
C UNK E 21 0.06 45.74 26.44
N UNK E 22 0.28 45.89 25.12
CA UNK E 22 -0.33 45.01 24.15
C UNK E 22 0.37 43.66 24.04
N UNK E 23 1.56 43.51 24.63
CA UNK E 23 2.21 42.19 24.65
C UNK E 23 1.33 41.17 25.36
N UNK E 24 0.57 41.59 26.36
CA UNK E 24 -0.46 40.74 26.94
C UNK E 24 -1.47 40.32 25.87
N UNK E 25 -1.81 41.24 24.97
CA UNK E 25 -2.72 40.95 23.86
C UNK E 25 -2.01 40.31 22.68
N UNK E 26 -0.68 40.35 22.61
CA UNK E 26 0.09 39.89 21.46
C UNK E 26 1.21 38.97 21.90
N UNK E 27 0.89 38.00 22.76
CA UNK E 27 1.84 36.95 23.18
C UNK E 27 1.47 35.67 22.44
N UNK E 28 2.39 35.17 21.62
CA UNK E 28 2.19 33.98 20.81
C UNK E 28 3.00 32.79 21.30
N UNK E 29 4.30 32.98 21.51
CA UNK E 29 5.21 31.88 21.85
C UNK E 29 6.39 32.49 22.61
N UNK E 30 7.34 31.63 23.00
CA UNK E 30 8.50 32.10 23.74
C UNK E 30 9.47 32.85 22.83
N UNK E 31 9.96 32.18 21.79
CA UNK E 31 10.74 32.88 20.78
C UNK E 31 9.93 33.99 20.14
N UNK E 32 8.63 33.76 19.98
CA UNK E 32 7.75 34.83 19.50
C UNK E 32 7.48 35.87 20.57
N UNK E 33 7.58 35.53 21.86
CA UNK E 33 7.55 36.58 22.87
C UNK E 33 8.78 37.48 22.75
N UNK E 34 9.92 36.88 22.40
CA UNK E 34 11.13 37.67 22.18
C UNK E 34 10.99 38.55 20.94
N UNK E 35 10.47 37.97 19.86
CA UNK E 35 10.37 38.66 18.58
C UNK E 35 9.04 39.40 18.40
N UNK E 36 8.20 39.49 19.42
CA UNK E 36 6.90 40.17 19.26
C UNK E 36 7.09 41.65 19.00
N UNK E 37 7.86 42.33 19.84
CA UNK E 37 8.11 43.75 19.62
C UNK E 37 8.89 43.97 18.34
N UNK E 38 9.84 43.08 18.03
CA UNK E 38 10.63 43.20 16.82
C UNK E 38 9.77 43.03 15.58
N UNK E 39 8.81 42.10 15.62
CA UNK E 39 7.94 41.86 14.48
C UNK E 39 6.90 42.96 14.34
N UNK E 40 6.40 43.48 15.47
CA UNK E 40 5.53 44.64 15.41
C UNK E 40 6.25 45.82 14.76
N UNK E 41 7.49 46.06 15.16
CA UNK E 41 8.29 47.12 14.54
C UNK E 41 8.54 46.82 13.07
N UNK E 42 8.74 45.54 12.73
CA UNK E 42 9.00 45.16 11.35
C UNK E 42 7.80 45.44 10.46
N UNK E 43 6.62 45.01 10.90
CA UNK E 43 5.41 45.23 10.12
C UNK E 43 5.06 46.72 10.07
N UNK E 44 5.31 47.45 11.17
CA UNK E 44 5.09 48.89 11.15
C UNK E 44 6.01 49.58 10.16
N UNK E 45 7.28 49.16 10.11
CA UNK E 45 8.22 49.72 9.15
C UNK E 45 7.82 49.38 7.72
N UNK E 46 7.34 48.15 7.50
CA UNK E 46 6.84 47.77 6.18
C UNK E 46 5.65 48.63 5.78
N UNK E 47 4.75 48.90 6.73
CA UNK E 47 3.61 49.75 6.46
C UNK E 47 4.04 51.17 6.12
N UNK E 48 5.01 51.69 6.87
CA UNK E 48 5.53 53.03 6.62
C UNK E 48 6.12 53.12 5.22
N UNK E 49 6.99 52.15 4.87
CA UNK E 49 7.57 52.13 3.53
C UNK E 49 6.51 52.02 2.46
N UNK E 50 5.49 51.19 2.69
CA UNK E 50 4.47 50.96 1.68
C UNK E 50 3.65 52.23 1.43
N UNK E 51 3.17 52.86 2.50
CA UNK E 51 2.33 54.04 2.35
C UNK E 51 3.13 55.32 2.13
N UNK E 52 4.46 55.26 2.19
CA UNK E 52 5.29 56.37 1.74
C UNK E 52 5.68 56.23 0.26
N UNK E 53 5.87 55.00 -0.20
CA UNK E 53 6.41 54.76 -1.54
C UNK E 53 5.47 55.30 -2.61
N UNK E 54 4.25 54.76 -2.68
CA UNK E 54 3.31 55.14 -3.73
C UNK E 54 2.98 56.63 -3.68
N UNK E 55 2.99 57.23 -2.49
CA UNK E 55 2.63 58.63 -2.37
C UNK E 55 3.77 59.54 -2.84
N UNK E 56 4.94 59.45 -2.19
CA UNK E 56 6.03 60.35 -2.54
C UNK E 56 6.64 60.02 -3.89
N UNK E 57 6.42 58.82 -4.41
CA UNK E 57 6.79 58.53 -5.78
C UNK E 57 5.85 59.23 -6.76
N UNK E 58 4.59 59.40 -6.37
CA UNK E 58 3.60 59.98 -7.27
C UNK E 58 3.76 61.49 -7.37
N UNK E 59 4.05 62.15 -6.25
CA UNK E 59 4.10 63.62 -6.23
C UNK E 59 5.17 64.16 -7.15
N UNK E 60 6.44 63.81 -6.88
CA UNK E 60 7.52 64.23 -7.77
C UNK E 60 7.36 63.68 -9.17
N UNK E 61 6.66 62.55 -9.33
CA UNK E 61 6.40 62.02 -10.65
C UNK E 61 5.49 62.93 -11.47
N UNK E 62 4.79 63.88 -10.82
CA UNK E 62 3.99 64.85 -11.56
C UNK E 62 4.87 65.71 -12.47
N UNK E 63 6.14 65.91 -12.10
CA UNK E 63 7.10 66.67 -12.89
C UNK E 63 8.33 65.84 -13.22
N UNK E 64 8.13 64.55 -13.51
CA UNK E 64 9.20 63.66 -13.92
C UNK E 64 8.65 62.70 -14.96
N UNK E 65 9.49 61.76 -15.40
CA UNK E 65 9.19 60.97 -16.58
C UNK E 65 8.19 59.87 -16.28
N UNK E 66 8.54 58.94 -15.39
CA UNK E 66 7.70 57.79 -15.13
C UNK E 66 7.99 57.23 -13.75
N UNK E 67 6.96 56.68 -13.12
CA UNK E 67 7.04 56.08 -11.79
C UNK E 67 6.73 54.59 -11.82
N UNK E 68 7.14 53.91 -12.89
CA UNK E 68 6.80 52.49 -13.04
C UNK E 68 7.66 51.61 -12.14
N ASP E 147 8.69 51.74 -9.03
CA ASP E 147 8.57 51.98 -7.59
C ASP E 147 7.70 50.97 -6.87
N PHE E 148 6.71 50.36 -7.52
CA PHE E 148 6.06 49.22 -6.89
C PHE E 148 7.05 48.08 -6.72
N ILE E 149 7.91 47.86 -7.71
CA ILE E 149 8.96 46.84 -7.60
C ILE E 149 9.90 47.16 -6.47
N CYS E 150 10.22 48.45 -6.25
CA CYS E 150 11.15 48.79 -5.18
C CYS E 150 10.49 48.63 -3.82
N THR E 151 9.22 49.04 -3.71
CA THR E 151 8.45 48.80 -2.49
C THR E 151 8.44 47.32 -2.16
N SER E 152 8.15 46.48 -3.16
CA SER E 152 8.14 45.04 -2.99
C SER E 152 9.50 44.53 -2.49
N LEU E 153 10.56 44.89 -3.22
CA LEU E 153 11.90 44.42 -2.90
C LEU E 153 12.30 44.78 -1.48
N ILE E 154 12.20 46.08 -1.16
CA ILE E 154 12.57 46.56 0.18
C ILE E 154 11.74 45.85 1.23
N ALA E 155 10.42 45.79 1.00
CA ALA E 155 9.49 45.32 2.01
C ALA E 155 9.76 43.88 2.39
N VAL E 156 10.16 43.06 1.41
CA VAL E 156 10.46 41.68 1.75
C VAL E 156 11.90 41.49 2.24
N ILE E 157 12.89 42.19 1.68
CA ILE E 157 14.25 41.91 2.12
C ILE E 157 14.46 42.39 3.55
N LEU E 158 13.75 43.43 3.99
CA LEU E 158 13.88 43.87 5.37
C LEU E 158 13.43 42.78 6.34
N THR E 159 12.18 42.34 6.18
CA THR E 159 11.66 41.27 7.03
C THR E 159 12.47 40.00 6.90
N ILE E 160 13.00 39.73 5.71
CA ILE E 160 13.78 38.52 5.50
C ILE E 160 15.14 38.63 6.17
N LYS E 161 15.73 39.82 6.20
CA LYS E 161 16.94 40.01 6.97
C LYS E 161 16.68 39.76 8.44
N LEU E 162 15.59 40.31 8.95
CA LEU E 162 15.17 40.04 10.33
C LEU E 162 15.09 38.54 10.59
N PHE E 163 14.37 37.82 9.73
CA PHE E 163 14.11 36.42 10.01
C PHE E 163 15.35 35.56 9.79
N LEU E 164 16.19 35.91 8.82
CA LEU E 164 17.46 35.23 8.65
C LEU E 164 18.33 35.39 9.89
N LEU E 165 18.36 36.59 10.47
CA LEU E 165 19.13 36.76 11.69
C LEU E 165 18.50 35.99 12.83
N ILE E 166 17.17 35.90 12.87
CA ILE E 166 16.51 35.10 13.90
C ILE E 166 16.90 33.63 13.74
N ASN E 167 17.08 33.17 12.50
CA ASN E 167 17.54 31.79 12.30
C ASN E 167 19.00 31.62 12.69
N GLN E 168 19.82 32.64 12.49
CA GLN E 168 21.19 32.59 13.01
C GLN E 168 21.19 32.48 14.53
N PHE E 169 20.29 33.22 15.19
CA PHE E 169 20.17 33.12 16.63
C PHE E 169 19.66 31.75 17.05
N GLU E 170 18.73 31.18 16.27
CA GLU E 170 18.31 29.81 16.51
C GLU E 170 19.49 28.86 16.44
N LYS E 171 20.30 29.00 15.38
CA LYS E 171 21.50 28.18 15.23
C LYS E 171 22.38 28.30 16.47
N GLN E 172 22.61 29.52 16.94
CA GLN E 172 23.45 29.70 18.13
C GLN E 172 22.84 29.01 19.34
N GLN E 173 21.51 29.05 19.46
CA GLN E 173 20.86 28.29 20.53
C GLN E 173 21.07 26.79 20.36
N ILE E 174 21.10 26.32 19.11
CA ILE E 174 21.38 24.91 18.84
C ILE E 174 22.85 24.58 19.07
N LYS E 175 23.73 25.59 19.08
CA LYS E 175 25.16 25.35 19.09
C LYS E 175 25.65 24.90 20.45
N LYS E 176 24.94 25.26 21.51
CA LYS E 176 25.41 24.99 22.86
C LYS E 176 25.59 23.48 23.09
N GLY E 177 24.64 22.68 22.61
CA GLY E 177 24.61 21.26 22.90
C GLY E 177 24.78 20.35 21.70
N ARG E 178 25.28 20.89 20.59
CA ARG E 178 25.42 20.14 19.34
C ARG E 178 26.70 20.59 18.66
N ASP E 179 26.84 20.26 17.37
CA ASP E 179 28.07 20.39 16.62
C ASP E 179 27.97 21.51 15.61
N ILE E 180 29.12 21.81 14.99
CA ILE E 180 29.17 22.86 13.98
C ILE E 180 28.72 22.33 12.63
N THR E 181 29.07 21.09 12.31
CA THR E 181 28.74 20.51 11.03
C THR E 181 27.23 20.48 10.83
N SER E 182 26.55 19.78 11.75
CA SER E 182 25.11 19.63 11.71
C SER E 182 24.36 20.96 11.84
N ALA E 183 24.82 21.83 12.73
CA ALA E 183 24.14 23.11 12.92
C ALA E 183 24.27 23.97 11.67
N ARG E 184 25.44 23.93 11.02
CA ARG E 184 25.62 24.62 9.75
C ARG E 184 24.67 24.07 8.69
N ILE E 185 24.60 22.74 8.58
CA ILE E 185 23.75 22.13 7.57
C ILE E 185 22.29 22.48 7.83
N MET E 186 21.87 22.41 9.09
CA MET E 186 20.51 22.75 9.48
C MET E 186 20.22 24.22 9.22
N SER E 187 21.23 25.07 9.39
CA SER E 187 21.10 26.48 9.05
C SER E 187 20.80 26.63 7.57
N ARG E 188 21.63 26.00 6.72
CA ARG E 188 21.39 26.00 5.28
C ARG E 188 19.97 25.57 4.96
N ILE E 189 19.52 24.51 5.62
CA ILE E 189 18.22 23.93 5.33
C ILE E 189 17.10 24.91 5.66
N ILE E 190 17.12 25.45 6.88
CA ILE E 190 16.06 26.35 7.29
C ILE E 190 16.10 27.62 6.47
N LYS E 191 17.30 28.08 6.09
CA LYS E 191 17.44 29.28 5.28
C LYS E 191 16.79 29.09 3.92
N ILE E 192 17.13 27.99 3.25
CA ILE E 192 16.50 27.68 1.97
C ILE E 192 15.00 27.60 2.12
N THR E 193 14.53 26.94 3.19
CA THR E 193 13.10 26.75 3.37
C THR E 193 12.38 28.08 3.53
N ILE E 194 12.99 29.02 4.23
CA ILE E 194 12.31 30.28 4.49
C ILE E 194 12.38 31.21 3.29
N ILE E 195 13.48 31.18 2.54
CA ILE E 195 13.55 32.09 1.38
C ILE E 195 12.63 31.60 0.28
N VAL E 196 12.57 30.30 0.06
CA VAL E 196 11.78 29.76 -1.04
C VAL E 196 10.31 30.12 -0.95
N VAL E 197 9.79 30.10 0.27
CA VAL E 197 8.38 30.40 0.49
C VAL E 197 8.04 31.82 0.08
N LEU E 198 8.87 32.76 0.51
CA LEU E 198 8.57 34.16 0.24
C LEU E 198 8.88 34.54 -1.20
N VAL E 199 9.80 33.80 -1.80
CA VAL E 199 10.08 33.96 -3.23
C VAL E 199 8.84 33.50 -4.01
N LEU E 200 8.24 32.39 -3.55
CA LEU E 200 7.06 31.81 -4.18
C LEU E 200 5.87 32.75 -4.06
N LEU E 201 5.67 33.29 -2.86
CA LEU E 201 4.58 34.23 -2.64
C LEU E 201 4.74 35.61 -3.34
N TYR E 202 5.93 36.20 -3.29
CA TYR E 202 6.15 37.51 -3.85
C TYR E 202 6.88 37.47 -5.19
N GLY E 203 7.10 36.28 -5.75
CA GLY E 203 7.64 36.21 -7.10
C GLY E 203 6.72 36.85 -8.12
N GLU E 204 5.41 36.80 -7.90
CA GLU E 204 4.46 37.52 -8.74
C GLU E 204 4.23 38.95 -8.27
N HIS E 205 4.54 39.24 -7.01
CA HIS E 205 4.69 40.63 -6.60
C HIS E 205 5.82 41.30 -7.39
N PHE E 206 6.84 40.51 -7.74
CA PHE E 206 7.79 40.94 -8.77
C PHE E 206 7.18 40.75 -10.15
N GLY E 207 6.42 39.69 -10.34
CA GLY E 207 5.64 39.47 -11.54
C GLY E 207 6.35 38.53 -12.49
N MET E 208 7.06 37.56 -11.91
CA MET E 208 7.99 36.71 -12.66
C MET E 208 7.42 35.30 -12.75
N SER E 209 6.74 35.03 -13.86
CA SER E 209 6.26 33.69 -14.24
C SER E 209 5.51 33.02 -13.10
N LEU E 210 4.33 33.59 -12.82
CA LEU E 210 3.47 33.13 -11.74
C LEU E 210 3.26 31.63 -11.76
N SER E 211 2.80 31.07 -12.87
CA SER E 211 2.35 29.69 -12.85
C SER E 211 3.51 28.70 -12.86
N GLY E 212 4.67 29.10 -13.36
CA GLY E 212 5.85 28.29 -13.15
C GLY E 212 6.19 28.16 -11.68
N LEU E 213 6.09 29.28 -10.96
CA LEU E 213 6.34 29.27 -9.52
C LEU E 213 5.28 28.39 -8.87
N LEU E 214 4.04 28.48 -9.36
CA LEU E 214 2.95 27.67 -8.83
C LEU E 214 3.26 26.19 -8.95
N THR E 215 3.73 25.77 -10.13
CA THR E 215 4.12 24.38 -10.33
C THR E 215 5.24 23.98 -9.38
N PHE E 216 6.27 24.83 -9.30
CA PHE E 216 7.40 24.58 -8.41
C PHE E 216 6.94 24.28 -6.99
N GLY E 217 6.18 25.21 -6.42
CA GLY E 217 5.69 25.01 -5.06
C GLY E 217 4.77 23.81 -4.95
N GLY E 218 3.98 23.56 -6.00
CA GLY E 218 3.03 22.46 -5.92
C GLY E 218 3.72 21.12 -5.81
N ILE E 219 4.70 20.88 -6.67
CA ILE E 219 5.37 19.59 -6.66
C ILE E 219 6.25 19.46 -5.43
N GLY E 220 6.90 20.57 -5.02
CA GLY E 220 7.69 20.53 -3.80
C GLY E 220 6.86 20.13 -2.60
N GLY E 221 5.79 20.87 -2.34
CA GLY E 221 4.93 20.54 -1.22
C GLY E 221 4.26 19.19 -1.36
N LEU E 222 4.04 18.75 -2.60
CA LEU E 222 3.42 17.43 -2.84
C LEU E 222 4.32 16.27 -2.39
N ALA E 223 5.61 16.31 -2.75
CA ALA E 223 6.57 15.33 -2.27
C ALA E 223 6.76 15.45 -0.77
N VAL E 224 6.82 16.69 -0.27
CA VAL E 224 6.97 16.93 1.15
C VAL E 224 5.85 16.28 1.94
N GLY E 225 4.62 16.36 1.42
CA GLY E 225 3.50 15.78 2.13
C GLY E 225 3.54 14.26 2.08
N MET E 226 3.85 13.71 0.90
CA MET E 226 3.94 12.27 0.76
C MET E 226 4.98 11.69 1.68
N ALA E 227 6.03 12.46 1.97
CA ALA E 227 7.04 12.02 2.93
C ALA E 227 6.57 12.17 4.37
N GLY E 228 6.28 13.40 4.78
CA GLY E 228 5.93 13.71 6.15
C GLY E 228 4.60 13.15 6.63
N LYS E 229 3.88 12.44 5.79
CA LYS E 229 2.79 11.58 6.23
C LYS E 229 3.16 10.79 7.48
N ASP E 230 4.30 10.10 7.41
CA ASP E 230 4.75 9.23 8.48
C ASP E 230 4.83 9.93 9.82
N ILE E 231 5.18 11.21 9.81
CA ILE E 231 5.42 11.97 11.03
C ILE E 231 4.15 12.64 11.51
N LEU E 232 3.42 13.25 10.59
CA LEU E 232 2.20 13.92 10.99
C LEU E 232 1.17 12.94 11.52
N SER E 233 1.20 11.70 11.03
CA SER E 233 0.36 10.67 11.61
C SER E 233 0.69 10.48 13.08
N ASN E 234 1.98 10.46 13.40
CA ASN E 234 2.40 10.32 14.79
C ASN E 234 1.89 11.49 15.60
N PHE E 235 1.99 12.69 15.06
CA PHE E 235 1.63 13.87 15.83
C PHE E 235 0.12 13.92 16.08
N PHE E 236 -0.67 13.69 15.04
CA PHE E 236 -2.11 13.72 15.19
C PHE E 236 -2.58 12.62 16.12
N SER E 237 -1.95 11.45 16.06
CA SER E 237 -2.34 10.42 16.99
C SER E 237 -1.93 10.78 18.41
N GLY E 238 -0.83 11.51 18.55
CA GLY E 238 -0.49 12.04 19.87
C GLY E 238 -1.58 12.94 20.40
N ILE E 239 -2.18 13.73 19.52
CA ILE E 239 -3.29 14.58 19.93
C ILE E 239 -4.48 13.74 20.36
N MET E 240 -4.83 12.73 19.57
CA MET E 240 -5.96 11.89 19.93
C MET E 240 -5.74 11.24 21.28
N LEU E 241 -4.51 10.82 21.55
CA LEU E 241 -4.20 10.28 22.87
C LEU E 241 -4.32 11.35 23.93
N TYR E 242 -3.98 12.59 23.60
CA TYR E 242 -4.11 13.69 24.54
C TYR E 242 -5.56 13.85 24.97
N PHE E 243 -6.49 13.65 24.04
CA PHE E 243 -7.91 13.78 24.36
C PHE E 243 -8.51 12.43 24.71
N ASP E 244 -8.47 11.48 23.80
CA ASP E 244 -8.95 10.14 24.07
C ASP E 244 -7.90 9.41 24.90
N ARG E 245 -8.30 8.91 26.05
CA ARG E 245 -7.37 8.25 26.97
C ARG E 245 -7.64 6.76 26.97
N PRO E 246 -7.18 6.02 25.97
CA PRO E 246 -7.29 4.55 26.04
C PRO E 246 -6.50 3.99 27.18
N PHE E 247 -5.34 4.57 27.43
CA PHE E 247 -4.50 4.23 28.55
C PHE E 247 -4.03 5.50 29.21
N SER E 248 -3.25 5.31 30.26
CA SER E 248 -2.63 6.38 30.99
C SER E 248 -1.30 5.85 31.49
N ILE E 249 -0.74 6.53 32.45
CA ILE E 249 0.59 6.20 32.94
C ILE E 249 0.50 5.15 34.02
N GLY E 250 1.47 4.25 34.04
CA GLY E 250 1.45 3.12 34.94
C GLY E 250 0.63 1.95 34.44
N ASP E 251 -0.03 2.10 33.30
CA ASP E 251 -0.95 1.09 32.82
C ASP E 251 -0.18 0.13 31.94
N TRP E 252 0.00 -1.09 32.44
CA TRP E 252 0.49 -2.19 31.63
C TRP E 252 -0.34 -2.30 30.38
N ILE E 253 0.35 -2.45 29.27
CA ILE E 253 -0.21 -2.46 27.94
C ILE E 253 0.27 -3.71 27.23
N ARG E 254 -0.50 -4.15 26.26
CA ARG E 254 0.03 -5.00 25.22
C ARG E 254 -0.87 -4.86 24.00
N SER E 255 -0.41 -5.45 22.91
CA SER E 255 -1.22 -5.62 21.75
C SER E 255 -1.01 -7.03 21.21
N PRO E 256 -2.07 -7.70 20.77
CA PRO E 256 -1.87 -9.00 20.12
C PRO E 256 -1.14 -8.87 18.81
N ASP E 257 -1.24 -7.72 18.17
CA ASP E 257 -0.72 -7.52 16.82
C ASP E 257 0.74 -7.10 16.80
N ARG E 258 1.32 -6.73 17.93
CA ARG E 258 2.67 -6.20 17.96
C ARG E 258 3.24 -6.35 19.35
N ASN E 259 4.57 -6.32 19.42
CA ASN E 259 5.25 -6.34 20.70
C ASN E 259 5.38 -4.91 21.17
N ILE E 260 4.62 -4.59 22.21
CA ILE E 260 4.63 -3.28 22.84
C ILE E 260 4.74 -3.45 24.36
N GLU E 261 4.70 -4.69 24.81
CA GLU E 261 4.25 -5.00 26.16
C GLU E 261 5.14 -4.40 27.21
N GLY E 262 4.61 -3.41 27.91
CA GLY E 262 5.32 -2.79 28.99
C GLY E 262 4.43 -1.77 29.66
N THR E 263 4.92 -1.29 30.80
CA THR E 263 4.25 -0.22 31.50
C THR E 263 4.59 1.10 30.86
N VAL E 264 3.56 1.90 30.59
CA VAL E 264 3.79 3.24 30.12
C VAL E 264 4.54 4.01 31.19
N ALA E 265 5.46 4.84 30.74
CA ALA E 265 6.20 5.74 31.59
C ALA E 265 6.03 7.18 31.18
N GLU E 266 5.78 7.44 29.90
CA GLU E 266 5.62 8.80 29.46
C GLU E 266 4.90 8.82 28.14
N ILE E 267 4.04 9.80 27.96
CA ILE E 267 3.41 10.09 26.71
C ILE E 267 4.15 11.26 26.09
N GLY E 268 4.08 11.34 24.78
CA GLY E 268 4.66 12.45 24.05
C GLY E 268 3.74 12.86 22.94
N TRP E 269 4.22 13.77 22.10
CA TRP E 269 3.45 14.25 20.97
C TRP E 269 3.69 13.40 19.75
N ARG E 270 4.91 12.93 19.60
CA ARG E 270 5.28 11.99 18.57
C ARG E 270 5.22 10.56 19.07
N ILE E 271 5.81 10.31 20.23
CA ILE E 271 6.10 8.98 20.70
C ILE E 271 5.64 8.81 22.14
N THR E 272 5.80 7.59 22.62
CA THR E 272 5.61 7.21 24.00
C THR E 272 6.84 6.45 24.47
N LYS E 273 7.13 6.63 25.75
CA LYS E 273 8.23 5.93 26.37
C LYS E 273 7.64 4.90 27.33
N ILE E 274 7.71 3.64 26.90
CA ILE E 274 7.28 2.50 27.67
C ILE E 274 8.51 1.90 28.34
N THR E 275 8.32 1.29 29.50
CA THR E 275 9.31 0.40 30.08
C THR E 275 8.80 -1.01 29.94
N THR E 276 9.59 -1.86 29.31
CA THR E 276 9.26 -3.26 29.25
C THR E 276 9.42 -3.87 30.63
N PHE E 277 9.16 -5.16 30.69
CA PHE E 277 9.42 -5.93 31.88
C PHE E 277 10.84 -6.45 31.93
N ASP E 278 11.67 -6.07 30.97
CA ASP E 278 13.12 -6.17 31.08
C ASP E 278 13.72 -4.94 31.73
N ASN E 279 12.90 -4.01 32.20
CA ASN E 279 13.34 -2.68 32.61
C ASN E 279 14.07 -1.95 31.51
N ARG E 280 13.73 -2.25 30.27
CA ARG E 280 14.26 -1.59 29.09
C ARG E 280 13.28 -0.56 28.59
N PRO E 281 13.72 0.59 28.11
CA PRO E 281 12.79 1.51 27.47
C PRO E 281 12.50 1.13 26.03
N LEU E 282 11.32 1.55 25.60
CA LEU E 282 10.81 1.30 24.27
C LEU E 282 10.13 2.57 23.80
N TYR E 283 10.64 3.12 22.73
CA TYR E 283 10.15 4.37 22.17
C TYR E 283 9.24 4.01 21.01
N VAL E 284 7.95 4.23 21.21
CA VAL E 284 6.92 3.78 20.27
C VAL E 284 6.33 4.99 19.58
N PRO E 285 6.12 4.96 18.27
CA PRO E 285 5.42 6.05 17.62
C PRO E 285 3.91 5.94 17.74
N ASN E 286 3.26 7.09 17.85
CA ASN E 286 1.86 7.15 18.18
C ASN E 286 0.94 6.89 17.01
N SER E 287 1.45 6.89 15.78
CA SER E 287 0.61 6.50 14.65
C SER E 287 0.12 5.09 14.79
N LEU E 288 0.89 4.27 15.46
CA LEU E 288 0.59 2.86 15.62
C LEU E 288 -0.69 2.63 16.40
N PHE E 289 -0.97 3.49 17.38
CA PHE E 289 -2.14 3.30 18.22
C PHE E 289 -3.44 3.60 17.51
N SER E 290 -3.40 4.25 16.34
CA SER E 290 -4.58 4.52 15.56
C SER E 290 -4.84 3.46 14.51
N SER E 291 -3.98 2.45 14.39
CA SER E 291 -4.10 1.39 13.41
C SER E 291 -4.25 0.03 14.07
N ILE E 292 -4.18 -0.02 15.40
CA ILE E 292 -3.87 -1.25 16.08
C ILE E 292 -4.73 -1.36 17.33
N SER E 293 -5.06 -2.59 17.67
CA SER E 293 -5.83 -2.87 18.86
C SER E 293 -4.91 -2.89 20.07
N VAL E 294 -5.40 -2.34 21.16
CA VAL E 294 -4.61 -2.11 22.35
C VAL E 294 -5.35 -2.75 23.51
N GLU E 295 -4.62 -3.42 24.36
CA GLU E 295 -5.15 -4.12 25.51
C GLU E 295 -4.48 -3.55 26.75
N ASN E 296 -5.29 -3.14 27.71
CA ASN E 296 -4.80 -2.50 28.91
C ASN E 296 -5.12 -3.39 30.10
N PRO E 297 -4.35 -4.46 30.29
CA PRO E 297 -4.58 -5.33 31.43
C PRO E 297 -4.40 -4.66 32.76
N GLY E 298 -3.73 -3.53 32.81
CA GLY E 298 -3.60 -2.82 34.06
C GLY E 298 -4.91 -2.30 34.59
N ARG E 299 -5.91 -2.18 33.73
CA ARG E 299 -7.25 -1.80 34.15
C ARG E 299 -8.10 -2.97 34.57
N MET E 300 -7.62 -4.19 34.40
CA MET E 300 -8.50 -5.33 34.52
C MET E 300 -8.92 -5.53 35.96
N THR E 301 -9.76 -6.55 36.14
CA THR E 301 -10.50 -6.79 37.37
C THR E 301 -10.02 -8.04 38.07
N ASN E 302 -9.87 -9.11 37.29
CA ASN E 302 -9.63 -10.43 37.80
C ASN E 302 -8.64 -11.10 36.87
N ARG E 303 -7.99 -12.13 37.37
CA ARG E 303 -6.95 -12.81 36.61
C ARG E 303 -7.30 -14.25 36.39
N ARG E 304 -6.92 -14.77 35.24
CA ARG E 304 -7.43 -16.04 34.82
C ARG E 304 -6.47 -17.16 35.16
N ILE E 305 -7.05 -18.32 35.36
CA ILE E 305 -6.34 -19.57 35.56
C ILE E 305 -6.85 -20.53 34.51
N THR E 306 -5.92 -21.19 33.82
CA THR E 306 -6.26 -22.10 32.75
C THR E 306 -5.30 -23.26 32.78
N THR E 307 -5.82 -24.48 32.72
CA THR E 307 -4.96 -25.64 32.60
C THR E 307 -5.65 -26.73 31.80
N THR E 308 -4.86 -27.74 31.48
CA THR E 308 -5.34 -29.00 30.94
C THR E 308 -4.71 -30.11 31.75
N ILE E 309 -5.55 -30.80 32.51
CA ILE E 309 -5.16 -31.97 33.26
C ILE E 309 -5.14 -33.12 32.28
N GLY E 310 -3.95 -33.61 31.96
CA GLY E 310 -3.82 -34.70 31.03
C GLY E 310 -3.75 -36.03 31.72
N LEU E 311 -4.90 -36.70 31.81
CA LEU E 311 -4.98 -38.03 32.34
C LEU E 311 -4.77 -39.05 31.24
N ARG E 312 -4.89 -40.31 31.63
CA ARG E 312 -4.70 -41.45 30.75
C ARG E 312 -6.05 -42.04 30.38
N TYR E 313 -6.05 -42.80 29.29
CA TYR E 313 -7.26 -43.46 28.86
C TYR E 313 -7.66 -44.57 29.83
N GLU E 314 -6.72 -45.05 30.63
CA GLU E 314 -7.03 -46.02 31.67
C GLU E 314 -7.94 -45.42 32.73
N ASP E 315 -7.81 -44.11 32.95
CA ASP E 315 -8.48 -43.43 34.04
C ASP E 315 -9.80 -42.82 33.63
N ALA E 316 -10.41 -43.35 32.58
CA ALA E 316 -11.63 -42.77 32.05
C ALA E 316 -12.79 -42.94 33.01
N ALA E 317 -12.81 -44.06 33.73
CA ALA E 317 -13.90 -44.31 34.66
C ALA E 317 -13.93 -43.32 35.81
N LYS E 318 -12.81 -42.67 36.08
CA LYS E 318 -12.65 -41.81 37.23
C LYS E 318 -12.81 -40.35 36.90
N VAL E 319 -13.27 -40.02 35.71
CA VAL E 319 -13.20 -38.65 35.25
C VAL E 319 -14.31 -37.82 35.85
N GLY E 320 -15.51 -38.36 35.91
CA GLY E 320 -16.62 -37.61 36.44
C GLY E 320 -16.39 -37.18 37.88
N VAL E 321 -15.86 -38.08 38.68
CA VAL E 321 -15.71 -37.81 40.09
C VAL E 321 -14.50 -36.93 40.35
N ILE E 322 -13.42 -37.10 39.59
CA ILE E 322 -12.29 -36.19 39.66
C ILE E 322 -12.76 -34.77 39.35
N VAL E 323 -13.48 -34.64 38.26
CA VAL E 323 -13.99 -33.36 37.82
C VAL E 323 -14.84 -32.73 38.90
N GLU E 324 -15.74 -33.50 39.47
CA GLU E 324 -16.63 -32.96 40.48
C GLU E 324 -15.87 -32.55 41.72
N ALA E 325 -14.83 -33.30 42.07
CA ALA E 325 -14.01 -32.95 43.22
C ALA E 325 -13.26 -31.66 43.00
N VAL E 326 -12.64 -31.54 41.83
CA VAL E 326 -11.89 -30.34 41.49
C VAL E 326 -12.81 -29.13 41.53
N ARG E 327 -13.98 -29.25 40.91
CA ARG E 327 -14.97 -28.19 40.95
C ARG E 327 -15.31 -27.80 42.37
N GLU E 328 -15.56 -28.79 43.22
CA GLU E 328 -15.92 -28.51 44.59
C GLU E 328 -14.79 -27.86 45.35
N MET E 329 -13.56 -28.12 44.95
CA MET E 329 -12.43 -27.46 45.58
C MET E 329 -12.38 -26.00 45.20
N LEU E 330 -12.35 -25.72 43.90
CA LEU E 330 -12.29 -24.34 43.43
C LEU E 330 -13.43 -23.52 44.00
N LYS E 331 -14.60 -24.11 44.04
CA LYS E 331 -15.77 -23.45 44.57
C LYS E 331 -15.68 -23.17 46.05
N ASN E 332 -14.74 -23.83 46.75
CA ASN E 332 -14.49 -23.59 48.17
C ASN E 332 -13.08 -23.11 48.43
N HIS E 333 -12.47 -22.49 47.46
CA HIS E 333 -11.16 -21.88 47.56
C HIS E 333 -11.32 -20.39 47.81
N PRO E 334 -10.62 -19.78 48.77
CA PRO E 334 -10.85 -18.38 49.07
C PRO E 334 -10.51 -17.42 47.95
N ALA E 335 -9.37 -17.65 47.30
CA ALA E 335 -8.84 -16.72 46.32
C ALA E 335 -9.64 -16.64 45.04
N ILE E 336 -10.64 -17.43 44.89
CA ILE E 336 -11.33 -17.60 43.63
C ILE E 336 -12.61 -16.77 43.64
N ASP E 337 -12.99 -16.30 42.46
CA ASP E 337 -14.17 -15.48 42.26
C ASP E 337 -15.24 -16.35 41.62
N GLN E 338 -16.29 -16.63 42.38
CA GLN E 338 -17.31 -17.55 41.94
C GLN E 338 -18.39 -16.89 41.12
N ARG E 339 -18.53 -15.57 41.22
CA ARG E 339 -19.45 -14.86 40.36
C ARG E 339 -19.02 -14.93 38.92
N GLN E 340 -17.73 -15.00 38.67
CA GLN E 340 -17.20 -15.14 37.33
C GLN E 340 -17.35 -16.60 36.90
N THR E 341 -16.72 -16.95 35.80
CA THR E 341 -16.86 -18.30 35.30
C THR E 341 -16.07 -19.27 36.14
N LEU E 342 -16.47 -20.53 36.05
CA LEU E 342 -15.78 -21.59 36.76
C LEU E 342 -16.15 -22.87 36.03
N LEU E 343 -15.20 -23.39 35.26
CA LEU E 343 -15.46 -24.50 34.36
C LEU E 343 -14.43 -25.57 34.60
N VAL E 344 -14.92 -26.76 34.89
CA VAL E 344 -14.10 -27.96 34.93
C VAL E 344 -14.92 -29.01 34.20
N TYR E 345 -14.44 -29.41 33.04
CA TYR E 345 -15.22 -30.28 32.18
C TYR E 345 -14.26 -31.00 31.26
N PHE E 346 -14.49 -32.29 31.10
CA PHE E 346 -13.75 -33.05 30.12
C PHE E 346 -14.17 -32.59 28.74
N ASN E 347 -13.21 -32.00 28.02
CA ASN E 347 -13.49 -31.27 26.80
C ASN E 347 -12.86 -31.88 25.56
N GLN E 348 -11.82 -32.68 25.70
CA GLN E 348 -11.29 -33.34 24.52
C GLN E 348 -10.50 -34.57 24.88
N PHE E 349 -10.55 -35.51 23.94
CA PHE E 349 -9.50 -36.48 23.81
C PHE E 349 -8.23 -35.81 23.36
N ALA E 350 -7.17 -36.60 23.31
CA ALA E 350 -5.91 -36.13 22.79
C ALA E 350 -5.03 -37.33 22.55
N ASP E 351 -4.03 -37.18 21.68
CA ASP E 351 -3.05 -38.22 21.55
C ASP E 351 -2.40 -38.42 22.89
N SER E 352 -2.53 -39.62 23.43
CA SER E 352 -1.92 -40.07 24.67
C SER E 352 -2.66 -39.64 25.93
N SER E 353 -3.74 -38.88 25.85
CA SER E 353 -4.33 -38.40 27.08
C SER E 353 -5.77 -37.95 26.90
N LEU E 354 -6.45 -37.88 28.03
CA LEU E 354 -7.76 -37.29 28.18
C LEU E 354 -7.57 -35.97 28.89
N ASN E 355 -8.04 -34.89 28.30
CA ASN E 355 -7.67 -33.57 28.77
C ASN E 355 -8.89 -32.92 29.41
N ILE E 356 -8.77 -32.65 30.68
CA ILE E 356 -9.78 -31.92 31.42
C ILE E 356 -9.37 -30.47 31.46
N MET E 357 -10.27 -29.59 31.09
CA MET E 357 -9.96 -28.19 31.15
C MET E 357 -10.17 -27.69 32.55
N VAL E 358 -9.47 -26.63 32.87
CA VAL E 358 -9.78 -25.81 34.03
C VAL E 358 -9.72 -24.38 33.54
N TYR E 359 -10.67 -23.58 34.00
CA TYR E 359 -10.87 -22.22 33.56
C TYR E 359 -11.53 -21.51 34.73
N CYS E 360 -10.74 -20.69 35.41
CA CYS E 360 -11.19 -20.01 36.61
C CYS E 360 -10.62 -18.61 36.73
N PHE E 361 -11.18 -17.82 37.64
CA PHE E 361 -10.76 -16.46 37.84
C PHE E 361 -10.48 -16.19 39.30
N THR E 362 -9.33 -15.59 39.55
CA THR E 362 -8.99 -15.05 40.84
C THR E 362 -9.44 -13.61 40.93
N LYS E 363 -9.85 -13.25 42.13
CA LYS E 363 -10.31 -11.91 42.44
C LYS E 363 -9.20 -10.94 42.73
N THR E 364 -7.95 -11.35 42.57
CA THR E 364 -6.82 -10.43 42.58
C THR E 364 -6.45 -10.05 41.16
N THR E 365 -5.65 -8.99 41.09
CA THR E 365 -4.97 -8.61 39.87
C THR E 365 -3.47 -8.58 40.08
N VAL E 366 -3.00 -8.92 41.24
CA VAL E 366 -1.58 -8.89 41.56
C VAL E 366 -0.93 -10.12 40.98
N TRP E 367 0.28 -9.94 40.50
CA TRP E 367 1.03 -11.02 39.86
C TRP E 367 1.31 -12.13 40.85
N ALA E 368 1.85 -11.75 42.00
CA ALA E 368 2.36 -12.72 42.94
C ALA E 368 1.25 -13.51 43.61
N GLU E 369 0.18 -12.84 44.00
CA GLU E 369 -0.89 -13.53 44.68
C GLU E 369 -1.61 -14.45 43.72
N TRP E 370 -1.80 -14.00 42.50
CA TRP E 370 -2.30 -14.85 41.44
C TRP E 370 -1.46 -16.10 41.30
N LEU E 371 -0.14 -15.94 41.31
CA LEU E 371 0.72 -17.09 41.12
C LEU E 371 0.67 -18.03 42.31
N ALA E 372 0.56 -17.48 43.50
CA ALA E 372 0.48 -18.30 44.68
C ALA E 372 -0.79 -19.13 44.70
N ALA E 373 -1.90 -18.50 44.29
CA ALA E 373 -3.15 -19.23 44.19
C ALA E 373 -3.10 -20.30 43.12
N GLN E 374 -2.53 -19.94 41.96
CA GLN E 374 -2.25 -20.91 40.92
C GLN E 374 -1.51 -22.12 41.47
N GLN E 375 -0.48 -21.85 42.26
CA GLN E 375 0.30 -22.88 42.92
C GLN E 375 -0.58 -23.80 43.75
N ASP E 376 -1.29 -23.22 44.72
CA ASP E 376 -2.08 -24.01 45.64
C ASP E 376 -3.11 -24.84 44.90
N VAL E 377 -3.72 -24.24 43.88
CA VAL E 377 -4.70 -24.92 43.07
C VAL E 377 -4.08 -26.13 42.40
N TYR E 378 -2.88 -25.96 41.85
CA TYR E 378 -2.27 -27.04 41.11
C TYR E 378 -1.88 -28.17 42.03
N LEU E 379 -1.36 -27.84 43.19
CA LEU E 379 -0.94 -28.88 44.12
C LEU E 379 -2.13 -29.65 44.64
N LYS E 380 -3.24 -28.96 44.89
CA LYS E 380 -4.44 -29.63 45.33
C LYS E 380 -4.99 -30.54 44.25
N ILE E 381 -4.90 -30.08 43.00
CA ILE E 381 -5.29 -30.92 41.87
C ILE E 381 -4.50 -32.21 41.86
N ILE E 382 -3.19 -32.09 42.05
CA ILE E 382 -2.32 -33.25 42.07
C ILE E 382 -2.76 -34.21 43.16
N ASP E 383 -2.95 -33.69 44.37
CA ASP E 383 -3.37 -34.53 45.49
C ASP E 383 -4.68 -35.23 45.18
N ILE E 384 -5.61 -34.51 44.57
CA ILE E 384 -6.91 -35.05 44.24
C ILE E 384 -6.76 -36.20 43.26
N VAL E 385 -6.05 -35.95 42.16
CA VAL E 385 -5.83 -36.95 41.13
C VAL E 385 -5.23 -38.20 41.74
N GLN E 386 -4.07 -38.06 42.34
CA GLN E 386 -3.35 -39.20 42.86
C GLN E 386 -4.10 -39.89 43.99
N SER E 387 -4.99 -39.18 44.67
CA SER E 387 -5.84 -39.83 45.65
C SER E 387 -6.83 -40.77 44.99
N HIS E 388 -7.55 -40.28 44.00
CA HIS E 388 -8.60 -41.04 43.35
C HIS E 388 -8.08 -42.22 42.55
N GLY E 389 -6.78 -42.37 42.42
CA GLY E 389 -6.18 -43.54 41.81
C GLY E 389 -5.62 -43.30 40.44
N ALA E 390 -5.94 -42.18 39.82
CA ALA E 390 -5.44 -41.88 38.50
C ALA E 390 -4.00 -41.41 38.60
N ASP E 391 -3.48 -40.92 37.49
CA ASP E 391 -2.18 -40.29 37.46
C ASP E 391 -2.07 -39.57 36.14
N PHE E 392 -1.20 -38.58 36.11
CA PHE E 392 -1.02 -37.81 34.91
C PHE E 392 -0.41 -38.65 33.81
N ALA E 393 -0.45 -38.12 32.61
CA ALA E 393 -0.06 -38.83 31.42
C ALA E 393 1.15 -38.17 30.79
N PHE E 394 2.14 -38.97 30.51
CA PHE E 394 3.21 -38.55 29.65
C PHE E 394 2.76 -38.88 28.25
N PRO E 395 3.49 -38.49 27.25
CA PRO E 395 3.21 -38.99 25.91
C PRO E 395 3.37 -40.49 25.85
N SER E 396 2.88 -41.10 24.79
CA SER E 396 2.70 -42.53 24.78
C SER E 396 2.83 -43.04 23.35
N GLN E 397 3.16 -44.31 23.25
CA GLN E 397 3.38 -44.96 21.96
C GLN E 397 3.13 -46.44 22.12
N THR E 398 2.91 -47.09 20.98
CA THR E 398 2.77 -48.53 20.90
C THR E 398 3.81 -49.00 19.90
N LEU E 399 4.75 -49.81 20.36
CA LEU E 399 5.86 -50.23 19.55
C LEU E 399 5.65 -51.66 19.10
N TYR E 400 5.58 -51.86 17.80
CA TYR E 400 5.39 -53.16 17.19
C TYR E 400 6.74 -53.61 16.67
N MET E 401 7.50 -54.26 17.56
CA MET E 401 8.85 -54.70 17.24
C MET E 401 8.85 -55.73 16.13
N ASP E 402 10.05 -55.96 15.61
CA ASP E 402 10.29 -56.95 14.57
C ASP E 402 11.74 -57.40 14.59
N UNK F 2 15.15 42.62 -48.11
CA UNK F 2 16.50 42.18 -48.46
C UNK F 2 17.41 42.09 -47.22
N UNK F 3 16.93 42.57 -46.08
CA UNK F 3 17.67 42.37 -44.83
C UNK F 3 17.48 40.96 -44.30
N UNK F 4 16.24 40.47 -44.32
CA UNK F 4 15.94 39.13 -43.81
C UNK F 4 16.69 38.06 -44.59
N UNK F 5 16.57 38.07 -45.92
CA UNK F 5 17.22 37.04 -46.72
C UNK F 5 18.74 37.16 -46.63
N UNK F 6 19.27 38.38 -46.56
CA UNK F 6 20.71 38.55 -46.47
C UNK F 6 21.25 37.99 -45.15
N UNK F 7 20.64 38.42 -44.03
CA UNK F 7 21.03 37.88 -42.74
C UNK F 7 20.73 36.40 -42.61
N UNK F 8 19.81 35.86 -43.41
CA UNK F 8 19.52 34.42 -43.36
C UNK F 8 20.58 33.60 -44.09
N UNK F 9 20.93 34.01 -45.31
CA UNK F 9 22.04 33.38 -46.01
C UNK F 9 23.34 33.50 -45.21
N UNK F 10 23.52 34.64 -44.53
CA UNK F 10 24.70 34.80 -43.68
C UNK F 10 24.57 34.04 -42.36
N UNK F 11 23.35 33.79 -41.89
CA UNK F 11 23.15 33.06 -40.64
C UNK F 11 23.33 31.56 -40.83
N UNK F 12 23.07 31.05 -42.02
CA UNK F 12 23.47 29.67 -42.31
C UNK F 12 24.97 29.50 -42.11
N UNK F 13 25.76 30.40 -42.71
CA UNK F 13 27.21 30.36 -42.53
C UNK F 13 27.60 30.66 -41.09
N UNK F 14 26.82 31.49 -40.39
CA UNK F 14 27.13 31.79 -39.00
C UNK F 14 26.84 30.61 -38.10
N UNK F 15 25.83 29.80 -38.43
CA UNK F 15 25.59 28.57 -37.68
C UNK F 15 26.67 27.54 -37.98
N UNK F 16 27.21 27.54 -39.20
CA UNK F 16 28.39 26.72 -39.45
C UNK F 16 29.58 27.19 -38.61
N UNK F 17 29.78 28.51 -38.55
CA UNK F 17 30.83 29.07 -37.71
C UNK F 17 30.58 28.81 -36.23
N UNK F 18 29.31 28.63 -35.85
CA UNK F 18 28.98 28.31 -34.46
C UNK F 18 29.24 26.84 -34.15
N UNK F 19 28.84 25.96 -35.06
CA UNK F 19 29.21 24.54 -34.95
C UNK F 19 30.73 24.38 -34.92
N UNK F 20 31.45 25.32 -35.53
CA UNK F 20 32.90 25.35 -35.41
C UNK F 20 33.34 25.85 -34.03
N UNK F 21 32.94 27.08 -33.68
CA UNK F 21 33.37 27.75 -32.45
C UNK F 21 32.39 27.57 -31.30
N UNK F 22 31.11 27.81 -31.54
CA UNK F 22 30.11 27.78 -30.48
C UNK F 22 29.70 26.37 -30.09
N UNK F 23 30.08 25.35 -30.87
CA UNK F 23 29.81 23.98 -30.46
C UNK F 23 30.49 23.66 -29.14
N UNK F 24 31.66 24.25 -28.88
CA UNK F 24 32.25 24.19 -27.55
C UNK F 24 31.30 24.77 -26.51
N UNK F 25 30.60 25.86 -26.86
CA UNK F 25 29.63 26.46 -25.98
C UNK F 25 28.26 25.79 -26.04
N UNK F 26 28.00 24.97 -27.06
CA UNK F 26 26.68 24.36 -27.29
C UNK F 26 26.82 22.86 -27.51
N UNK F 27 27.56 22.19 -26.63
CA UNK F 27 27.67 20.72 -26.63
C UNK F 27 26.83 20.19 -25.48
N UNK F 28 25.81 19.41 -25.82
CA UNK F 28 24.88 18.84 -24.85
C UNK F 28 25.07 17.34 -24.65
N UNK F 29 25.09 16.58 -25.74
CA UNK F 29 25.13 15.12 -25.70
C UNK F 29 25.78 14.62 -26.98
N UNK F 30 25.89 13.30 -27.10
CA UNK F 30 26.51 12.72 -28.29
C UNK F 30 25.58 12.82 -29.50
N UNK F 31 24.40 12.22 -29.39
CA UNK F 31 23.38 12.43 -30.44
C UNK F 31 23.04 13.90 -30.56
N UNK F 32 23.04 14.63 -29.44
CA UNK F 32 22.87 16.07 -29.51
C UNK F 32 24.11 16.79 -30.03
N UNK F 33 25.30 16.21 -29.90
CA UNK F 33 26.45 16.78 -30.61
C UNK F 33 26.26 16.64 -32.11
N UNK F 34 25.67 15.53 -32.55
CA UNK F 34 25.38 15.35 -33.97
C UNK F 34 24.32 16.34 -34.43
N UNK F 35 23.25 16.50 -33.64
CA UNK F 35 22.12 17.34 -34.01
C UNK F 35 22.25 18.77 -33.51
N UNK F 36 23.40 19.18 -32.98
CA UNK F 36 23.53 20.54 -32.48
C UNK F 36 23.46 21.56 -33.60
N UNK F 37 24.27 21.37 -34.65
CA UNK F 37 24.21 22.27 -35.79
C UNK F 37 22.86 22.20 -36.49
N UNK F 38 22.30 20.99 -36.59
CA UNK F 38 21.01 20.81 -37.23
C UNK F 38 19.90 21.53 -36.46
N UNK F 39 19.96 21.46 -35.12
CA UNK F 39 18.94 22.10 -34.30
C UNK F 39 19.13 23.61 -34.27
N UNK F 40 20.36 24.08 -34.27
CA UNK F 40 20.61 25.50 -34.40
C UNK F 40 20.04 26.02 -35.72
N UNK F 41 20.28 25.29 -36.82
CA UNK F 41 19.70 25.67 -38.10
C UNK F 41 18.18 25.60 -38.05
N UNK F 42 17.64 24.61 -37.35
CA UNK F 42 16.19 24.44 -37.26
C UNK F 42 15.55 25.63 -36.54
N UNK F 43 16.09 26.00 -35.39
CA UNK F 43 15.54 27.13 -34.64
C UNK F 43 15.77 28.43 -35.37
N UNK F 44 16.91 28.57 -36.07
CA UNK F 44 17.13 29.76 -36.87
C UNK F 44 16.12 29.87 -38.01
N UNK F 45 15.81 28.73 -38.65
CA UNK F 45 14.81 28.73 -39.71
C UNK F 45 13.43 29.04 -39.16
N UNK F 46 13.12 28.52 -37.97
CA UNK F 46 11.85 28.84 -37.34
C UNK F 46 11.77 30.33 -37.02
N UNK F 47 12.86 30.91 -36.55
CA UNK F 47 12.89 32.35 -36.27
C UNK F 47 12.71 33.16 -37.55
N UNK F 48 13.37 32.74 -38.63
CA UNK F 48 13.22 33.42 -39.91
C UNK F 48 11.78 33.39 -40.39
N UNK F 49 11.17 32.21 -40.37
CA UNK F 49 9.77 32.08 -40.77
C UNK F 49 8.86 32.92 -39.89
N UNK F 50 9.13 32.94 -38.58
CA UNK F 50 8.26 33.66 -37.65
C UNK F 50 8.33 35.16 -37.90
N UNK F 51 9.54 35.71 -37.98
CA UNK F 51 9.69 37.15 -38.15
C UNK F 51 9.55 37.60 -39.60
N UNK F 52 9.39 36.67 -40.55
CA UNK F 52 8.97 37.03 -41.91
C UNK F 52 7.46 36.99 -42.07
N UNK F 53 6.79 36.06 -41.38
CA UNK F 53 5.38 35.82 -41.59
C UNK F 53 4.54 37.04 -41.24
N UNK F 54 4.58 37.46 -39.98
CA UNK F 54 3.76 38.57 -39.52
C UNK F 54 4.07 39.86 -40.28
N UNK F 55 5.31 40.04 -40.71
CA UNK F 55 5.70 41.27 -41.40
C UNK F 55 5.19 41.28 -42.84
N UNK F 56 5.64 40.32 -43.65
CA UNK F 56 5.26 40.32 -45.06
C UNK F 56 3.79 39.97 -45.27
N UNK F 57 3.14 39.35 -44.28
CA UNK F 57 1.70 39.18 -44.34
C UNK F 57 1.00 40.51 -44.10
N UNK F 58 1.59 41.38 -43.28
CA UNK F 58 0.95 42.64 -42.94
C UNK F 58 1.05 43.65 -44.07
N UNK F 59 2.20 43.71 -44.75
CA UNK F 59 2.42 44.73 -45.77
C UNK F 59 1.42 44.61 -46.91
N UNK F 60 1.43 43.47 -47.61
CA UNK F 60 0.47 43.25 -48.69
C UNK F 60 -0.96 43.25 -48.17
N UNK F 61 -1.17 42.92 -46.89
CA UNK F 61 -2.50 43.00 -46.31
C UNK F 61 -3.02 44.42 -46.24
N UNK F 62 -2.15 45.43 -46.37
CA UNK F 62 -2.60 46.81 -46.44
C UNK F 62 -3.51 47.05 -47.64
N UNK F 63 -3.32 46.29 -48.72
CA UNK F 63 -4.12 46.38 -49.93
C UNK F 63 -4.75 45.03 -50.27
N UNK F 64 -5.20 44.30 -49.25
CA UNK F 64 -5.89 43.02 -49.44
C UNK F 64 -6.96 42.90 -48.36
N UNK F 65 -7.65 41.77 -48.35
CA UNK F 65 -8.88 41.65 -47.57
C UNK F 65 -8.59 41.44 -46.09
N UNK F 66 -7.90 40.34 -45.75
CA UNK F 66 -7.69 40.01 -44.35
C UNK F 66 -6.45 39.12 -44.22
N UNK F 67 -5.76 39.27 -43.08
CA UNK F 67 -4.56 38.50 -42.77
C UNK F 67 -4.75 37.64 -41.54
N UNK F 68 -5.96 37.09 -41.36
CA UNK F 68 -6.26 36.33 -40.15
C UNK F 68 -5.64 34.94 -40.21
N ASP F 147 -2.74 33.70 -41.11
CA ASP F 147 -1.28 33.64 -41.20
C ASP F 147 -0.58 33.33 -39.89
N PHE F 148 -1.15 33.68 -38.74
CA PHE F 148 -0.61 33.14 -37.50
C PHE F 148 -0.75 31.63 -37.47
N ILE F 149 -1.89 31.12 -37.94
CA ILE F 149 -2.10 29.68 -38.03
C ILE F 149 -1.07 29.04 -38.96
N CYS F 150 -0.74 29.72 -40.06
CA CYS F 150 0.21 29.14 -41.00
C CYS F 150 1.62 29.17 -40.43
N THR F 151 2.00 30.28 -39.78
CA THR F 151 3.27 30.35 -39.06
C THR F 151 3.37 29.21 -38.06
N SER F 152 2.32 29.01 -37.27
CA SER F 152 2.29 27.92 -36.29
C SER F 152 2.50 26.57 -36.95
N LEU F 153 1.68 26.28 -37.97
CA LEU F 153 1.70 25.00 -38.65
C LEU F 153 3.09 24.71 -39.22
N ILE F 154 3.60 25.63 -40.03
CA ILE F 154 4.92 25.46 -40.64
C ILE F 154 5.99 25.27 -39.57
N ALA F 155 5.94 26.14 -38.56
CA ALA F 155 7.01 26.21 -37.57
C ALA F 155 7.12 24.90 -36.80
N VAL F 156 5.99 24.25 -36.53
CA VAL F 156 6.08 22.98 -35.82
C VAL F 156 6.32 21.80 -36.76
N ILE F 157 5.72 21.78 -37.96
CA ILE F 157 5.90 20.59 -38.79
C ILE F 157 7.33 20.50 -39.29
N LEU F 158 8.01 21.62 -39.46
CA LEU F 158 9.41 21.56 -39.89
C LEU F 158 10.26 20.86 -38.84
N THR F 159 10.25 21.40 -37.61
CA THR F 159 11.00 20.80 -36.53
C THR F 159 10.56 19.36 -36.26
N ILE F 160 9.28 19.07 -36.46
CA ILE F 160 8.78 17.73 -36.21
C ILE F 160 9.25 16.78 -37.30
N LYS F 161 9.35 17.25 -38.53
CA LYS F 161 9.95 16.42 -39.58
C LYS F 161 11.39 16.10 -39.25
N LEU F 162 12.14 17.12 -38.81
CA LEU F 162 13.52 16.91 -38.35
C LEU F 162 13.57 15.83 -37.28
N PHE F 163 12.74 15.94 -36.26
CA PHE F 163 12.84 15.04 -35.11
C PHE F 163 12.30 13.65 -35.44
N LEU F 164 11.28 13.57 -36.29
CA LEU F 164 10.82 12.27 -36.77
C LEU F 164 11.92 11.55 -37.53
N LEU F 165 12.65 12.28 -38.38
CA LEU F 165 13.76 11.65 -39.08
C LEU F 165 14.87 11.26 -38.12
N ILE F 166 15.09 12.06 -37.08
CA ILE F 166 16.08 11.70 -36.07
C ILE F 166 15.66 10.42 -35.36
N ASN F 167 14.36 10.21 -35.17
CA ASN F 167 13.89 8.97 -34.57
C ASN F 167 14.02 7.79 -35.53
N GLN F 168 13.85 8.04 -36.83
CA GLN F 168 14.14 6.99 -37.81
C GLN F 168 15.61 6.60 -37.76
N PHE F 169 16.49 7.59 -37.61
CA PHE F 169 17.91 7.29 -37.47
C PHE F 169 18.19 6.55 -36.19
N GLU F 170 17.50 6.90 -35.11
CA GLU F 170 17.60 6.13 -33.87
C GLU F 170 17.21 4.69 -34.12
N LYS F 171 16.07 4.48 -34.77
CA LYS F 171 15.63 3.13 -35.11
C LYS F 171 16.71 2.38 -35.86
N GLN F 172 17.31 3.00 -36.87
CA GLN F 172 18.37 2.34 -37.62
C GLN F 172 19.56 1.99 -36.73
N GLN F 173 19.89 2.86 -35.77
CA GLN F 173 20.92 2.52 -34.80
C GLN F 173 20.51 1.33 -33.95
N ILE F 174 19.21 1.22 -33.63
CA ILE F 174 18.70 0.09 -32.89
C ILE F 174 18.66 -1.17 -33.75
N LYS F 175 18.67 -1.02 -35.08
CA LYS F 175 18.43 -2.14 -35.98
C LYS F 175 19.62 -3.07 -36.05
N LYS F 176 20.82 -2.57 -35.79
CA LYS F 176 22.03 -3.36 -35.98
C LYS F 176 22.01 -4.61 -35.11
N GLY F 177 21.56 -4.47 -33.85
CA GLY F 177 21.65 -5.54 -32.87
C GLY F 177 20.32 -6.06 -32.37
N ARG F 178 19.23 -5.76 -33.09
CA ARG F 178 17.89 -6.13 -32.65
C ARG F 178 17.09 -6.50 -33.90
N ASP F 179 15.76 -6.56 -33.75
CA ASP F 179 14.86 -7.13 -34.73
C ASP F 179 14.05 -6.03 -35.41
N ILE F 180 13.31 -6.43 -36.43
CA ILE F 180 12.46 -5.50 -37.17
C ILE F 180 11.13 -5.30 -36.46
N THR F 181 10.60 -6.37 -35.87
CA THR F 181 9.30 -6.31 -35.20
C THR F 181 9.34 -5.29 -34.07
N SER F 182 10.24 -5.55 -33.12
CA SER F 182 10.39 -4.70 -31.95
C SER F 182 10.83 -3.28 -32.30
N ALA F 183 11.77 -3.13 -33.24
CA ALA F 183 12.23 -1.80 -33.60
C ALA F 183 11.11 -1.00 -34.26
N ARG F 184 10.30 -1.66 -35.09
CA ARG F 184 9.13 -1.00 -35.66
C ARG F 184 8.16 -0.56 -34.57
N ILE F 185 7.87 -1.46 -33.62
CA ILE F 185 6.93 -1.13 -32.56
C ILE F 185 7.45 0.03 -31.72
N MET F 186 8.74 -0.01 -31.39
CA MET F 186 9.37 1.05 -30.62
C MET F 186 9.38 2.35 -31.39
N SER F 187 9.51 2.27 -32.72
CA SER F 187 9.39 3.45 -33.56
C SER F 187 8.02 4.07 -33.42
N ARG F 188 6.97 3.25 -33.60
CA ARG F 188 5.60 3.72 -33.39
C ARG F 188 5.44 4.39 -32.04
N ILE F 189 6.01 3.78 -31.00
CA ILE F 189 5.84 4.28 -29.65
C ILE F 189 6.48 5.65 -29.49
N ILE F 190 7.75 5.77 -29.89
CA ILE F 190 8.44 7.05 -29.71
C ILE F 190 7.81 8.11 -30.60
N LYS F 191 7.33 7.73 -31.78
CA LYS F 191 6.68 8.68 -32.68
C LYS F 191 5.43 9.25 -32.04
N ILE F 192 4.55 8.38 -31.55
CA ILE F 192 3.35 8.82 -30.86
C ILE F 192 3.73 9.73 -29.69
N THR F 193 4.74 9.33 -28.92
CA THR F 193 5.12 10.10 -27.73
C THR F 193 5.58 11.50 -28.10
N ILE F 194 6.30 11.63 -29.20
CA ILE F 194 6.85 12.93 -29.55
C ILE F 194 5.79 13.80 -30.21
N ILE F 195 4.87 13.22 -30.99
CA ILE F 195 3.87 14.07 -31.63
C ILE F 195 2.86 14.57 -30.61
N VAL F 196 2.47 13.71 -29.68
CA VAL F 196 1.44 14.06 -28.72
C VAL F 196 1.81 15.27 -27.87
N VAL F 197 3.07 15.34 -27.51
CA VAL F 197 3.56 16.43 -26.66
C VAL F 197 3.41 17.77 -27.36
N LEU F 198 3.84 17.83 -28.62
CA LEU F 198 3.82 19.09 -29.32
C LEU F 198 2.42 19.46 -29.78
N VAL F 199 1.57 18.46 -29.96
CA VAL F 199 0.17 18.68 -30.25
C VAL F 199 -0.48 19.32 -29.01
N LEU F 200 -0.08 18.82 -27.83
CA LEU F 200 -0.61 19.30 -26.57
C LEU F 200 -0.18 20.74 -26.32
N LEU F 201 1.11 21.01 -26.55
CA LEU F 201 1.63 22.37 -26.39
C LEU F 201 1.12 23.41 -27.41
N TYR F 202 1.06 23.04 -28.69
CA TYR F 202 0.67 23.96 -29.74
C TYR F 202 -0.76 23.74 -30.22
N GLY F 203 -1.51 22.85 -29.57
CA GLY F 203 -2.92 22.73 -29.89
C GLY F 203 -3.69 24.01 -29.64
N GLU F 204 -3.27 24.79 -28.64
CA GLU F 204 -3.85 26.10 -28.40
C GLU F 204 -3.15 27.19 -29.20
N HIS F 205 -1.92 26.94 -29.67
CA HIS F 205 -1.34 27.77 -30.72
C HIS F 205 -2.19 27.67 -31.98
N PHE F 206 -2.81 26.51 -32.20
CA PHE F 206 -3.89 26.40 -33.17
C PHE F 206 -5.18 26.96 -32.58
N GLY F 207 -5.40 26.72 -31.29
CA GLY F 207 -6.49 27.34 -30.55
C GLY F 207 -7.65 26.38 -30.42
N MET F 208 -7.34 25.09 -30.30
CA MET F 208 -8.34 24.03 -30.41
C MET F 208 -8.54 23.40 -29.04
N SER F 209 -9.56 23.88 -28.32
CA SER F 209 -10.06 23.30 -27.06
C SER F 209 -8.91 23.07 -26.07
N LEU F 210 -8.39 24.21 -25.60
CA LEU F 210 -7.27 24.22 -24.66
C LEU F 210 -7.46 23.25 -23.50
N SER F 211 -8.55 23.39 -22.76
CA SER F 211 -8.66 22.69 -21.50
C SER F 211 -8.99 21.20 -21.69
N GLY F 212 -9.60 20.85 -22.81
CA GLY F 212 -9.70 19.43 -23.14
C GLY F 212 -8.33 18.80 -23.33
N LEU F 213 -7.46 19.52 -24.02
CA LEU F 213 -6.09 19.06 -24.22
C LEU F 213 -5.41 18.97 -22.85
N LEU F 214 -5.68 19.96 -22.00
CA LEU F 214 -5.13 19.98 -20.66
C LEU F 214 -5.50 18.72 -19.88
N THR F 215 -6.78 18.36 -19.92
CA THR F 215 -7.24 17.14 -19.27
C THR F 215 -6.54 15.92 -19.84
N PHE F 216 -6.49 15.84 -21.18
CA PHE F 216 -5.84 14.73 -21.87
C PHE F 216 -4.43 14.52 -21.35
N GLY F 217 -3.61 15.57 -21.41
CA GLY F 217 -2.25 15.47 -20.95
C GLY F 217 -2.16 15.17 -19.46
N GLY F 218 -3.09 15.73 -18.69
CA GLY F 218 -3.04 15.55 -17.26
C GLY F 218 -3.23 14.10 -16.86
N ILE F 219 -4.26 13.46 -17.41
CA ILE F 219 -4.53 12.08 -17.03
C ILE F 219 -3.47 11.15 -17.62
N GLY F 220 -3.02 11.44 -18.84
CA GLY F 220 -1.95 10.63 -19.43
C GLY F 220 -0.71 10.63 -18.57
N GLY F 221 -0.19 11.82 -18.28
CA GLY F 221 0.99 11.91 -17.45
C GLY F 221 0.77 11.41 -16.04
N LEU F 222 -0.48 11.50 -15.55
CA LEU F 222 -0.81 10.99 -14.21
C LEU F 222 -0.67 9.46 -14.11
N ALA F 223 -1.22 8.73 -15.07
CA ALA F 223 -1.03 7.28 -15.12
C ALA F 223 0.42 6.93 -15.37
N VAL F 224 1.08 7.70 -16.25
CA VAL F 224 2.48 7.46 -16.55
C VAL F 224 3.33 7.57 -15.29
N GLY F 225 3.03 8.53 -14.45
CA GLY F 225 3.80 8.70 -13.23
C GLY F 225 3.53 7.59 -12.24
N MET F 226 2.26 7.23 -12.08
CA MET F 226 1.90 6.16 -11.17
C MET F 226 2.55 4.85 -11.57
N ALA F 227 2.79 4.66 -12.86
CA ALA F 227 3.50 3.48 -13.32
C ALA F 227 5.00 3.60 -13.10
N GLY F 228 5.62 4.59 -13.73
CA GLY F 228 7.06 4.76 -13.70
C GLY F 228 7.66 5.13 -12.36
N LYS F 229 6.83 5.26 -11.32
CA LYS F 229 7.32 5.26 -9.94
C LYS F 229 8.37 4.19 -9.71
N ASP F 230 8.03 2.96 -10.09
CA ASP F 230 8.88 1.80 -9.85
C ASP F 230 10.28 1.99 -10.41
N ILE F 231 10.40 2.68 -11.53
CA ILE F 231 11.66 2.81 -12.23
C ILE F 231 12.43 4.04 -11.76
N LEU F 232 11.73 5.15 -11.61
CA LEU F 232 12.40 6.35 -11.17
C LEU F 232 12.93 6.20 -9.76
N SER F 233 12.26 5.40 -8.94
CA SER F 233 12.82 5.08 -7.63
C SER F 233 14.17 4.41 -7.78
N ASN F 234 14.28 3.48 -8.71
CA ASN F 234 15.56 2.81 -8.96
C ASN F 234 16.60 3.82 -9.39
N PHE F 235 16.23 4.74 -10.25
CA PHE F 235 17.21 5.68 -10.80
C PHE F 235 17.69 6.65 -9.73
N PHE F 236 16.77 7.21 -8.97
CA PHE F 236 17.14 8.15 -7.91
C PHE F 236 17.96 7.47 -6.85
N SER F 237 17.64 6.23 -6.53
CA SER F 237 18.46 5.54 -5.56
C SER F 237 19.82 5.23 -6.13
N GLY F 238 19.92 5.01 -7.44
CA GLY F 238 21.22 4.90 -8.07
C GLY F 238 22.04 6.15 -7.89
N ILE F 239 21.39 7.29 -7.95
CA ILE F 239 22.08 8.55 -7.72
C ILE F 239 22.55 8.64 -6.27
N MET F 240 21.69 8.30 -5.33
CA MET F 240 22.10 8.36 -3.93
C MET F 240 23.29 7.46 -3.68
N LEU F 241 23.31 6.29 -4.30
CA LEU F 241 24.47 5.42 -4.20
C LEU F 241 25.68 6.05 -4.84
N TYR F 242 25.48 6.80 -5.93
CA TYR F 242 26.59 7.49 -6.58
C TYR F 242 27.24 8.46 -5.63
N PHE F 243 26.45 9.12 -4.79
CA PHE F 243 27.01 10.08 -3.84
C PHE F 243 27.25 9.43 -2.49
N ASP F 244 26.21 8.90 -1.86
CA ASP F 244 26.36 8.18 -0.61
C ASP F 244 26.90 6.79 -0.91
N ARG F 245 28.01 6.45 -0.30
CA ARG F 245 28.67 5.17 -0.55
C ARG F 245 28.51 4.26 0.66
N PRO F 246 27.35 3.64 0.82
CA PRO F 246 27.23 2.64 1.90
C PRO F 246 28.15 1.47 1.67
N PHE F 247 28.28 1.07 0.42
CA PHE F 247 29.20 0.04 0.01
C PHE F 247 29.96 0.51 -1.21
N SER F 248 30.83 -0.36 -1.67
CA SER F 248 31.62 -0.14 -2.86
C SER F 248 31.82 -1.50 -3.50
N ILE F 249 32.77 -1.58 -4.40
CA ILE F 249 32.98 -2.80 -5.16
C ILE F 249 33.92 -3.72 -4.40
N GLY F 250 33.67 -5.01 -4.51
CA GLY F 250 34.37 -6.00 -3.74
C GLY F 250 33.85 -6.21 -2.35
N ASP F 251 32.86 -5.43 -1.94
CA ASP F 251 32.38 -5.46 -0.57
C ASP F 251 31.26 -6.47 -0.47
N TRP F 252 31.55 -7.58 0.20
CA TRP F 252 30.53 -8.53 0.59
C TRP F 252 29.41 -7.80 1.31
N ILE F 253 28.20 -8.14 0.91
CA ILE F 253 26.98 -7.50 1.36
C ILE F 253 26.04 -8.56 1.85
N ARG F 254 25.15 -8.18 2.74
CA ARG F 254 23.92 -8.91 2.94
C ARG F 254 22.90 -7.98 3.52
N SER F 255 21.66 -8.47 3.60
CA SER F 255 20.64 -7.82 4.34
C SER F 255 19.88 -8.87 5.14
N PRO F 256 19.51 -8.57 6.39
CA PRO F 256 18.65 -9.49 7.12
C PRO F 256 17.28 -9.61 6.51
N ASP F 257 16.83 -8.58 5.82
CA ASP F 257 15.47 -8.50 5.33
C ASP F 257 15.28 -9.15 3.98
N ARG F 258 16.35 -9.49 3.28
CA ARG F 258 16.25 -10.00 1.92
C ARG F 258 17.50 -10.78 1.57
N ASN F 259 17.37 -11.64 0.58
CA ASN F 259 18.51 -12.37 0.06
C ASN F 259 19.16 -11.53 -1.02
N ILE F 260 20.33 -11.00 -0.69
CA ILE F 260 21.14 -10.19 -1.58
C ILE F 260 22.57 -10.71 -1.57
N GLU F 261 22.85 -11.67 -0.70
CA GLU F 261 24.18 -11.89 -0.19
C GLU F 261 25.17 -12.25 -1.29
N GLY F 262 26.08 -11.34 -1.56
CA GLY F 262 27.12 -11.58 -2.52
C GLY F 262 28.05 -10.40 -2.57
N THR F 263 29.16 -10.61 -3.26
CA THR F 263 30.11 -9.54 -3.50
C THR F 263 29.62 -8.68 -4.63
N VAL F 264 29.62 -7.37 -4.41
CA VAL F 264 29.32 -6.45 -5.48
C VAL F 264 30.36 -6.59 -6.56
N ALA F 265 29.90 -6.51 -7.80
CA ALA F 265 30.75 -6.52 -8.97
C ALA F 265 30.58 -5.29 -9.81
N GLU F 266 29.41 -4.66 -9.77
CA GLU F 266 29.20 -3.48 -10.57
C GLU F 266 28.00 -2.72 -10.02
N ILE F 267 28.13 -1.40 -10.05
CA ILE F 267 27.02 -0.52 -9.76
C ILE F 267 26.47 -0.03 -11.08
N GLY F 268 25.21 0.37 -11.06
CA GLY F 268 24.57 0.93 -12.21
C GLY F 268 23.69 2.07 -11.80
N TRP F 269 22.93 2.59 -12.75
CA TRP F 269 22.01 3.68 -12.49
C TRP F 269 20.66 3.16 -12.06
N ARG F 270 20.26 2.05 -12.66
CA ARG F 270 19.06 1.34 -12.27
C ARG F 270 19.35 0.24 -11.28
N ILE F 271 20.36 -0.58 -11.57
CA ILE F 271 20.58 -1.82 -10.88
C ILE F 271 22.04 -1.95 -10.46
N THR F 272 22.30 -3.04 -9.77
CA THR F 272 23.62 -3.48 -9.38
C THR F 272 23.79 -4.94 -9.79
N LYS F 273 25.02 -5.27 -10.16
CA LYS F 273 25.35 -6.62 -10.50
C LYS F 273 26.23 -7.19 -9.39
N ILE F 274 25.63 -8.05 -8.58
CA ILE F 274 26.29 -8.76 -7.51
C ILE F 274 26.66 -10.13 -8.03
N THR F 275 27.74 -10.70 -7.50
CA THR F 275 28.02 -12.11 -7.63
C THR F 275 27.76 -12.77 -6.30
N THR F 276 26.89 -13.78 -6.30
CA THR F 276 26.69 -14.57 -5.11
C THR F 276 27.93 -15.40 -4.85
N PHE F 277 27.85 -16.18 -3.79
CA PHE F 277 28.86 -17.16 -3.48
C PHE F 277 28.62 -18.48 -4.20
N ASP F 278 27.60 -18.55 -5.04
CA ASP F 278 27.47 -19.58 -6.04
C ASP F 278 28.20 -19.24 -7.33
N ASN F 279 28.91 -18.11 -7.36
CA ASN F 279 29.44 -17.53 -8.58
C ASN F 279 28.35 -17.24 -9.60
N ARG F 280 27.16 -16.98 -9.12
CA ARG F 280 26.02 -16.60 -9.94
C ARG F 280 25.83 -15.10 -9.90
N PRO F 281 25.46 -14.46 -10.99
CA PRO F 281 25.10 -13.05 -10.91
C PRO F 281 23.69 -12.83 -10.41
N LEU F 282 23.50 -11.67 -9.82
CA LEU F 282 22.24 -11.24 -9.26
C LEU F 282 22.08 -9.77 -9.60
N TYR F 283 21.02 -9.47 -10.33
CA TYR F 283 20.73 -8.13 -10.80
C TYR F 283 19.69 -7.54 -9.87
N VAL F 284 20.10 -6.59 -9.06
CA VAL F 284 19.29 -6.05 -7.98
C VAL F 284 18.88 -4.64 -8.35
N PRO F 285 17.63 -4.24 -8.16
CA PRO F 285 17.25 -2.84 -8.36
C PRO F 285 17.59 -1.97 -7.17
N ASN F 286 17.96 -0.74 -7.47
CA ASN F 286 18.50 0.16 -6.47
C ASN F 286 17.47 0.82 -5.61
N SER F 287 16.18 0.75 -5.95
CA SER F 287 15.15 1.25 -5.06
C SER F 287 15.17 0.52 -3.74
N LEU F 288 15.59 -0.72 -3.77
CA LEU F 288 15.58 -1.58 -2.61
C LEU F 288 16.51 -1.07 -1.53
N PHE F 289 17.64 -0.47 -1.91
CA PHE F 289 18.61 -0.01 -0.93
C PHE F 289 18.16 1.21 -0.16
N SER F 290 17.11 1.89 -0.61
CA SER F 290 16.56 3.03 0.09
C SER F 290 15.42 2.66 1.03
N SER F 291 15.03 1.38 1.05
CA SER F 291 13.93 0.90 1.88
C SER F 291 14.41 -0.12 2.90
N ILE F 292 15.68 -0.49 2.86
CA ILE F 292 16.13 -1.73 3.45
C ILE F 292 17.46 -1.51 4.13
N SER F 293 17.68 -2.26 5.20
CA SER F 293 18.91 -2.20 5.95
C SER F 293 19.95 -3.07 5.26
N VAL F 294 21.18 -2.57 5.22
CA VAL F 294 22.26 -3.18 4.47
C VAL F 294 23.40 -3.40 5.42
N GLU F 295 24.03 -4.56 5.33
CA GLU F 295 25.14 -4.95 6.16
C GLU F 295 26.32 -5.22 5.27
N ASN F 296 27.44 -4.60 5.57
CA ASN F 296 28.64 -4.71 4.76
C ASN F 296 29.72 -5.41 5.57
N PRO F 297 29.64 -6.72 5.72
CA PRO F 297 30.66 -7.44 6.46
C PRO F 297 32.03 -7.35 5.86
N GLY F 298 32.13 -6.98 4.59
CA GLY F 298 33.44 -6.81 4.00
C GLY F 298 34.23 -5.69 4.61
N ARG F 299 33.57 -4.76 5.28
CA ARG F 299 34.24 -3.70 6.00
C ARG F 299 34.60 -4.07 7.42
N MET F 300 34.18 -5.24 7.89
CA MET F 300 34.28 -5.51 9.30
C MET F 300 35.73 -5.68 9.73
N THR F 301 35.88 -5.91 11.03
CA THR F 301 37.16 -5.86 11.71
C THR F 301 37.59 -7.22 12.19
N ASN F 302 36.67 -7.93 12.81
CA ASN F 302 36.93 -9.16 13.51
C ASN F 302 35.77 -10.10 13.24
N ARG F 303 36.01 -11.37 13.46
CA ARG F 303 35.01 -12.39 13.15
C ARG F 303 34.65 -13.16 14.39
N ARG F 304 33.40 -13.54 14.48
CA ARG F 304 32.86 -14.05 15.72
C ARG F 304 32.90 -15.55 15.77
N ILE F 305 33.02 -16.06 16.97
CA ILE F 305 32.92 -17.47 17.29
C ILE F 305 31.83 -17.62 18.33
N THR F 306 30.93 -18.55 18.09
CA THR F 306 29.79 -18.76 18.98
C THR F 306 29.51 -20.25 19.05
N THR F 307 29.36 -20.77 20.26
CA THR F 307 28.93 -22.15 20.40
C THR F 307 28.12 -22.32 21.66
N THR F 308 27.53 -23.50 21.77
CA THR F 308 26.89 -23.99 22.98
C THR F 308 27.43 -25.37 23.25
N ILE F 309 28.21 -25.48 24.32
CA ILE F 309 28.71 -26.75 24.80
C ILE F 309 27.58 -27.39 25.59
N GLY F 310 27.02 -28.46 25.04
CA GLY F 310 25.94 -29.14 25.69
C GLY F 310 26.40 -30.29 26.53
N LEU F 311 26.57 -30.04 27.82
CA LEU F 311 26.92 -31.06 28.77
C LEU F 311 25.66 -31.71 29.33
N ARG F 312 25.87 -32.63 30.25
CA ARG F 312 24.83 -33.38 30.90
C ARG F 312 24.58 -32.85 32.30
N TYR F 313 23.41 -33.17 32.82
CA TYR F 313 23.09 -32.77 34.18
C TYR F 313 23.93 -33.52 35.21
N GLU F 314 24.51 -34.65 34.81
CA GLU F 314 25.43 -35.36 35.69
C GLU F 314 26.68 -34.56 35.93
N ASP F 315 27.08 -33.74 34.96
CA ASP F 315 28.34 -33.04 34.97
C ASP F 315 28.22 -31.65 35.54
N ALA F 316 27.22 -31.40 36.37
CA ALA F 316 26.97 -30.07 36.89
C ALA F 316 28.05 -29.64 37.85
N ALA F 317 28.61 -30.58 38.60
CA ALA F 317 29.65 -30.23 39.56
C ALA F 317 30.91 -29.75 38.90
N LYS F 318 31.10 -30.07 37.62
CA LYS F 318 32.33 -29.80 36.90
C LYS F 318 32.24 -28.56 36.04
N VAL F 319 31.20 -27.77 36.19
CA VAL F 319 30.93 -26.73 35.21
C VAL F 319 31.81 -25.52 35.46
N GLY F 320 31.97 -25.14 36.72
CA GLY F 320 32.77 -23.97 37.02
C GLY F 320 34.20 -24.12 36.54
N VAL F 321 34.77 -25.30 36.73
CA VAL F 321 36.17 -25.49 36.42
C VAL F 321 36.36 -25.70 34.92
N ILE F 322 35.44 -26.37 34.26
CA ILE F 322 35.46 -26.46 32.81
C ILE F 322 35.43 -25.08 32.21
N VAL F 323 34.49 -24.27 32.66
CA VAL F 323 34.32 -22.91 32.19
C VAL F 323 35.60 -22.12 32.38
N GLU F 324 36.19 -22.21 33.56
CA GLU F 324 37.39 -21.44 33.82
C GLU F 324 38.54 -21.91 32.96
N ALA F 325 38.62 -23.21 32.69
CA ALA F 325 39.67 -23.74 31.84
C ALA F 325 39.52 -23.25 30.41
N VAL F 326 38.30 -23.32 29.90
CA VAL F 326 38.01 -22.87 28.55
C VAL F 326 38.38 -21.41 28.40
N ARG F 327 37.94 -20.60 29.35
CA ARG F 327 38.27 -19.18 29.37
C ARG F 327 39.78 -18.97 29.33
N GLU F 328 40.50 -19.70 30.17
CA GLU F 328 41.93 -19.55 30.24
C GLU F 328 42.60 -19.98 28.94
N MET F 329 41.98 -20.90 28.22
CA MET F 329 42.53 -21.29 26.93
C MET F 329 42.35 -20.19 25.91
N LEU F 330 41.12 -19.74 25.72
CA LEU F 330 40.85 -18.67 24.76
C LEU F 330 41.69 -17.45 25.04
N LYS F 331 41.84 -17.12 26.31
CA LYS F 331 42.62 -15.98 26.71
C LYS F 331 44.10 -16.16 26.43
N ASN F 332 44.55 -17.38 26.17
CA ASN F 332 45.92 -17.67 25.81
C ASN F 332 46.02 -18.31 24.43
N HIS F 333 45.08 -18.05 23.58
CA HIS F 333 45.06 -18.50 22.20
C HIS F 333 45.54 -17.36 21.30
N PRO F 334 46.46 -17.59 20.37
CA PRO F 334 46.99 -16.47 19.59
C PRO F 334 45.98 -15.77 18.71
N ALA F 335 45.14 -16.55 18.03
CA ALA F 335 44.23 -16.02 17.03
C ALA F 335 43.12 -15.16 17.58
N ILE F 336 43.01 -15.06 18.87
CA ILE F 336 41.86 -14.46 19.51
C ILE F 336 42.18 -13.02 19.89
N ASP F 337 41.16 -12.18 19.87
CA ASP F 337 41.27 -10.77 20.19
C ASP F 337 40.68 -10.56 21.58
N GLN F 338 41.54 -10.25 22.54
CA GLN F 338 41.14 -10.14 23.92
C GLN F 338 40.58 -8.79 24.28
N ARG F 339 40.91 -7.76 23.50
CA ARG F 339 40.30 -6.45 23.71
C ARG F 339 38.81 -6.48 23.46
N GLN F 340 38.37 -7.33 22.56
CA GLN F 340 36.95 -7.50 22.29
C GLN F 340 36.35 -8.37 23.39
N THR F 341 35.13 -8.82 23.18
CA THR F 341 34.46 -9.59 24.20
C THR F 341 35.02 -10.99 24.25
N LEU F 342 34.82 -11.61 25.40
CA LEU F 342 35.25 -12.98 25.61
C LEU F 342 34.42 -13.53 26.75
N LEU F 343 33.44 -14.36 26.42
CA LEU F 343 32.43 -14.80 27.36
C LEU F 343 32.36 -16.30 27.33
N VAL F 344 32.55 -16.91 28.49
CA VAL F 344 32.29 -18.31 28.69
C VAL F 344 31.55 -18.40 30.00
N TYR F 345 30.29 -18.76 29.94
CA TYR F 345 29.44 -18.69 31.12
C TYR F 345 28.29 -19.65 30.92
N PHE F 346 27.99 -20.40 31.95
CA PHE F 346 26.81 -21.23 31.94
C PHE F 346 25.58 -20.34 31.95
N ASN F 347 24.82 -20.38 30.87
CA ASN F 347 23.77 -19.42 30.61
C ASN F 347 22.38 -20.01 30.58
N GLN F 348 22.23 -21.31 30.34
CA GLN F 348 20.91 -21.88 30.41
C GLN F 348 20.96 -23.37 30.66
N PHE F 349 19.92 -23.82 31.33
CA PHE F 349 19.48 -25.19 31.22
C PHE F 349 18.95 -25.44 29.83
N ALA F 350 18.63 -26.70 29.59
CA ALA F 350 17.99 -27.07 28.35
C ALA F 350 17.44 -28.48 28.51
N ASP F 351 16.47 -28.83 27.68
CA ASP F 351 16.03 -30.21 27.66
C ASP F 351 17.22 -31.07 27.29
N SER F 352 17.60 -31.96 28.19
CA SER F 352 18.66 -32.94 28.02
C SER F 352 20.06 -32.41 28.26
N SER F 353 20.25 -31.13 28.55
CA SER F 353 21.61 -30.65 28.63
C SER F 353 21.72 -29.35 29.40
N LEU F 354 22.95 -29.09 29.83
CA LEU F 354 23.38 -27.83 30.40
C LEU F 354 24.24 -27.15 29.37
N ASN F 355 23.89 -25.93 28.99
CA ASN F 355 24.48 -25.32 27.82
C ASN F 355 25.37 -24.19 28.26
N ILE F 356 26.65 -24.33 27.97
CA ILE F 356 27.63 -23.29 28.22
C ILE F 356 27.81 -22.52 26.93
N MET F 357 27.71 -21.22 27.02
CA MET F 357 27.93 -20.40 25.85
C MET F 357 29.40 -20.21 25.64
N VAL F 358 29.76 -19.96 24.40
CA VAL F 358 31.05 -19.41 24.05
C VAL F 358 30.78 -18.31 23.06
N TYR F 359 31.49 -17.20 23.22
CA TYR F 359 31.28 -15.99 22.45
C TYR F 359 32.62 -15.30 22.43
N CYS F 360 33.29 -15.35 21.29
CA CYS F 360 34.64 -14.82 21.15
C CYS F 360 34.85 -14.21 19.78
N PHE F 361 35.94 -13.46 19.65
CA PHE F 361 36.27 -12.79 18.41
C PHE F 361 37.69 -13.08 18.00
N THR F 362 37.85 -13.46 16.74
CA THR F 362 39.14 -13.56 16.11
C THR F 362 39.50 -12.24 15.46
N LYS F 363 40.79 -11.96 15.50
CA LYS F 363 41.35 -10.76 14.95
C LYS F 363 41.61 -10.84 13.45
N THR F 364 41.20 -11.92 12.80
CA THR F 364 41.16 -12.00 11.36
C THR F 364 39.79 -11.67 10.84
N THR F 365 39.73 -11.41 9.55
CA THR F 365 38.50 -11.33 8.81
C THR F 365 38.48 -12.32 7.68
N VAL F 366 39.50 -13.14 7.55
CA VAL F 366 39.59 -14.10 6.47
C VAL F 366 38.74 -15.30 6.83
N TRP F 367 38.12 -15.88 5.82
CA TRP F 367 37.22 -17.01 6.01
C TRP F 367 37.99 -18.21 6.52
N ALA F 368 39.08 -18.53 5.86
CA ALA F 368 39.79 -19.77 6.12
C ALA F 368 40.49 -19.74 7.46
N GLU F 369 41.13 -18.64 7.78
CA GLU F 369 41.86 -18.58 9.04
C GLU F 369 40.91 -18.57 10.21
N TRP F 370 39.80 -17.86 10.06
CA TRP F 370 38.73 -17.93 11.02
C TRP F 370 38.28 -19.36 11.24
N LEU F 371 38.11 -20.11 10.16
CA LEU F 371 37.62 -21.47 10.30
C LEU F 371 38.66 -22.37 10.95
N ALA F 372 39.93 -22.14 10.65
CA ALA F 372 40.98 -22.95 11.24
C ALA F 372 41.06 -22.70 12.74
N ALA F 373 40.92 -21.44 13.14
CA ALA F 373 40.92 -21.12 14.56
C ALA F 373 39.70 -21.71 15.24
N GLN F 374 38.54 -21.58 14.61
CA GLN F 374 37.34 -22.26 15.08
C GLN F 374 37.59 -23.72 15.34
N GLN F 375 38.25 -24.37 14.38
CA GLN F 375 38.62 -25.77 14.48
C GLN F 375 39.43 -26.03 15.74
N ASP F 376 40.57 -25.35 15.85
CA ASP F 376 41.48 -25.59 16.97
C ASP F 376 40.80 -25.36 18.29
N VAL F 377 39.99 -24.32 18.36
CA VAL F 377 39.23 -24.00 19.56
C VAL F 377 38.32 -25.14 19.92
N TYR F 378 37.62 -25.68 18.94
CA TYR F 378 36.64 -26.72 19.22
C TYR F 378 37.31 -27.99 19.68
N LEU F 379 38.43 -28.33 19.05
CA LEU F 379 39.12 -29.55 19.43
C LEU F 379 39.70 -29.43 20.82
N LYS F 380 40.22 -28.26 21.16
CA LYS F 380 40.74 -28.07 22.49
C LYS F 380 39.63 -28.13 23.52
N ILE F 381 38.46 -27.60 23.18
CA ILE F 381 37.30 -27.70 24.06
C ILE F 381 36.98 -29.16 24.33
N ILE F 382 36.99 -29.96 23.29
CA ILE F 382 36.71 -31.38 23.43
C ILE F 382 37.70 -32.02 24.38
N ASP F 383 38.98 -31.77 24.15
CA ASP F 383 40.01 -32.35 25.00
C ASP F 383 39.83 -31.93 26.44
N ILE F 384 39.47 -30.66 26.66
CA ILE F 384 39.27 -30.13 27.99
C ILE F 384 38.12 -30.86 28.68
N VAL F 385 36.98 -30.90 28.00
CA VAL F 385 35.79 -31.56 28.53
C VAL F 385 36.11 -33.00 28.92
N GLN F 386 36.54 -33.79 27.94
CA GLN F 386 36.78 -35.19 28.18
C GLN F 386 37.90 -35.43 29.18
N SER F 387 38.80 -34.47 29.36
CA SER F 387 39.81 -34.59 30.40
C SER F 387 39.18 -34.49 31.77
N HIS F 388 38.39 -33.44 31.99
CA HIS F 388 37.80 -33.18 33.30
C HIS F 388 36.77 -34.21 33.71
N GLY F 389 36.42 -35.14 32.85
CA GLY F 389 35.56 -36.25 33.22
C GLY F 389 34.17 -36.17 32.66
N ALA F 390 33.78 -35.01 32.16
CA ALA F 390 32.45 -34.85 31.60
C ALA F 390 32.39 -35.47 30.22
N ASP F 391 31.30 -35.23 29.53
CA ASP F 391 31.15 -35.61 28.15
C ASP F 391 29.95 -34.88 27.61
N PHE F 392 29.93 -34.73 26.29
CA PHE F 392 28.84 -34.04 25.66
C PHE F 392 27.56 -34.82 25.79
N ALA F 393 26.46 -34.16 25.49
CA ALA F 393 25.13 -34.68 25.70
C ALA F 393 24.44 -34.86 24.38
N PHE F 394 23.89 -36.03 24.18
CA PHE F 394 22.94 -36.25 23.12
C PHE F 394 21.59 -35.89 23.69
N PRO F 395 20.57 -35.88 22.90
CA PRO F 395 19.23 -35.79 23.48
C PRO F 395 18.92 -36.97 24.38
N SER F 396 17.87 -36.87 25.16
CA SER F 396 17.69 -37.78 26.26
C SER F 396 16.20 -37.93 26.54
N GLN F 397 15.86 -39.06 27.15
CA GLN F 397 14.49 -39.39 27.45
C GLN F 397 14.47 -40.34 28.62
N THR F 398 13.29 -40.42 29.25
CA THR F 398 13.03 -41.37 30.32
C THR F 398 11.82 -42.18 29.89
N LEU F 399 12.01 -43.47 29.74
CA LEU F 399 10.98 -44.34 29.21
C LEU F 399 10.38 -45.15 30.33
N TYR F 400 9.08 -44.96 30.54
CA TYR F 400 8.33 -45.65 31.57
C TYR F 400 7.56 -46.77 30.88
N MET F 401 8.22 -47.91 30.75
CA MET F 401 7.64 -49.05 30.06
C MET F 401 6.39 -49.57 30.76
N ASP F 402 5.66 -50.41 30.04
CA ASP F 402 4.47 -51.07 30.56
C ASP F 402 4.21 -52.36 29.78
N UNK G 2 -14.79 30.47 -56.74
CA UNK G 2 -14.28 29.51 -57.71
C UNK G 2 -12.82 29.13 -57.43
N UNK G 3 -12.17 29.81 -56.48
CA UNK G 3 -10.84 29.40 -56.05
C UNK G 3 -10.93 28.21 -55.10
N UNK G 4 -11.86 28.27 -54.15
CA UNK G 4 -12.01 27.19 -53.17
C UNK G 4 -12.34 25.87 -53.85
N UNK G 5 -13.38 25.85 -54.68
CA UNK G 5 -13.79 24.61 -55.34
C UNK G 5 -12.72 24.11 -56.29
N UNK G 6 -12.03 25.02 -56.98
CA UNK G 6 -10.99 24.60 -57.92
C UNK G 6 -9.83 23.94 -57.17
N UNK G 7 -9.31 24.63 -56.16
CA UNK G 7 -8.24 24.05 -55.35
C UNK G 7 -8.70 22.82 -54.59
N UNK G 8 -10.01 22.65 -54.36
CA UNK G 8 -10.52 21.47 -53.67
C UNK G 8 -10.55 20.26 -54.60
N UNK G 9 -11.10 20.42 -55.80
CA UNK G 9 -11.05 19.36 -56.80
C UNK G 9 -9.61 19.00 -57.13
N UNK G 10 -8.72 20.00 -57.14
CA UNK G 10 -7.31 19.73 -57.39
C UNK G 10 -6.62 19.14 -56.16
N UNK G 11 -7.12 19.43 -54.95
CA UNK G 11 -6.53 18.90 -53.73
C UNK G 11 -6.91 17.46 -53.48
N UNK G 12 -8.07 17.02 -53.97
CA UNK G 12 -8.35 15.59 -53.99
C UNK G 12 -7.27 14.84 -54.77
N UNK G 13 -7.00 15.31 -55.99
CA UNK G 13 -5.93 14.71 -56.80
C UNK G 13 -4.56 14.90 -56.16
N UNK G 14 -4.36 16.01 -55.44
CA UNK G 14 -3.08 16.24 -54.78
C UNK G 14 -2.90 15.31 -53.59
N UNK G 15 -3.99 14.96 -52.90
CA UNK G 15 -3.90 13.97 -51.84
C UNK G 15 -3.67 12.58 -52.40
N UNK G 16 -4.19 12.30 -53.60
CA UNK G 16 -3.83 11.06 -54.28
C UNK G 16 -2.33 11.05 -54.62
N UNK G 17 -1.83 12.19 -55.13
CA UNK G 17 -0.41 12.32 -55.43
C UNK G 17 0.44 12.27 -54.16
N UNK G 18 -0.14 12.62 -53.01
CA UNK G 18 0.56 12.54 -51.74
C UNK G 18 0.59 11.11 -51.22
N UNK G 19 -0.53 10.41 -51.30
CA UNK G 19 -0.54 8.97 -51.01
C UNK G 19 0.41 8.22 -51.93
N UNK G 20 0.66 8.76 -53.12
CA UNK G 20 1.70 8.20 -53.99
C UNK G 20 3.09 8.56 -53.48
N UNK G 21 3.39 9.86 -53.39
CA UNK G 21 4.71 10.36 -53.05
C UNK G 21 4.88 10.66 -51.56
N UNK G 22 3.93 11.39 -50.96
CA UNK G 22 4.05 11.80 -49.56
C UNK G 22 3.73 10.69 -48.58
N UNK G 23 3.16 9.57 -49.03
CA UNK G 23 2.95 8.44 -48.14
C UNK G 23 4.28 7.94 -47.56
N UNK G 24 5.36 8.04 -48.34
CA UNK G 24 6.69 7.81 -47.79
C UNK G 24 6.97 8.78 -46.64
N UNK G 25 6.53 10.03 -46.78
CA UNK G 25 6.69 11.02 -45.74
C UNK G 25 5.60 10.95 -44.67
N UNK G 26 4.50 10.25 -44.93
CA UNK G 26 3.33 10.21 -44.05
C UNK G 26 2.89 8.77 -43.79
N UNK G 27 3.84 7.90 -43.46
CA UNK G 27 3.57 6.52 -43.06
C UNK G 27 3.73 6.43 -41.55
N UNK G 28 2.63 6.10 -40.86
CA UNK G 28 2.59 6.00 -39.41
C UNK G 28 2.49 4.56 -38.91
N UNK G 29 1.53 3.80 -39.43
CA UNK G 29 1.25 2.45 -38.96
C UNK G 29 0.62 1.67 -40.09
N UNK G 30 0.28 0.41 -39.83
CA UNK G 30 -0.33 -0.43 -40.86
C UNK G 30 -1.78 -0.03 -41.11
N UNK G 31 -2.62 -0.08 -40.08
CA UNK G 31 -3.97 0.45 -40.20
C UNK G 31 -3.93 1.93 -40.54
N UNK G 32 -2.93 2.65 -40.01
CA UNK G 32 -2.75 4.04 -40.40
C UNK G 32 -2.16 4.16 -41.80
N UNK G 33 -1.43 3.17 -42.30
CA UNK G 33 -1.06 3.19 -43.72
C UNK G 33 -2.31 3.07 -44.59
N UNK G 34 -3.28 2.27 -44.14
CA UNK G 34 -4.53 2.15 -44.88
C UNK G 34 -5.32 3.46 -44.81
N UNK G 35 -5.40 4.07 -43.63
CA UNK G 35 -6.19 5.27 -43.41
C UNK G 35 -5.40 6.56 -43.62
N UNK G 36 -4.17 6.49 -44.14
CA UNK G 36 -3.38 7.72 -44.32
C UNK G 36 -4.01 8.61 -45.38
N UNK G 37 -4.29 8.07 -46.56
CA UNK G 37 -4.93 8.85 -47.60
C UNK G 37 -6.32 9.29 -47.18
N UNK G 38 -7.05 8.41 -46.49
CA UNK G 38 -8.40 8.73 -46.04
C UNK G 38 -8.38 9.86 -45.01
N UNK G 39 -7.39 9.85 -44.10
CA UNK G 39 -7.29 10.88 -43.09
C UNK G 39 -6.80 12.20 -43.68
N UNK G 40 -5.87 12.12 -44.64
CA UNK G 40 -5.47 13.32 -45.35
C UNK G 40 -6.66 13.96 -46.05
N UNK G 41 -7.48 13.14 -46.72
CA UNK G 41 -8.69 13.65 -47.35
C UNK G 41 -9.66 14.19 -46.31
N UNK G 42 -9.74 13.55 -45.14
CA UNK G 42 -10.64 13.98 -44.09
C UNK G 42 -10.25 15.35 -43.56
N UNK G 43 -8.97 15.54 -43.24
CA UNK G 43 -8.51 16.82 -42.74
C UNK G 43 -8.58 17.90 -43.81
N UNK G 44 -8.32 17.53 -45.07
CA UNK G 44 -8.47 18.48 -46.16
C UNK G 44 -9.92 18.93 -46.31
N UNK G 45 -10.85 17.99 -46.20
CA UNK G 45 -12.27 18.34 -46.26
C UNK G 45 -12.68 19.20 -45.08
N UNK G 46 -12.16 18.90 -43.90
CA UNK G 46 -12.43 19.74 -42.74
C UNK G 46 -11.91 21.15 -42.94
N UNK G 47 -10.71 21.27 -43.53
CA UNK G 47 -10.15 22.58 -43.83
C UNK G 47 -11.00 23.33 -44.83
N UNK G 48 -11.45 22.63 -45.87
CA UNK G 48 -12.31 23.25 -46.89
C UNK G 48 -13.60 23.77 -46.26
N UNK G 49 -14.26 22.93 -45.47
CA UNK G 49 -15.48 23.36 -44.79
C UNK G 49 -15.22 24.54 -43.87
N UNK G 50 -14.11 24.51 -43.14
CA UNK G 50 -13.81 25.56 -42.18
C UNK G 50 -13.58 26.90 -42.88
N UNK G 51 -12.73 26.91 -43.90
CA UNK G 51 -12.41 28.16 -44.58
C UNK G 51 -13.44 28.56 -45.63
N UNK G 52 -14.46 27.73 -45.88
CA UNK G 52 -15.62 28.15 -46.65
C UNK G 52 -16.72 28.70 -45.76
N UNK G 53 -16.87 28.16 -44.56
CA UNK G 53 -18.01 28.50 -43.70
C UNK G 53 -17.99 29.97 -43.31
N UNK G 54 -16.95 30.40 -42.61
CA UNK G 54 -16.89 31.78 -42.12
C UNK G 54 -16.92 32.80 -43.25
N UNK G 55 -16.38 32.43 -44.43
CA UNK G 55 -16.34 33.37 -45.54
C UNK G 55 -17.71 33.50 -46.20
N UNK G 56 -18.24 32.41 -46.74
CA UNK G 56 -19.51 32.49 -47.46
C UNK G 56 -20.69 32.74 -46.54
N UNK G 57 -20.54 32.48 -45.24
CA UNK G 57 -21.56 32.91 -44.28
C UNK G 57 -21.52 34.41 -44.09
N UNK G 58 -20.33 35.01 -44.20
CA UNK G 58 -20.18 36.44 -43.95
C UNK G 58 -20.69 37.27 -45.12
N UNK G 59 -20.44 36.83 -46.36
CA UNK G 59 -20.78 37.62 -47.53
C UNK G 59 -22.28 37.85 -47.62
N UNK G 60 -23.06 36.77 -47.75
CA UNK G 60 -24.52 36.90 -47.79
C UNK G 60 -25.06 37.51 -46.50
N UNK G 61 -24.35 37.34 -45.39
CA UNK G 61 -24.77 37.97 -44.14
C UNK G 61 -24.71 39.50 -44.21
N UNK G 62 -23.99 40.06 -45.20
CA UNK G 62 -24.00 41.51 -45.38
C UNK G 62 -25.40 42.03 -45.70
N UNK G 63 -26.25 41.19 -46.33
CA UNK G 63 -27.62 41.54 -46.66
C UNK G 63 -28.60 40.55 -46.04
N UNK G 64 -28.33 40.10 -44.82
CA UNK G 64 -29.21 39.20 -44.09
C UNK G 64 -29.15 39.58 -42.62
N UNK G 65 -29.87 38.81 -41.79
CA UNK G 65 -30.12 39.24 -40.41
C UNK G 65 -28.92 39.01 -39.52
N UNK G 66 -28.48 37.76 -39.38
CA UNK G 66 -27.41 37.42 -38.45
C UNK G 66 -26.74 36.12 -38.87
N UNK G 67 -25.43 36.04 -38.60
CA UNK G 67 -24.62 34.87 -38.92
C UNK G 67 -24.06 34.22 -37.66
N UNK G 68 -24.83 34.22 -36.58
CA UNK G 68 -24.35 33.70 -35.30
C UNK G 68 -24.32 32.18 -35.29
N ASP G 147 -23.40 29.84 -37.40
CA ASP G 147 -22.55 29.20 -38.40
C ASP G 147 -21.21 28.70 -37.86
N PHE G 148 -20.68 29.31 -36.80
CA PHE G 148 -19.55 28.66 -36.13
C PHE G 148 -19.98 27.33 -35.53
N ILE G 149 -21.19 27.30 -34.95
CA ILE G 149 -21.72 26.06 -34.40
C ILE G 149 -21.90 25.01 -35.51
N CYS G 150 -22.32 25.45 -36.71
CA CYS G 150 -22.53 24.48 -37.78
C CYS G 150 -21.19 23.98 -38.31
N THR G 151 -20.21 24.88 -38.46
CA THR G 151 -18.86 24.47 -38.83
C THR G 151 -18.33 23.44 -37.84
N SER G 152 -18.49 23.71 -36.54
CA SER G 152 -18.06 22.79 -35.50
C SER G 152 -18.74 21.43 -35.65
N LEU G 153 -20.08 21.45 -35.72
CA LEU G 153 -20.86 20.22 -35.80
C LEU G 153 -20.46 19.37 -36.98
N ILE G 154 -20.48 19.98 -38.18
CA ILE G 154 -20.12 19.25 -39.40
C ILE G 154 -18.71 18.72 -39.30
N ALA G 155 -17.78 19.57 -38.86
CA ALA G 155 -16.36 19.26 -38.90
C ALA G 155 -16.05 18.05 -38.02
N VAL G 156 -16.74 17.93 -36.89
CA VAL G 156 -16.47 16.76 -36.04
C VAL G 156 -17.29 15.55 -36.47
N ILE G 157 -18.55 15.70 -36.89
CA ILE G 157 -19.33 14.50 -37.20
C ILE G 157 -18.79 13.81 -38.44
N LEU G 158 -18.20 14.56 -39.37
CA LEU G 158 -17.62 13.93 -40.55
C LEU G 158 -16.47 13.00 -40.16
N THR G 159 -15.48 13.56 -39.48
CA THR G 159 -14.34 12.77 -39.03
C THR G 159 -14.79 11.65 -38.10
N ILE G 160 -15.83 11.88 -37.31
CA ILE G 160 -16.28 10.86 -36.38
C ILE G 160 -17.00 9.75 -37.11
N LYS G 161 -17.72 10.07 -38.19
CA LYS G 161 -18.30 9.03 -39.02
C LYS G 161 -17.20 8.18 -39.63
N LEU G 162 -16.15 8.83 -40.14
CA LEU G 162 -14.99 8.11 -40.66
C LEU G 162 -14.44 7.14 -39.60
N PHE G 163 -14.20 7.65 -38.39
CA PHE G 163 -13.53 6.83 -37.40
C PHE G 163 -14.44 5.76 -36.83
N LEU G 164 -15.74 6.04 -36.71
CA LEU G 164 -16.70 5.02 -36.32
C LEU G 164 -16.71 3.88 -37.34
N LEU G 165 -16.68 4.21 -38.63
CA LEU G 165 -16.63 3.16 -39.62
C LEU G 165 -15.31 2.41 -39.55
N ILE G 166 -14.22 3.10 -39.24
CA ILE G 166 -12.94 2.42 -39.08
C ILE G 166 -13.00 1.45 -37.90
N ASN G 167 -13.75 1.80 -36.86
CA ASN G 167 -13.93 0.87 -35.74
C ASN G 167 -14.82 -0.30 -36.11
N GLN G 168 -15.82 -0.06 -36.96
CA GLN G 168 -16.60 -1.19 -37.48
C GLN G 168 -15.71 -2.14 -38.29
N PHE G 169 -14.79 -1.58 -39.08
CA PHE G 169 -13.85 -2.41 -39.82
C PHE G 169 -12.91 -3.14 -38.87
N GLU G 170 -12.49 -2.48 -37.79
CA GLU G 170 -11.71 -3.16 -36.76
C GLU G 170 -12.49 -4.34 -36.21
N LYS G 171 -13.75 -4.11 -35.85
CA LYS G 171 -14.61 -5.18 -35.36
C LYS G 171 -14.63 -6.35 -36.33
N GLN G 172 -14.83 -6.07 -37.62
CA GLN G 172 -14.85 -7.14 -38.61
C GLN G 172 -13.52 -7.88 -38.66
N GLN G 173 -12.41 -7.17 -38.49
CA GLN G 173 -11.12 -7.85 -38.40
C GLN G 173 -11.05 -8.73 -37.15
N ILE G 174 -11.68 -8.29 -36.06
CA ILE G 174 -11.75 -9.08 -34.84
C ILE G 174 -12.71 -10.26 -35.00
N LYS G 175 -13.63 -10.20 -35.97
CA LYS G 175 -14.71 -11.17 -36.06
C LYS G 175 -14.23 -12.51 -36.60
N LYS G 176 -13.13 -12.51 -37.37
CA LYS G 176 -12.68 -13.73 -38.02
C LYS G 176 -12.37 -14.82 -37.00
N GLY G 177 -11.71 -14.45 -35.90
CA GLY G 177 -11.20 -15.41 -34.94
C GLY G 177 -11.82 -15.33 -33.55
N ARG G 178 -12.96 -14.65 -33.43
CA ARG G 178 -13.60 -14.44 -32.14
C ARG G 178 -15.12 -14.52 -32.36
N ASP G 179 -15.88 -14.04 -31.37
CA ASP G 179 -17.32 -14.23 -31.27
C ASP G 179 -18.06 -12.95 -31.57
N ILE G 180 -19.38 -13.07 -31.66
CA ILE G 180 -20.24 -11.91 -31.92
C ILE G 180 -20.52 -11.17 -30.63
N THR G 181 -20.71 -11.90 -29.53
CA THR G 181 -21.05 -11.28 -28.26
C THR G 181 -19.95 -10.32 -27.83
N SER G 182 -18.75 -10.86 -27.67
CA SER G 182 -17.59 -10.08 -27.25
C SER G 182 -17.21 -8.98 -28.23
N ALA G 183 -17.26 -9.27 -29.53
CA ALA G 183 -16.90 -8.26 -30.51
C ALA G 183 -17.90 -7.11 -30.50
N ARG G 184 -19.19 -7.42 -30.32
CA ARG G 184 -20.20 -6.39 -30.17
C ARG G 184 -19.92 -5.54 -28.93
N ILE G 185 -19.64 -6.19 -27.80
CA ILE G 185 -19.41 -5.46 -26.56
C ILE G 185 -18.18 -4.57 -26.70
N MET G 186 -17.12 -5.11 -27.30
CA MET G 186 -15.89 -4.35 -27.52
C MET G 186 -16.14 -3.20 -28.49
N SER G 187 -17.02 -3.39 -29.45
CA SER G 187 -17.43 -2.32 -30.33
C SER G 187 -18.06 -1.19 -29.54
N ARG G 188 -19.06 -1.53 -28.72
CA ARG G 188 -19.69 -0.55 -27.83
C ARG G 188 -18.64 0.21 -27.03
N ILE G 189 -17.68 -0.52 -26.48
CA ILE G 189 -16.69 0.07 -25.59
C ILE G 189 -15.83 1.07 -26.35
N ILE G 190 -15.27 0.66 -27.49
CA ILE G 190 -14.39 1.55 -28.23
C ILE G 190 -15.18 2.73 -28.77
N LYS G 191 -16.44 2.52 -29.15
CA LYS G 191 -17.27 3.60 -29.66
C LYS G 191 -17.48 4.66 -28.59
N ILE G 192 -17.90 4.24 -27.40
CA ILE G 192 -18.06 5.16 -26.28
C ILE G 192 -16.76 5.90 -26.02
N THR G 193 -15.63 5.17 -26.02
CA THR G 193 -14.36 5.78 -25.69
C THR G 193 -13.99 6.86 -26.70
N ILE G 194 -14.29 6.63 -27.98
CA ILE G 194 -13.87 7.59 -28.99
C ILE G 194 -14.82 8.77 -29.04
N ILE G 195 -16.11 8.57 -28.79
CA ILE G 195 -17.02 9.72 -28.85
C ILE G 195 -16.81 10.63 -27.66
N VAL G 196 -16.59 10.04 -26.48
CA VAL G 196 -16.48 10.84 -25.26
C VAL G 196 -15.34 11.83 -25.32
N VAL G 197 -14.23 11.41 -25.91
CA VAL G 197 -13.04 12.25 -25.99
C VAL G 197 -13.33 13.50 -26.82
N LEU G 198 -13.95 13.32 -27.98
CA LEU G 198 -14.17 14.45 -28.86
C LEU G 198 -15.31 15.32 -28.39
N VAL G 199 -16.23 14.73 -27.62
CA VAL G 199 -17.29 15.49 -26.98
C VAL G 199 -16.65 16.39 -25.92
N LEU G 200 -15.66 15.85 -25.20
CA LEU G 200 -14.97 16.56 -24.14
C LEU G 200 -14.16 17.70 -24.72
N LEU G 201 -13.44 17.43 -25.80
CA LEU G 201 -12.66 18.47 -26.47
C LEU G 201 -13.47 19.58 -27.18
N TYR G 202 -14.53 19.20 -27.90
CA TYR G 202 -15.31 20.15 -28.67
C TYR G 202 -16.64 20.48 -28.00
N GLY G 203 -16.88 20.01 -26.78
CA GLY G 203 -18.05 20.45 -26.03
C GLY G 203 -18.05 21.94 -25.77
N GLU G 204 -16.86 22.53 -25.61
CA GLU G 204 -16.75 23.98 -25.50
C GLU G 204 -16.60 24.66 -26.86
N HIS G 205 -16.22 23.90 -27.89
CA HIS G 205 -16.41 24.38 -29.25
C HIS G 205 -17.88 24.56 -29.54
N PHE G 206 -18.72 23.74 -28.91
CA PHE G 206 -20.15 24.03 -28.83
C PHE G 206 -20.42 25.08 -27.78
N GLY G 207 -19.68 25.02 -26.67
CA GLY G 207 -19.71 26.05 -25.66
C GLY G 207 -20.59 25.65 -24.50
N MET G 208 -20.62 24.35 -24.20
CA MET G 208 -21.60 23.78 -23.29
C MET G 208 -20.88 23.35 -22.00
N SER G 209 -20.90 24.24 -21.01
CA SER G 209 -20.45 23.97 -19.63
C SER G 209 -19.06 23.36 -19.62
N LEU G 210 -18.10 24.20 -19.99
CA LEU G 210 -16.69 23.80 -20.10
C LEU G 210 -16.20 23.06 -18.86
N SER G 211 -16.35 23.67 -17.69
CA SER G 211 -15.67 23.13 -16.51
C SER G 211 -16.38 21.90 -15.96
N GLY G 212 -17.67 21.75 -16.21
CA GLY G 212 -18.32 20.49 -15.92
C GLY G 212 -17.72 19.36 -16.74
N LEU G 213 -17.48 19.63 -18.02
CA LEU G 213 -16.86 18.65 -18.89
C LEU G 213 -15.46 18.37 -18.37
N LEU G 214 -14.77 19.41 -17.91
CA LEU G 214 -13.43 19.28 -17.37
C LEU G 214 -13.42 18.32 -16.19
N THR G 215 -14.36 18.50 -15.26
CA THR G 215 -14.48 17.60 -14.13
C THR G 215 -14.74 16.17 -14.57
N PHE G 216 -15.69 16.01 -15.50
CA PHE G 216 -16.03 14.70 -16.03
C PHE G 216 -14.80 13.97 -16.53
N GLY G 217 -14.07 14.61 -17.45
CA GLY G 217 -12.87 13.99 -17.99
C GLY G 217 -11.82 13.76 -16.93
N GLY G 218 -11.73 14.67 -15.96
CA GLY G 218 -10.69 14.56 -14.95
C GLY G 218 -10.88 13.33 -14.09
N ILE G 219 -12.09 13.14 -13.59
CA ILE G 219 -12.34 12.00 -12.71
C ILE G 219 -12.30 10.70 -13.50
N GLY G 220 -12.83 10.72 -14.74
CA GLY G 220 -12.75 9.52 -15.56
C GLY G 220 -11.33 9.07 -15.79
N GLY G 221 -10.49 9.96 -16.30
CA GLY G 221 -9.11 9.62 -16.53
C GLY G 221 -8.36 9.31 -15.26
N LEU G 222 -8.78 9.92 -14.14
CA LEU G 222 -8.15 9.66 -12.85
C LEU G 222 -8.35 8.21 -12.37
N ALA G 223 -9.59 7.71 -12.43
CA ALA G 223 -9.85 6.31 -12.13
C ALA G 223 -9.18 5.40 -13.13
N VAL G 224 -9.22 5.78 -14.41
CA VAL G 224 -8.59 4.99 -15.45
C VAL G 224 -7.10 4.82 -15.18
N GLY G 225 -6.44 5.87 -14.71
CA GLY G 225 -5.03 5.76 -14.42
C GLY G 225 -4.75 4.90 -13.21
N MET G 226 -5.54 5.10 -12.16
CA MET G 226 -5.37 4.30 -10.95
C MET G 226 -5.55 2.82 -11.23
N ALA G 227 -6.38 2.50 -12.21
CA ALA G 227 -6.55 1.11 -12.60
C ALA G 227 -5.39 0.63 -13.48
N GLY G 228 -5.20 1.26 -14.63
CA GLY G 228 -4.21 0.83 -15.59
C GLY G 228 -2.76 1.00 -15.19
N LYS G 229 -2.52 1.50 -13.98
CA LYS G 229 -1.20 1.38 -13.35
C LYS G 229 -0.62 -0.01 -13.53
N ASP G 230 -1.41 -1.02 -13.17
CA ASP G 230 -0.97 -2.41 -13.18
C ASP G 230 -0.43 -2.84 -14.54
N ILE G 231 -0.99 -2.30 -15.61
CA ILE G 231 -0.66 -2.72 -16.95
C ILE G 231 0.48 -1.88 -17.52
N LEU G 232 0.40 -0.58 -17.33
CA LEU G 232 1.45 0.28 -17.85
C LEU G 232 2.77 0.00 -17.18
N SER G 233 2.75 -0.43 -15.92
CA SER G 233 3.97 -0.87 -15.28
C SER G 233 4.59 -2.03 -16.06
N ASN G 234 3.74 -2.99 -16.47
CA ASN G 234 4.23 -4.11 -17.25
C ASN G 234 4.84 -3.63 -18.55
N PHE G 235 4.19 -2.68 -19.20
CA PHE G 235 4.65 -2.25 -20.51
C PHE G 235 5.98 -1.50 -20.40
N PHE G 236 6.06 -0.56 -19.47
CA PHE G 236 7.29 0.19 -19.28
C PHE G 236 8.44 -0.71 -18.87
N SER G 237 8.16 -1.70 -18.03
CA SER G 237 9.22 -2.61 -17.68
C SER G 237 9.61 -3.47 -18.86
N GLY G 238 8.67 -3.77 -19.75
CA GLY G 238 9.03 -4.43 -20.99
C GLY G 238 10.00 -3.61 -21.80
N ILE G 239 9.80 -2.29 -21.79
CA ILE G 239 10.72 -1.41 -22.50
C ILE G 239 12.10 -1.45 -21.84
N MET G 240 12.15 -1.37 -20.51
CA MET G 240 13.44 -1.40 -19.85
C MET G 240 14.18 -2.70 -20.15
N LEU G 241 13.44 -3.80 -20.22
CA LEU G 241 14.06 -5.05 -20.62
C LEU G 241 14.53 -5.00 -22.06
N TYR G 242 13.79 -4.29 -22.91
CA TYR G 242 14.19 -4.14 -24.30
C TYR G 242 15.55 -3.46 -24.39
N PHE G 243 15.79 -2.49 -23.52
CA PHE G 243 17.08 -1.79 -23.52
C PHE G 243 18.06 -2.41 -22.56
N ASP G 244 17.71 -2.45 -21.28
CA ASP G 244 18.54 -3.11 -20.28
C ASP G 244 18.34 -4.61 -20.38
N ARG G 245 19.43 -5.34 -20.59
CA ARG G 245 19.34 -6.78 -20.77
C ARG G 245 19.90 -7.49 -19.54
N PRO G 246 19.13 -7.58 -18.46
CA PRO G 246 19.58 -8.40 -17.33
C PRO G 246 19.73 -9.84 -17.71
N PHE G 247 18.81 -10.32 -18.53
CA PHE G 247 18.86 -11.66 -19.06
C PHE G 247 18.57 -11.59 -20.56
N SER G 248 18.60 -12.76 -21.16
CA SER G 248 18.29 -12.93 -22.56
C SER G 248 17.62 -14.30 -22.69
N ILE G 249 17.57 -14.79 -23.90
CA ILE G 249 16.86 -16.03 -24.17
C ILE G 249 17.80 -17.21 -23.96
N GLY G 250 17.23 -18.30 -23.45
CA GLY G 250 18.01 -19.46 -23.06
C GLY G 250 18.62 -19.36 -21.69
N ASP G 251 18.47 -18.23 -21.02
CA ASP G 251 19.15 -17.98 -19.76
C ASP G 251 18.26 -18.47 -18.63
N TRP G 252 18.67 -19.56 -18.00
CA TRP G 252 18.06 -20.00 -16.76
C TRP G 252 18.03 -18.85 -15.78
N ILE G 253 16.88 -18.69 -15.16
CA ILE G 253 16.59 -17.59 -14.27
C ILE G 253 16.07 -18.17 -12.96
N ARG G 254 16.24 -17.41 -11.89
CA ARG G 254 15.40 -17.59 -10.73
C ARG G 254 15.40 -16.29 -9.96
N SER G 255 14.55 -16.25 -8.95
CA SER G 255 14.58 -15.20 -7.97
C SER G 255 14.41 -15.81 -6.60
N PRO G 256 15.14 -15.33 -5.60
CA PRO G 256 14.90 -15.80 -4.24
C PRO G 256 13.54 -15.38 -3.72
N ASP G 257 13.01 -14.29 -4.24
CA ASP G 257 11.79 -13.70 -3.72
C ASP G 257 10.53 -14.28 -4.31
N ARG G 258 10.64 -15.06 -5.38
CA ARG G 258 9.46 -15.56 -6.08
C ARG G 258 9.83 -16.78 -6.88
N ASN G 259 8.81 -17.58 -7.21
CA ASN G 259 8.99 -18.73 -8.06
C ASN G 259 8.84 -18.27 -9.50
N ILE G 260 9.96 -18.24 -10.21
CA ILE G 260 10.03 -17.86 -11.61
C ILE G 260 10.83 -18.92 -12.36
N GLU G 261 11.40 -19.87 -11.64
CA GLU G 261 12.59 -20.57 -12.09
C GLU G 261 12.35 -21.36 -13.36
N GLY G 262 12.95 -20.89 -14.44
CA GLY G 262 12.87 -21.58 -15.69
C GLY G 262 13.72 -20.88 -16.71
N THR G 263 13.88 -21.55 -17.85
CA THR G 263 14.57 -20.97 -18.97
C THR G 263 13.64 -20.04 -19.71
N VAL G 264 14.13 -18.83 -19.99
CA VAL G 264 13.38 -17.92 -20.82
C VAL G 264 13.22 -18.54 -22.19
N ALA G 265 12.06 -18.33 -22.77
CA ALA G 265 11.76 -18.73 -24.12
C ALA G 265 11.34 -17.58 -24.99
N GLU G 266 10.76 -16.54 -24.40
CA GLU G 266 10.33 -15.41 -25.19
C GLU G 266 10.14 -14.21 -24.29
N ILE G 267 10.51 -13.06 -24.81
CA ILE G 267 10.24 -11.80 -24.18
C ILE G 267 9.04 -11.19 -24.90
N GLY G 268 8.33 -10.33 -24.19
CA GLY G 268 7.22 -9.62 -24.74
C GLY G 268 7.22 -8.19 -24.25
N TRP G 269 6.18 -7.47 -24.57
CA TRP G 269 6.04 -6.09 -24.14
C TRP G 269 5.35 -6.01 -22.81
N ARG G 270 4.38 -6.88 -22.60
CA ARG G 270 3.72 -7.03 -21.32
C ARG G 270 4.37 -8.10 -20.48
N ILE G 271 4.61 -9.27 -21.07
CA ILE G 271 4.95 -10.46 -20.34
C ILE G 271 6.17 -11.14 -20.96
N THR G 272 6.57 -12.22 -20.30
CA THR G 272 7.60 -13.13 -20.76
C THR G 272 7.05 -14.55 -20.67
N LYS G 273 7.50 -15.37 -21.62
CA LYS G 273 7.15 -16.75 -21.63
C LYS G 273 8.39 -17.56 -21.26
N ILE G 274 8.37 -18.06 -20.04
CA ILE G 274 9.39 -18.93 -19.49
C ILE G 274 8.93 -20.36 -19.65
N THR G 275 9.87 -21.29 -19.80
CA THR G 275 9.61 -22.70 -19.62
C THR G 275 10.25 -23.13 -18.32
N THR G 276 9.44 -23.70 -17.44
CA THR G 276 9.99 -24.28 -16.23
C THR G 276 10.78 -25.52 -16.59
N PHE G 277 11.31 -26.14 -15.55
CA PHE G 277 11.94 -27.44 -15.68
C PHE G 277 10.95 -28.58 -15.59
N ASP G 278 9.66 -28.28 -15.48
CA ASP G 278 8.60 -29.23 -15.76
C ASP G 278 8.22 -29.25 -17.23
N ASN G 279 8.94 -28.52 -18.07
CA ASN G 279 8.53 -28.26 -19.44
C ASN G 279 7.16 -27.62 -19.53
N ARG G 280 6.80 -26.86 -18.51
CA ARG G 280 5.57 -26.11 -18.45
C ARG G 280 5.83 -24.66 -18.78
N PRO G 281 4.95 -23.98 -19.50
CA PRO G 281 5.12 -22.55 -19.67
C PRO G 281 4.62 -21.76 -18.48
N LEU G 282 5.23 -20.59 -18.32
CA LEU G 282 4.92 -19.67 -17.26
C LEU G 282 4.91 -18.27 -17.86
N TYR G 283 3.78 -17.61 -17.77
CA TYR G 283 3.58 -16.30 -18.34
C TYR G 283 3.73 -15.30 -17.21
N VAL G 284 4.81 -14.54 -17.23
CA VAL G 284 5.20 -13.66 -16.14
C VAL G 284 5.00 -12.22 -16.58
N PRO G 285 4.44 -11.35 -15.76
CA PRO G 285 4.39 -9.93 -16.11
C PRO G 285 5.67 -9.21 -15.79
N ASN G 286 6.00 -8.25 -16.64
CA ASN G 286 7.29 -7.60 -16.61
C ASN G 286 7.41 -6.53 -15.54
N SER G 287 6.31 -6.10 -14.93
CA SER G 287 6.41 -5.18 -13.80
C SER G 287 7.20 -5.79 -12.67
N LEU G 288 7.14 -7.10 -12.56
CA LEU G 288 7.79 -7.82 -11.48
C LEU G 288 9.29 -7.67 -11.51
N PHE G 289 9.89 -7.58 -12.70
CA PHE G 289 11.33 -7.51 -12.81
C PHE G 289 11.89 -6.17 -12.38
N SER G 290 11.05 -5.15 -12.22
CA SER G 290 11.49 -3.86 -11.74
C SER G 290 11.34 -3.70 -10.24
N SER G 291 10.80 -4.70 -9.56
CA SER G 291 10.58 -4.66 -8.12
C SER G 291 11.38 -5.73 -7.40
N ILE G 292 12.08 -6.58 -8.14
CA ILE G 292 12.50 -7.88 -7.63
C ILE G 292 13.90 -8.16 -8.10
N SER G 293 14.63 -8.88 -7.26
CA SER G 293 15.98 -9.29 -7.57
C SER G 293 15.94 -10.53 -8.44
N VAL G 294 16.82 -10.56 -9.42
CA VAL G 294 16.83 -11.59 -10.44
C VAL G 294 18.21 -12.20 -10.47
N GLU G 295 18.26 -13.52 -10.57
CA GLU G 295 19.49 -14.28 -10.58
C GLU G 295 19.53 -15.06 -11.88
N ASN G 296 20.62 -14.92 -12.60
CA ASN G 296 20.79 -15.54 -13.89
C ASN G 296 21.91 -16.56 -13.83
N PRO G 297 21.64 -17.72 -13.24
CA PRO G 297 22.67 -18.76 -13.17
C PRO G 297 23.14 -19.26 -14.51
N GLY G 298 22.37 -19.03 -15.57
CA GLY G 298 22.82 -19.43 -16.87
C GLY G 298 24.05 -18.68 -17.33
N ARG G 299 24.33 -17.53 -16.74
CA ARG G 299 25.55 -16.79 -17.03
C ARG G 299 26.72 -17.21 -16.17
N MET G 300 26.50 -18.09 -15.19
CA MET G 300 27.53 -18.30 -14.20
C MET G 300 28.73 -19.02 -14.79
N THR G 301 29.71 -19.22 -13.93
CA THR G 301 31.04 -19.65 -14.31
C THR G 301 31.34 -21.05 -13.82
N ASN G 302 31.02 -21.29 -12.55
CA ASN G 302 31.40 -22.49 -11.85
C ASN G 302 30.24 -22.89 -10.98
N ARG G 303 30.23 -24.15 -10.57
CA ARG G 303 29.13 -24.69 -9.80
C ARG G 303 29.61 -25.18 -8.47
N ARG G 304 28.76 -25.02 -7.47
CA ARG G 304 29.21 -25.21 -6.11
C ARG G 304 28.89 -26.60 -5.61
N ILE G 305 29.72 -27.05 -4.69
CA ILE G 305 29.54 -28.29 -3.96
C ILE G 305 29.56 -27.93 -2.50
N THR G 306 28.59 -28.44 -1.76
CA THR G 306 28.44 -28.14 -0.35
C THR G 306 27.95 -29.37 0.37
N THR G 307 28.60 -29.73 1.46
CA THR G 307 28.10 -30.82 2.29
C THR G 307 28.45 -30.58 3.75
N THR G 308 27.85 -31.42 4.57
CA THR G 308 28.21 -31.55 5.98
C THR G 308 28.42 -33.02 6.26
N ILE G 309 29.66 -33.37 6.53
CA ILE G 309 30.03 -34.71 6.94
C ILE G 309 29.72 -34.80 8.42
N GLY G 310 28.70 -35.58 8.76
CA GLY G 310 28.31 -35.74 10.13
C GLY G 310 28.94 -36.94 10.78
N LEU G 311 30.05 -36.70 11.47
CA LEU G 311 30.70 -37.74 12.24
C LEU G 311 30.15 -37.79 13.64
N ARG G 312 30.73 -38.67 14.44
CA ARG G 312 30.34 -38.91 15.80
C ARG G 312 31.33 -38.26 16.75
N TYR G 313 30.87 -38.05 17.98
CA TYR G 313 31.75 -37.48 18.99
C TYR G 313 32.85 -38.46 19.39
N GLU G 314 32.66 -39.75 19.11
CA GLU G 314 33.72 -40.72 19.34
C GLU G 314 34.90 -40.47 18.43
N ASP G 315 34.65 -39.93 17.25
CA ASP G 315 35.64 -39.79 16.20
C ASP G 315 36.32 -38.44 16.22
N ALA G 316 36.32 -37.78 17.37
CA ALA G 316 36.87 -36.44 17.45
C ALA G 316 38.37 -36.42 17.26
N ALA G 317 39.04 -37.47 17.72
CA ALA G 317 40.48 -37.52 17.60
C ALA G 317 40.94 -37.62 16.15
N LYS G 318 40.06 -38.05 15.26
CA LYS G 318 40.40 -38.33 13.88
C LYS G 318 40.02 -37.20 12.94
N VAL G 319 39.64 -36.06 13.47
CA VAL G 319 39.02 -35.04 12.65
C VAL G 319 40.05 -34.28 11.85
N GLY G 320 41.17 -33.93 12.48
CA GLY G 320 42.19 -33.17 11.78
C GLY G 320 42.72 -33.91 10.58
N VAL G 321 42.94 -35.20 10.72
CA VAL G 321 43.56 -35.95 9.65
C VAL G 321 42.56 -36.30 8.56
N ILE G 322 41.32 -36.57 8.94
CA ILE G 322 40.26 -36.74 7.95
C ILE G 322 40.14 -35.49 7.11
N VAL G 323 40.06 -34.35 7.77
CA VAL G 323 39.93 -33.07 7.12
C VAL G 323 41.08 -32.85 6.16
N GLU G 324 42.30 -33.11 6.61
CA GLU G 324 43.45 -32.88 5.77
C GLU G 324 43.45 -33.81 4.58
N ALA G 325 43.00 -35.04 4.77
CA ALA G 325 42.93 -35.98 3.66
C ALA G 325 41.91 -35.56 2.63
N VAL G 326 40.73 -35.16 3.09
CA VAL G 326 39.68 -34.70 2.20
C VAL G 326 40.17 -33.51 1.39
N ARG G 327 40.77 -32.55 2.07
CA ARG G 327 41.35 -31.38 1.41
C ARG G 327 42.33 -31.80 0.34
N GLU G 328 43.23 -32.71 0.68
CA GLU G 328 44.24 -33.14 -0.27
C GLU G 328 43.63 -33.87 -1.44
N MET G 329 42.48 -34.49 -1.25
CA MET G 329 41.80 -35.14 -2.36
C MET G 329 41.22 -34.11 -3.30
N LEU G 330 40.40 -33.21 -2.77
CA LEU G 330 39.77 -32.18 -3.60
C LEU G 330 40.82 -31.39 -4.35
N LYS G 331 41.91 -31.08 -3.69
CA LYS G 331 42.99 -30.33 -4.28
C LYS G 331 43.69 -31.10 -5.39
N ASN G 332 43.49 -32.41 -5.46
CA ASN G 332 44.05 -33.25 -6.51
C ASN G 332 42.97 -33.94 -7.32
N HIS G 333 41.80 -33.37 -7.37
CA HIS G 333 40.68 -33.84 -8.15
C HIS G 333 40.62 -33.04 -9.45
N PRO G 334 40.48 -33.67 -10.62
CA PRO G 334 40.53 -32.90 -11.86
C PRO G 334 39.41 -31.89 -12.04
N ALA G 335 38.18 -32.31 -11.71
CA ALA G 335 37.00 -31.50 -11.97
C ALA G 335 36.89 -30.25 -11.14
N ILE G 336 37.77 -30.04 -10.23
CA ILE G 336 37.65 -29.00 -9.23
C ILE G 336 38.48 -27.80 -9.64
N ASP G 337 38.00 -26.62 -9.26
CA ASP G 337 38.66 -25.36 -9.57
C ASP G 337 39.34 -24.86 -8.29
N GLN G 338 40.65 -24.86 -8.31
CA GLN G 338 41.42 -24.55 -7.12
C GLN G 338 41.66 -23.05 -6.95
N ARG G 339 41.54 -22.29 -8.03
CA ARG G 339 41.63 -20.84 -7.92
C ARG G 339 40.48 -20.29 -7.11
N GLN G 340 39.33 -20.93 -7.16
CA GLN G 340 38.18 -20.53 -6.37
C GLN G 340 38.39 -21.03 -4.95
N THR G 341 37.34 -20.95 -4.15
CA THR G 341 37.46 -21.34 -2.77
C THR G 341 37.52 -22.85 -2.64
N LEU G 342 38.07 -23.29 -1.52
CA LEU G 342 38.16 -24.70 -1.21
C LEU G 342 38.31 -24.80 0.29
N LEU G 343 37.25 -25.19 0.96
CA LEU G 343 37.18 -25.14 2.41
C LEU G 343 36.74 -26.48 2.93
N VAL G 344 37.56 -27.06 3.79
CA VAL G 344 37.19 -28.22 4.55
C VAL G 344 37.66 -27.94 5.96
N TYR G 345 36.71 -27.77 6.86
CA TYR G 345 37.02 -27.31 8.20
C TYR G 345 35.91 -27.74 9.12
N PHE G 346 36.28 -28.25 10.27
CA PHE G 346 35.32 -28.54 11.31
C PHE G 346 34.75 -27.22 11.82
N ASN G 347 33.46 -27.02 11.58
CA ASN G 347 32.83 -25.73 11.77
C ASN G 347 31.77 -25.71 12.85
N GLN G 348 31.19 -26.85 13.19
CA GLN G 348 30.25 -26.85 14.29
C GLN G 348 30.10 -28.21 14.91
N PHE G 349 29.81 -28.18 16.20
CA PHE G 349 29.12 -29.25 16.85
C PHE G 349 27.70 -29.34 16.32
N ALA G 350 27.01 -30.38 16.76
CA ALA G 350 25.61 -30.53 16.46
C ALA G 350 25.04 -31.59 17.38
N ASP G 351 23.72 -31.56 17.56
CA ASP G 351 23.09 -32.65 18.27
C ASP G 351 23.38 -33.93 17.52
N SER G 352 24.06 -34.85 18.18
CA SER G 352 24.38 -36.18 17.70
C SER G 352 25.59 -36.24 16.78
N SER G 353 26.23 -35.14 16.43
CA SER G 353 27.29 -35.24 15.45
C SER G 353 28.23 -34.05 15.49
N LEU G 354 29.40 -34.28 14.90
CA LEU G 354 30.39 -33.28 14.61
C LEU G 354 30.36 -33.05 13.11
N ASN G 355 30.15 -31.81 12.69
CA ASN G 355 29.83 -31.55 11.30
C ASN G 355 31.01 -30.86 10.66
N ILE G 356 31.59 -31.51 9.68
CA ILE G 356 32.65 -30.94 8.87
C ILE G 356 32.02 -30.37 7.63
N MET G 357 32.32 -29.13 7.33
CA MET G 357 31.81 -28.54 6.12
C MET G 357 32.67 -28.96 4.95
N VAL G 358 32.06 -28.94 3.78
CA VAL G 358 32.76 -28.97 2.53
C VAL G 358 32.14 -27.90 1.67
N TYR G 359 32.98 -27.17 0.95
CA TYR G 359 32.59 -26.02 0.16
C TYR G 359 33.61 -25.91 -0.94
N CYS G 360 33.19 -26.30 -2.14
CA CYS G 360 34.09 -26.35 -3.29
C CYS G 360 33.39 -25.95 -4.57
N PHE G 361 34.17 -25.71 -5.61
CA PHE G 361 33.65 -25.29 -6.89
C PHE G 361 34.21 -26.15 -8.00
N THR G 362 33.30 -26.62 -8.85
CA THR G 362 33.64 -27.26 -10.09
C THR G 362 33.73 -26.24 -11.19
N LYS G 363 34.65 -26.49 -12.09
CA LYS G 363 34.91 -25.64 -13.23
C LYS G 363 33.97 -25.90 -14.40
N THR G 364 32.97 -26.76 -14.23
CA THR G 364 31.89 -26.89 -15.17
C THR G 364 30.70 -26.06 -14.73
N THR G 365 29.80 -25.87 -15.67
CA THR G 365 28.48 -25.34 -15.40
C THR G 365 27.40 -26.30 -15.84
N VAL G 366 27.77 -27.46 -16.34
CA VAL G 366 26.82 -28.43 -16.83
C VAL G 366 26.24 -29.17 -15.64
N TRP G 367 24.96 -29.49 -15.74
CA TRP G 367 24.25 -30.16 -14.66
C TRP G 367 24.83 -31.54 -14.41
N ALA G 368 24.97 -32.31 -15.49
CA ALA G 368 25.32 -33.71 -15.35
C ALA G 368 26.74 -33.90 -14.91
N GLU G 369 27.66 -33.13 -15.46
CA GLU G 369 29.06 -33.30 -15.10
C GLU G 369 29.29 -32.87 -13.67
N TRP G 370 28.64 -31.77 -13.28
CA TRP G 370 28.64 -31.36 -11.89
C TRP G 370 28.16 -32.47 -10.99
N LEU G 371 27.09 -33.15 -11.37
CA LEU G 371 26.54 -34.19 -10.52
C LEU G 371 27.47 -35.39 -10.47
N ALA G 372 28.11 -35.71 -11.57
CA ALA G 372 29.04 -36.83 -11.59
C ALA G 372 30.23 -36.57 -10.69
N ALA G 373 30.73 -35.34 -10.74
CA ALA G 373 31.83 -34.97 -9.86
C ALA G 373 31.41 -34.99 -8.41
N GLN G 374 30.23 -34.44 -8.13
CA GLN G 374 29.63 -34.54 -6.81
C GLN G 374 29.62 -35.98 -6.32
N GLN G 375 29.20 -36.87 -7.20
CA GLN G 375 29.17 -38.31 -6.91
C GLN G 375 30.54 -38.81 -6.50
N ASP G 376 31.52 -38.64 -7.38
CA ASP G 376 32.86 -39.16 -7.13
C ASP G 376 33.43 -38.61 -5.85
N VAL G 377 33.22 -37.33 -5.62
CA VAL G 377 33.68 -36.67 -4.40
C VAL G 377 33.07 -37.34 -3.18
N TYR G 378 31.78 -37.60 -3.23
CA TYR G 378 31.10 -38.14 -2.07
C TYR G 378 31.57 -39.56 -1.78
N LEU G 379 31.74 -40.34 -2.83
CA LEU G 379 32.17 -41.72 -2.62
C LEU G 379 33.59 -41.77 -2.09
N LYS G 380 34.44 -40.89 -2.56
CA LYS G 380 35.80 -40.85 -2.05
C LYS G 380 35.81 -40.41 -0.60
N ILE G 381 34.94 -39.48 -0.24
CA ILE G 381 34.80 -39.06 1.15
C ILE G 381 34.45 -40.25 2.01
N ILE G 382 33.48 -41.04 1.55
CA ILE G 382 33.07 -42.22 2.29
C ILE G 382 34.24 -43.16 2.50
N ASP G 383 34.96 -43.46 1.43
CA ASP G 383 36.10 -44.35 1.53
C ASP G 383 37.13 -43.81 2.51
N ILE G 384 37.36 -42.51 2.47
CA ILE G 384 38.32 -41.87 3.35
C ILE G 384 37.91 -42.05 4.81
N VAL G 385 36.67 -41.66 5.10
CA VAL G 385 36.14 -41.76 6.45
C VAL G 385 36.27 -43.17 6.97
N GLN G 386 35.66 -44.11 6.28
CA GLN G 386 35.64 -45.49 6.75
C GLN G 386 37.03 -46.11 6.77
N SER G 387 37.96 -45.59 6.00
CA SER G 387 39.34 -46.04 6.10
C SER G 387 39.96 -45.62 7.42
N HIS G 388 39.86 -44.35 7.75
CA HIS G 388 40.49 -43.79 8.94
C HIS G 388 39.88 -44.30 10.23
N GLY G 389 38.80 -45.07 10.17
CA GLY G 389 38.24 -45.72 11.33
C GLY G 389 36.97 -45.11 11.84
N ALA G 390 36.63 -43.92 11.36
CA ALA G 390 35.41 -43.27 11.80
C ALA G 390 34.23 -43.89 11.08
N ASP G 391 33.08 -43.26 11.24
CA ASP G 391 31.88 -43.63 10.51
C ASP G 391 30.89 -42.51 10.69
N PHE G 392 29.97 -42.42 9.75
CA PHE G 392 28.97 -41.39 9.80
C PHE G 392 28.05 -41.59 10.97
N ALA G 393 27.28 -40.55 11.27
CA ALA G 393 26.45 -40.49 12.44
C ALA G 393 25.00 -40.44 12.05
N PHE G 394 24.22 -41.30 12.66
CA PHE G 394 22.79 -41.18 12.61
C PHE G 394 22.42 -40.28 13.77
N PRO G 395 21.19 -39.90 13.90
CA PRO G 395 20.77 -39.24 15.13
C PRO G 395 20.95 -40.15 16.32
N SER G 396 20.86 -39.60 17.51
CA SER G 396 21.31 -40.31 18.69
C SER G 396 20.52 -39.84 19.89
N GLN G 397 20.47 -40.71 20.89
CA GLN G 397 19.72 -40.44 22.10
C GLN G 397 20.33 -41.24 23.24
N THR G 398 20.00 -40.82 24.45
CA THR G 398 20.39 -41.51 25.67
C THR G 398 19.10 -41.79 26.42
N LEU G 399 18.79 -43.06 26.61
CA LEU G 399 17.53 -43.47 27.19
C LEU G 399 17.76 -43.91 28.62
N TYR G 400 17.12 -43.22 29.54
CA TYR G 400 17.22 -43.49 30.96
C TYR G 400 15.96 -44.24 31.36
N MET G 401 16.00 -45.56 31.21
CA MET G 401 14.85 -46.39 31.47
C MET G 401 14.44 -46.34 32.93
N ASP G 402 13.24 -46.86 33.19
CA ASP G 402 12.69 -46.96 34.54
C ASP G 402 11.64 -48.06 34.59
C27 PEE H . 17.21 20.17 0.68
C26 PEE H . 17.35 18.74 1.21
C25 PEE H . 18.71 18.17 0.80
C24 PEE H . 18.86 16.76 1.41
C23 PEE H . 20.20 16.12 1.03
C22 PEE H . 21.41 16.81 1.66
C21 PEE H . 21.42 16.66 3.17
C20 PEE H . 22.86 16.65 3.70
C19 PEE H . 23.74 15.45 3.32
C18 PEE H . 23.00 14.13 3.06
C17 PEE H . 23.97 13.00 2.71
C16 PEE H . 24.18 12.02 3.88
C15 PEE H . 25.04 12.61 5.01
C14 PEE H . 26.51 12.75 4.60
C13 PEE H . 26.87 14.21 4.33
C12 PEE H . 28.37 14.33 4.03
C11 PEE H . 28.60 15.08 2.72
C10 PEE H . 28.33 14.17 1.51
O4 PEE H . 27.71 13.18 1.68
O2 PEE H . 28.75 14.46 0.20
C2 PEE H . 29.49 15.61 -0.09
C1 PEE H . 30.96 15.34 0.20
O3P PEE H . 31.64 16.55 0.36
P PEE H . 32.90 16.96 -0.62
O2P PEE H . 34.01 17.54 0.24
O1P PEE H . 33.45 15.76 -1.35
O4P PEE H . 32.41 18.10 -1.70
C4 PEE H . 32.17 19.40 -1.23
C5 PEE H . 30.85 19.91 -1.83
N PEE H . 30.37 21.01 -1.00
C3 PEE H . 29.29 15.96 -1.57
O3 PEE H . 28.55 17.14 -1.68
C30 PEE H . 27.85 17.25 -2.87
O5 PEE H . 28.43 17.37 -3.90
C31 PEE H . 26.32 17.20 -2.88
C32 PEE H . 25.79 17.14 -1.44
C33 PEE H . 26.07 15.76 -0.84
C34 PEE H . 24.78 15.11 -0.33
C35 PEE H . 23.90 14.61 -1.49
C36 PEE H . 22.73 15.56 -1.80
C37 PEE H . 21.57 14.80 -2.44
C38 PEE H . 21.85 14.57 -3.93
C39 PEE H . 20.98 15.49 -4.78
C40 PEE H . 19.54 14.98 -4.89
C41 PEE H . 19.44 13.72 -5.75
C42 PEE H . 18.02 13.53 -6.30
C43 PEE H . 17.14 12.90 -5.23
C44 PEE H . 15.68 13.02 -5.63
C45 PEE H . 15.13 14.39 -5.27
C46 PEE H . 13.63 14.40 -5.46
C47 PEE H . 12.98 13.97 -4.16
H7 PEE H . 30.15 16.08 -2.01
H8 PEE H . 28.81 15.24 -2.00
H82 PEE H . 13.17 14.62 -3.47
H5 PEE H . 30.92 21.71 -1.06
H6 PEE H . 30.32 20.75 -0.16
H12 PEE H . 31.01 20.23 -2.72
H4 PEE H . 29.55 21.25 -1.28
H10 PEE H . 32.89 19.97 -1.51
H11 PEE H . 30.20 19.20 -1.83
H9 PEE H . 32.10 19.39 -0.27
H2 PEE H . 31.03 14.84 1.03
H3 PEE H . 31.34 14.83 -0.52
H14 PEE H . 28.02 15.86 2.68
H1 PEE H . 29.18 16.37 0.42
H16 PEE H . 28.76 13.45 3.97
H13 PEE H . 29.51 15.38 2.69
H18 PEE H . 26.39 14.52 3.55
H20 PEE H . 27.05 12.42 5.33
H22 PEE H . 24.69 13.46 5.28
H19 PEE H . 26.68 12.22 3.80
H21 PEE H . 24.99 12.00 5.76
H28 PEE H . 22.40 14.24 2.31
H23 PEE H . 24.61 11.22 3.54
H24 PEE H . 23.32 11.76 4.24
H25 PEE H . 24.81 13.36 2.43
H26 PEE H . 23.58 12.49 1.98
H17 PEE H . 26.65 14.75 5.09
H27 PEE H . 22.48 13.90 3.85
H15 PEE H . 28.78 14.82 4.75
H29 PEE H . 24.35 15.32 4.05
H30 PEE H . 24.25 15.68 2.53
H31 PEE H . 22.82 16.70 4.67
H32 PEE H . 23.30 17.44 3.37
H33 PEE H . 20.95 15.86 3.44
H34 PEE H . 20.97 17.42 3.56
H35 PEE H . 22.21 16.41 1.29
H36 PEE H . 21.42 17.76 1.44
H37 PEE H . 20.29 16.13 0.07
H38 PEE H . 20.19 15.20 1.34
H39 PEE H . 18.16 16.20 1.06
H40 PEE H . 18.78 16.82 2.37
H41 PEE H . 19.40 18.75 1.14
H43 PEE H . 17.29 18.75 2.17
H44 PEE H . 16.64 18.20 0.84
H45 PEE H . 17.02 20.15 -0.26
H46 PEE H . 18.03 20.66 0.84
H47 PEE H . 16.48 20.61 1.14
H48 PEE H . 26.02 16.43 -3.37
H49 PEE H . 25.98 18.00 -3.31
H50 PEE H . 24.84 17.32 -1.43
H51 PEE H . 26.24 17.81 -0.91
H52 PEE H . 26.49 15.19 -1.49
H53 PEE H . 26.66 15.87 -0.09
H54 PEE H . 25.01 14.36 0.23
H55 PEE H . 24.29 15.75 0.20
H56 PEE H . 24.45 14.52 -2.28
H57 PEE H . 23.57 13.73 -1.25
H58 PEE H . 23.03 16.26 -2.39
H59 PEE H . 22.40 15.96 -0.98
H60 PEE H . 20.77 15.32 -2.34
H81 PEE H . 12.03 13.90 -4.29
H61 PEE H . 21.46 13.95 -2.00
H80 PEE H . 13.34 13.11 -3.89
H62 PEE H . 21.66 13.64 -4.14
H63 PEE H . 22.79 14.74 -4.11
H64 PEE H . 20.98 16.38 -4.39
H65 PEE H . 21.36 15.55 -5.67
H66 PEE H . 19.00 15.69 -5.28
H67 PEE H . 19.21 14.77 -4.00
H68 PEE H . 20.06 13.78 -6.49
H69 PEE H . 19.66 12.96 -5.20
H70 PEE H . 17.65 14.37 -6.59
H71 PEE H . 18.05 12.93 -7.06
H72 PEE H . 17.29 13.36 -4.38
H73 PEE H . 17.39 11.97 -5.13
H74 PEE H . 15.60 12.88 -6.59
H75 PEE H . 15.17 12.34 -5.17
H42 PEE H . 18.77 18.11 -0.16
H76 PEE H . 15.34 14.59 -4.34
H77 PEE H . 15.53 15.07 -5.84
H78 PEE H . 13.31 15.29 -5.69
H79 PEE H . 13.39 13.77 -6.15
C27 PEE I . -17.73 1.26 -19.69
C26 PEE I . -17.23 0.06 -18.90
C25 PEE I . -18.41 -0.81 -18.47
C24 PEE I . -17.88 -2.06 -17.75
C23 PEE I . -19.01 -2.99 -17.28
C22 PEE I . -19.76 -3.65 -18.42
C21 PEE I . -18.89 -4.63 -19.19
C20 PEE I . -19.72 -5.77 -19.77
C19 PEE I . -20.37 -6.74 -18.76
C18 PEE I . -19.63 -6.91 -17.42
C17 PEE I . -20.35 -7.92 -16.52
C16 PEE I . -19.64 -9.28 -16.47
C15 PEE I . -19.82 -10.10 -17.75
C14 PEE I . -21.24 -10.63 -17.90
C13 PEE I . -22.01 -9.85 -18.98
C12 PEE I . -23.39 -10.46 -19.19
C11 PEE I . -24.48 -9.40 -19.06
C10 PEE I . -24.75 -9.05 -17.60
O4 PEE I . -23.95 -9.38 -16.79
O2 PEE I . -25.89 -8.36 -17.13
C2 PEE I . -26.90 -7.96 -18.03
C1 PEE I . -27.85 -9.15 -18.27
O3P PEE I . -28.56 -8.93 -19.46
P PEE I . -30.21 -8.86 -19.45
O2P PEE I . -30.73 -9.67 -20.62
O1P PEE I . -30.79 -9.43 -18.18
O4P PEE I . -30.69 -7.29 -19.62
C4 PEE I . -30.51 -6.68 -20.87
C5 PEE I . -29.92 -5.29 -20.68
N PEE I . -29.31 -4.86 -21.93
C3 PEE I . -27.66 -6.79 -17.40
O3 PEE I . -27.39 -5.63 -18.13
C30 PEE I . -27.54 -4.45 -17.38
O5 PEE I . -28.60 -4.12 -17.00
C31 PEE I . -26.31 -3.60 -17.05
C32 PEE I . -25.07 -4.18 -17.73
C33 PEE I . -24.63 -5.47 -17.05
C34 PEE I . -23.18 -5.39 -16.58
C35 PEE I . -23.04 -4.50 -15.34
C36 PEE I . -22.49 -3.12 -15.68
C37 PEE I . -21.77 -2.50 -14.48
C38 PEE I . -22.78 -1.92 -13.49
C39 PEE I . -22.78 -0.39 -13.54
C40 PEE I . -21.58 0.21 -12.80
C41 PEE I . -21.71 0.05 -11.29
C42 PEE I . -20.86 1.07 -10.54
C43 PEE I . -19.41 0.60 -10.50
C44 PEE I . -18.50 1.75 -10.08
C45 PEE I . -18.16 2.63 -11.28
C46 PEE I . -17.07 3.61 -10.87
C47 PEE I . -15.73 2.98 -11.16
H7 PEE I . -28.62 -6.95 -17.41
H8 PEE I . -27.36 -6.67 -16.49
H82 PEE I . -15.64 2.85 -12.12
H5 PEE I . -29.94 -4.75 -22.54
H6 PEE I . -28.73 -5.48 -22.21
H12 PEE I . -30.62 -4.67 -20.44
H4 PEE I . -28.88 -4.09 -21.80
H10 PEE I . -31.36 -6.61 -21.31
H11 PEE I . -29.25 -5.31 -19.98
H9 PEE I . -29.91 -7.21 -21.41
H2 PEE I . -27.32 -9.96 -18.36
H3 PEE I . -28.44 -9.24 -17.52
H14 PEE I . -24.22 -8.60 -19.55
H1 PEE I . -26.53 -7.66 -18.86
H16 PEE I . -23.54 -11.16 -18.53
H13 PEE I . -25.30 -9.74 -19.47
H18 PEE I . -22.12 -8.93 -18.68
H20 PEE I . -21.19 -11.56 -18.18
H22 PEE I . -19.57 -9.56 -18.51
H19 PEE I . -21.71 -10.56 -17.07
H21 PEE I . -19.21 -10.86 -17.71
H28 PEE I . -19.60 -6.06 -16.96
H23 PEE I . -20.00 -9.79 -15.72
H24 PEE I . -18.69 -9.14 -16.31
H25 PEE I . -21.26 -8.03 -16.80
H26 PEE I . -20.34 -7.55 -15.62
H17 PEE I . -21.51 -9.85 -19.80
H27 PEE I . -18.73 -7.21 -17.60
H15 PEE I . -23.42 -10.85 -20.08
H29 PEE I . -20.41 -7.59 -19.21
H30 PEE I . -21.27 -6.44 -18.58
H31 PEE I . -19.16 -6.29 -20.35
H32 PEE I . -20.43 -5.38 -20.30
H33 PEE I . -18.18 -4.96 -18.62
H34 PEE I . -18.47 -4.15 -19.92
H35 PEE I . -20.52 -4.12 -18.05
H36 PEE I . -20.10 -2.99 -19.04
H37 PEE I . -19.62 -2.46 -16.75
H38 PEE I . -18.62 -3.68 -16.73
H39 PEE I . -17.38 -1.78 -16.97
H40 PEE I . -17.28 -2.55 -18.34
H41 PEE I . -18.90 -1.08 -19.27
H43 PEE I . -16.63 -0.46 -19.46
H44 PEE I . -16.75 0.37 -18.12
H45 PEE I . -18.09 1.92 -19.09
H46 PEE I . -18.41 0.97 -20.32
H47 PEE I . -16.99 1.65 -20.19
H48 PEE I . -26.18 -3.59 -16.09
H49 PEE I . -26.46 -2.70 -17.36
H50 PEE I . -24.35 -3.52 -17.69
H51 PEE I . -25.27 -4.36 -18.66
H52 PEE I . -25.22 -5.66 -16.29
H53 PEE I . -24.71 -6.20 -17.69
H54 PEE I . -22.88 -6.28 -16.36
H55 PEE I . -22.64 -5.06 -17.31
H56 PEE I . -23.90 -4.40 -14.91
H57 PEE I . -22.45 -4.95 -14.72
H58 PEE I . -23.22 -2.54 -15.94
H59 PEE I . -21.86 -3.17 -16.40
H60 PEE I . -21.18 -1.79 -14.80
H81 PEE I . -15.02 3.57 -10.85
H61 PEE I . -21.24 -3.17 -14.05
H80 PEE I . -15.68 2.12 -10.71
H62 PEE I . -22.56 -2.22 -12.60
H63 PEE I . -23.66 -2.25 -13.70
H64 PEE I . -22.75 -0.11 -14.48
H65 PEE I . -23.59 -0.06 -13.16
H66 PEE I . -21.52 1.15 -13.03
H67 PEE I . -20.76 -0.24 -13.10
H68 PEE I . -22.63 0.16 -11.04
H69 PEE I . -21.40 -0.84 -11.05
H70 PEE I . -20.90 1.94 -10.97
H71 PEE I . -21.18 1.16 -9.64
H72 PEE I . -19.15 0.28 -11.38
H73 PEE I . -19.34 -0.12 -9.87
H74 PEE I . -18.94 2.27 -9.40
H75 PEE I . -17.68 1.39 -9.72
H42 PEE I . -18.98 -0.31 -17.87
H76 PEE I . -17.85 2.08 -12.00
H77 PEE I . -18.95 3.12 -11.55
H78 PEE I . -17.16 4.44 -11.37
H79 PEE I . -17.14 3.81 -9.93
C27 PEE J . -25.41 7.24 -2.39
C26 PEE J . -24.81 5.98 -1.78
C25 PEE J . -25.47 5.67 -0.44
C24 PEE J . -24.91 4.36 0.12
C23 PEE J . -25.51 3.99 1.46
C22 PEE J . -27.00 3.63 1.40
C21 PEE J . -27.22 2.34 0.61
C20 PEE J . -28.46 1.59 1.13
C19 PEE J . -28.38 1.02 2.55
C18 PEE J . -26.99 0.64 3.05
C17 PEE J . -27.02 0.04 4.45
C16 PEE J . -26.87 -1.48 4.47
C15 PEE J . -28.11 -2.22 3.97
C14 PEE J . -29.27 -2.15 4.96
C13 PEE J . -30.34 -1.17 4.47
C12 PEE J . -31.54 -1.20 5.41
C11 PEE J . -31.91 0.22 5.88
C10 PEE J . -30.92 0.71 6.95
O4 PEE J . -29.90 0.14 7.09
O2 PEE J . -31.17 1.83 7.78
C2 PEE J . -32.36 2.54 7.70
C1 PEE J . -33.43 1.83 8.52
O3P PEE J . -34.70 2.26 8.11
P PEE J . -35.75 2.98 9.16
O2P PEE J . -37.13 2.38 8.95
O1P PEE J . -35.33 2.75 10.60
O4P PEE J . -35.80 4.59 8.85
C4 PEE J . -36.44 5.02 7.68
C5 PEE J . -35.59 6.07 6.98
N PEE J . -35.99 6.16 5.58
C3 PEE J . -32.11 3.96 8.24
O3 PEE J . -32.18 4.88 7.20
C30 PEE J . -31.46 6.05 7.43
O5 PEE J . -31.79 6.80 8.28
C31 PEE J . -30.22 6.36 6.59
C32 PEE J . -30.05 5.30 5.49
C33 PEE J . -29.59 3.97 6.10
C34 PEE J . -28.29 3.48 5.44
C35 PEE J . -27.08 4.30 5.92
C36 PEE J . -26.64 5.35 4.88
C37 PEE J . -25.16 5.68 5.04
C38 PEE J . -24.95 6.65 6.19
C39 PEE J . -24.62 8.05 5.66
C40 PEE J . -23.16 8.16 5.19
C41 PEE J . -22.18 8.14 6.37
C42 PEE J . -20.85 8.78 6.00
C43 PEE J . -20.00 7.76 5.24
C44 PEE J . -18.83 8.48 4.58
C45 PEE J . -19.26 9.09 3.25
C46 PEE J . -18.03 9.58 2.50
C47 PEE J . -17.53 8.44 1.63
H7 PEE J . -32.78 4.18 8.91
H8 PEE J . -31.23 3.99 8.64
H82 PEE J . -18.20 8.23 0.95
H5 PEE J . -36.86 6.30 5.53
H6 PEE J . -35.79 5.39 5.16
H12 PEE J . -35.72 6.93 7.41
H4 PEE J . -35.55 6.83 5.18
H10 PEE J . -37.30 5.41 7.91
H11 PEE J . -34.64 5.82 7.02
H9 PEE J . -36.57 4.27 7.09
H2 PEE J . -33.36 0.88 8.38
H3 PEE J . -33.30 2.02 9.46
H14 PEE J . -31.88 0.82 5.11
H1 PEE J . -32.65 2.64 6.78
H16 PEE J . -31.33 -1.74 6.19
H13 PEE J . -32.80 0.21 6.23
H18 PEE J . -29.99 -0.28 4.46
H20 PEE J . -29.66 -3.03 5.04
H22 PEE J . -28.38 -1.87 3.10
H19 PEE J . -28.94 -1.86 5.82
H21 PEE J . -27.86 -3.16 3.84
H28 PEE J . -26.42 1.42 3.07
H23 PEE J . -26.68 -1.76 5.37
H24 PEE J . -26.10 -1.73 3.92
H25 PEE J . -27.85 0.30 4.89
H26 PEE J . -26.29 0.42 4.96
H17 PEE J . -30.63 -1.42 3.57
H27 PEE J . -26.59 -0.01 2.43
H15 PEE J . -32.30 -1.58 4.95
H29 PEE J . -28.94 0.24 2.54
H30 PEE J . -28.76 1.66 3.16
H31 PEE J . -28.64 0.87 0.52
H32 PEE J . -29.20 2.22 1.10
H33 PEE J . -26.42 1.78 0.65
H34 PEE J . -27.37 2.57 -0.31
H35 PEE J . -27.33 3.51 2.30
H36 PEE J . -27.50 4.34 0.97
H37 PEE J . -25.40 4.74 2.07
H38 PEE J . -25.03 3.23 1.82
H39 PEE J . -23.95 4.46 0.24
H40 PEE J . -25.06 3.64 -0.52
H41 PEE J . -26.42 5.60 -0.58
H43 PEE J . -24.95 5.25 -2.38
H44 PEE J . -23.86 6.11 -1.65
H45 PEE J . -25.04 8.02 -1.95
H46 PEE J . -26.37 7.23 -2.27
H47 PEE J . -25.20 7.27 -3.33
H48 PEE J . -29.44 6.37 7.15
H49 PEE J . -30.32 7.23 6.17
H50 PEE J . -29.40 5.61 4.85
H51 PEE J . -30.90 5.17 5.04
H52 PEE J . -29.46 4.07 7.06
H53 PEE J . -30.28 3.31 5.93
H54 PEE J . -28.15 2.56 5.69
H55 PEE J . -28.38 3.53 4.49
H56 PEE J . -27.31 4.77 6.73
H57 PEE J . -26.35 3.69 6.10
H58 PEE J . -27.16 6.16 4.99
H59 PEE J . -26.77 5.01 3.98
H60 PEE J . -24.84 6.07 4.21
H81 PEE J . -16.70 8.72 1.19
H61 PEE J . -24.67 4.86 5.21
H80 PEE J . -17.37 7.68 2.18
H62 PEE J . -24.22 6.34 6.75
H63 PEE J . -25.76 6.71 6.72
H64 PEE J . -25.21 8.25 4.91
H65 PEE J . -24.78 8.71 6.36
H66 PEE J . -23.06 8.99 4.69
H67 PEE J . -22.96 7.42 4.61
H68 PEE J . -22.58 8.62 7.12
H69 PEE J . -22.03 7.23 6.63
H70 PEE J . -20.98 9.57 5.46
H71 PEE J . -20.37 9.03 6.81
H72 PEE J . -20.55 7.33 4.58
H73 PEE J . -19.67 7.11 5.87
H74 PEE J . -18.50 9.17 5.17
H75 PEE J . -18.12 7.84 4.40
H42 PEE J . -25.29 6.39 0.18
H76 PEE J . -19.72 8.43 2.71
H77 PEE J . -19.85 9.85 3.41
H78 PEE J . -18.25 10.34 1.94
H79 PEE J . -17.34 9.83 3.13
C27 PEE K . -16.38 16.64 12.58
C26 PEE K . -15.85 15.29 13.02
C25 PEE K . -15.37 15.33 14.46
C24 PEE K . -14.92 13.94 14.90
C23 PEE K . -14.43 13.91 16.35
C22 PEE K . -15.53 14.16 17.38
C21 PEE K . -16.55 13.04 17.40
C20 PEE K . -17.15 12.88 18.80
C19 PEE K . -16.22 12.39 19.91
C18 PEE K . -15.04 11.50 19.46
C17 PEE K . -14.19 11.05 20.66
C16 PEE K . -14.45 9.59 21.05
C15 PEE K . -15.79 9.37 21.75
C14 PEE K . -15.81 9.97 23.16
C13 PEE K . -16.62 11.27 23.22
C12 PEE K . -16.72 11.76 24.65
C11 PEE K . -16.28 13.23 24.74
C10 PEE K . -14.74 13.35 24.69
O4 PEE K . -14.12 12.41 24.30
O2 PEE K . -14.03 14.50 25.06
C2 PEE K . -14.69 15.64 25.55
C1 PEE K . -14.95 15.45 27.05
O3P PEE K . -15.97 16.33 27.45
P PEE K . -15.71 17.45 28.63
O2P PEE K . -16.89 17.45 29.58
O1P PEE K . -14.46 17.15 29.42
O4P PEE K . -15.57 18.94 27.92
C4 PEE K . -16.73 19.53 27.40
C5 PEE K . -16.44 20.11 26.02
N PEE K . -17.68 20.29 25.30
C3 PEE K . -13.79 16.85 25.32
O3 PEE K . -14.37 17.67 24.35
C30 PEE K . -13.45 18.46 23.65
O5 PEE K . -12.87 19.32 24.21
C31 PEE K . -13.19 18.21 22.17
C32 PEE K . -14.13 17.11 21.64
C33 PEE K . -13.71 15.75 22.18
C34 PEE K . -13.47 14.76 21.06
C35 PEE K . -12.14 15.05 20.33
C36 PEE K . -12.36 15.77 19.00
C37 PEE K . -11.21 15.49 18.03
C38 PEE K . -10.00 16.36 18.37
C39 PEE K . -9.83 17.49 17.34
C40 PEE K . -9.21 16.98 16.03
C41 PEE K . -7.73 16.63 16.22
C42 PEE K . -6.97 16.66 14.88
C43 PEE K . -7.23 15.36 14.14
C44 PEE K . -6.78 15.49 12.68
C45 PEE K . -7.87 16.18 11.86
C46 PEE K . -7.50 16.09 10.38
C47 PEE K . -8.08 14.81 9.82
H7 PEE K . -13.68 17.36 26.13
H8 PEE K . -12.92 16.55 25.00
H82 PEE K . -9.04 14.85 9.86
H5 PEE K . -18.18 20.90 25.70
H6 PEE K . -18.13 19.51 25.28
H12 PEE K . -16.00 20.97 26.12
H4 PEE K . -17.52 20.54 24.46
H10 PEE K . -17.02 20.23 27.99
H11 PEE K . -15.85 19.52 25.53
H9 PEE K . -17.42 18.86 27.33
H2 PEE K . -15.23 14.55 27.21
H3 PEE K . -14.14 15.62 27.55
H14 PEE K . -16.67 13.74 24.02
H1 PEE K . -15.52 15.80 25.08
H16 PEE K . -16.15 11.22 25.22
H13 PEE K . -16.59 13.59 25.58
H18 PEE K . -16.18 11.94 22.69
H20 PEE K . -16.22 9.32 23.75
H22 PEE K . -16.50 9.76 21.22
H19 PEE K . -14.90 10.15 23.45
H21 PEE K . -15.95 8.42 21.82
H28 PEE K . -14.48 12.00 18.87
H23 PEE K . -13.74 9.30 21.64
H24 PEE K . -14.42 9.04 20.26
H25 PEE K . -14.36 11.64 21.41
H26 PEE K . -13.26 11.13 20.40
H17 PEE K . -17.52 11.11 22.86
H27 PEE K . -15.39 10.73 19.00
H15 PEE K . -17.64 11.69 24.95
H29 PEE K . -16.78 11.90 20.52
H30 PEE K . -15.87 13.16 20.38
H31 PEE K . -17.90 12.25 18.74
H32 PEE K . -17.50 13.74 19.06
H33 PEE K . -16.15 12.21 17.09
H34 PEE K . -17.27 13.26 16.79
H35 PEE K . -15.12 14.24 18.25
H36 PEE K . -15.99 14.99 17.19
H37 PEE K . -13.74 14.58 16.45
H38 PEE K . -14.05 13.03 16.52
H39 PEE K . -14.19 13.66 14.34
H40 PEE K . -15.66 13.31 14.79
H41 PEE K . -16.11 15.63 15.01
H43 PEE K . -16.56 14.64 12.94
H44 PEE K . -15.11 15.04 12.44
H45 PEE K . -15.62 17.24 12.41
H46 PEE K . -16.93 17.02 13.29
H47 PEE K . -16.89 16.55 11.77
H48 PEE K . -12.26 17.93 22.04
H49 PEE K . -13.34 19.03 21.67
H50 PEE K . -14.10 17.11 20.67
H51 PEE K . -15.03 17.31 21.93
H52 PEE K . -12.92 15.84 22.73
H53 PEE K . -14.43 15.41 22.74
H54 PEE K . -13.42 13.87 21.43
H55 PEE K . -14.20 14.79 20.43
H56 PEE K . -11.58 15.60 20.89
H57 PEE K . -11.69 14.21 20.18
H58 PEE K . -12.42 16.72 19.15
H59 PEE K . -13.17 15.46 18.57
H60 PEE K . -11.49 15.68 17.12
H81 PEE K . -7.79 14.71 8.90
H61 PEE K . -10.95 14.56 18.08
H80 PEE K . -7.77 14.06 10.35
H62 PEE K . -9.21 15.81 18.39
H63 PEE K . -10.13 16.75 19.25
H64 PEE K . -10.71 17.86 17.14
H65 PEE K . -9.27 18.18 17.71
H66 PEE K . -9.30 17.67 15.37
H67 PEE K . -9.67 16.18 15.74
H68 PEE K . -7.32 17.26 16.82
H69 PEE K . -7.66 15.73 16.58
H70 PEE K . -7.26 17.41 14.34
H71 PEE K . -6.02 16.74 15.06
H72 PEE K . -8.17 15.13 14.18
H73 PEE K . -6.72 14.65 14.57
H74 PEE K . -5.97 16.04 12.65
H75 PEE K . -6.60 14.62 12.31
H42 PEE K . -14.63 15.95 14.55
H76 PEE K . -8.71 15.72 12.01
H77 PEE K . -7.95 17.11 12.12
H78 PEE K . -7.87 16.84 9.90
H79 PEE K . -6.54 16.07 10.29
C27 PEE L . 2.61 22.41 13.94
C26 PEE L . 2.93 20.97 14.34
C25 PEE L . 4.29 20.90 15.01
C24 PEE L . 4.57 19.46 15.47
C23 PEE L . 5.92 19.32 16.15
C22 PEE L . 6.03 20.04 17.49
C21 PEE L . 5.11 19.41 18.53
C20 PEE L . 5.70 19.58 19.93
C19 PEE L . 6.99 18.82 20.24
C18 PEE L . 7.21 17.52 19.47
C17 PEE L . 8.50 16.82 19.87
C16 PEE L . 8.28 15.61 20.78
C15 PEE L . 7.86 15.99 22.20
C14 PEE L . 9.02 16.60 23.00
C13 PEE L . 8.85 18.11 23.14
C12 PEE L . 9.96 18.69 24.03
C11 PEE L . 10.66 19.85 23.34
C10 PEE L . 11.64 19.34 22.26
O4 PEE L . 11.53 18.23 21.89
O2 PEE L . 12.65 20.13 21.68
C2 PEE L . 12.86 21.46 22.08
C1 PEE L . 13.72 21.47 23.33
O3P PEE L . 13.57 22.70 24.00
P PEE L . 14.87 23.69 24.27
O2P PEE L . 14.79 24.21 25.68
O1P PEE L . 16.17 22.95 24.10
O4P PEE L . 14.80 24.95 23.22
C4 PEE L . 13.82 25.93 23.43
C5 PEE L . 13.15 26.29 22.10
N PEE L . 11.86 26.90 22.36
C3 PEE L . 13.56 22.21 20.94
O3 PEE L . 12.68 23.14 20.39
C30 PEE L . 12.95 23.45 19.05
O5 PEE L . 13.95 24.04 18.79
C31 PEE L . 11.98 23.05 17.95
C32 PEE L . 10.74 22.40 18.55
C33 PEE L . 11.07 21.01 19.10
C34 PEE L . 10.17 19.94 18.48
C35 PEE L . 10.56 19.64 17.02
C36 PEE L . 9.63 20.32 16.02
C37 PEE L . 9.60 19.56 14.69
C38 PEE L . 10.84 19.89 13.86
C39 PEE L . 10.47 20.80 12.68
C40 PEE L . 9.81 20.02 11.54
C41 PEE L . 10.80 19.12 10.81
C42 PEE L . 10.34 18.78 9.40
C43 PEE L . 9.32 17.65 9.47
C44 PEE L . 8.59 17.53 8.13
C45 PEE L . 7.45 18.54 8.05
C46 PEE L . 6.60 18.24 6.83
C47 PEE L . 5.50 17.27 7.24
H7 PEE L . 14.34 22.66 21.27
H8 PEE L . 13.82 21.56 20.25
H82 PEE L . 4.93 17.70 7.88
H5 PEE L . 11.98 27.68 22.77
H6 PEE L . 11.37 26.37 22.88
H12 PEE L . 13.71 26.90 21.60
H4 PEE L . 11.43 27.03 21.59
H10 PEE L . 14.23 26.73 23.79
H11 PEE L . 13.02 25.47 21.58
H9 PEE L . 13.15 25.59 24.05
H2 PEE L . 13.43 20.76 23.93
H3 PEE L . 14.65 21.32 23.10
H14 PEE L . 10.01 20.44 22.93
H1 PEE L . 12.01 21.91 22.25
H16 PEE L . 10.60 17.99 24.23
H13 PEE L . 11.15 20.36 24.01
H18 PEE L . 8.92 18.53 22.28
H20 PEE L . 9.03 16.20 23.88
H22 PEE L . 7.12 16.60 22.18
H19 PEE L . 9.86 16.41 22.55
H21 PEE L . 7.58 15.18 22.66
H28 PEE L . 7.26 17.71 18.52
H23 PEE L . 9.10 15.09 20.81
H24 PEE L . 7.59 15.05 20.40
H25 PEE L . 9.09 17.46 20.30
H26 PEE L . 8.94 16.51 19.07
H17 PEE L . 7.99 18.31 23.53
H27 PEE L . 6.46 16.93 19.62
H15 PEE L . 9.56 19.00 24.86
H29 PEE L . 6.96 18.62 21.19
H30 PEE L . 7.74 19.41 20.09
H31 PEE L . 5.02 19.31 20.58
H32 PEE L . 5.87 20.52 20.07
H33 PEE L . 4.95 18.48 18.33
H34 PEE L . 4.26 19.88 18.51
H35 PEE L . 6.95 19.99 17.80
H36 PEE L . 5.80 20.97 17.39
H37 PEE L . 6.61 19.66 15.55
H38 PEE L . 6.09 18.37 16.30
H39 PEE L . 4.55 18.88 14.69
H40 PEE L . 3.86 19.19 16.07
H41 PEE L . 4.29 21.51 15.77
H43 PEE L . 2.26 20.66 14.95
H44 PEE L . 2.93 20.42 13.54
H45 PEE L . 3.12 22.66 13.16
H46 PEE L . 2.83 23.01 14.67
H47 PEE L . 1.66 22.49 13.75
H48 PEE L . 12.43 22.42 17.35
H49 PEE L . 11.73 23.83 17.44
H50 PEE L . 10.05 22.33 17.87
H51 PEE L . 10.42 22.95 19.27
H52 PEE L . 12.00 20.79 18.93
H53 PEE L . 10.92 21.01 20.05
H54 PEE L . 10.25 19.12 18.99
H55 PEE L . 9.25 20.24 18.53
H56 PEE L . 11.47 19.95 16.87
H57 PEE L . 10.55 18.68 16.90
H58 PEE L . 9.93 21.23 15.85
H59 PEE L . 8.73 20.35 16.35
H60 PEE L . 8.81 19.81 14.20
H81 PEE L . 5.00 17.03 6.45
H61 PEE L . 9.58 18.61 14.87
H80 PEE L . 5.92 16.49 7.64
H62 PEE L . 11.23 19.07 13.53
H63 PEE L . 11.50 20.34 14.42
H64 PEE L . 9.87 21.48 13.00
H65 PEE L . 11.27 21.23 12.35
H66 PEE L . 9.43 20.65 10.91
H67 PEE L . 9.10 19.46 11.90
H68 PEE L . 11.67 19.57 10.76
H69 PEE L . 10.90 18.29 11.31
H70 PEE L . 9.94 19.55 8.97
H71 PEE L . 11.09 18.48 8.86
H72 PEE L . 8.68 17.83 10.17
H73 PEE L . 9.78 16.83 9.66
H74 PEE L . 9.21 17.70 7.42
H75 PEE L . 8.22 16.64 8.04
H42 PEE L . 4.99 21.18 14.39
H76 PEE L . 6.91 18.47 8.85
H77 PEE L . 7.81 19.43 7.99
H78 PEE L . 6.20 19.05 6.50
H79 PEE L . 7.14 17.83 6.15
C27 PEE M . 16.44 11.62 -17.24
C26 PEE M . 16.57 10.28 -16.53
C25 PEE M . 17.01 9.19 -17.50
C24 PEE M . 17.21 7.88 -16.73
C23 PEE M . 17.64 6.73 -17.65
C22 PEE M . 19.04 6.91 -18.24
C21 PEE M . 20.11 6.84 -17.15
C20 PEE M . 21.42 6.28 -17.72
C19 PEE M . 21.42 4.82 -18.17
C18 PEE M . 20.43 3.89 -17.44
C17 PEE M . 20.53 2.45 -17.94
C16 PEE M . 21.28 1.53 -16.96
C15 PEE M . 22.79 1.78 -16.93
C14 PEE M . 23.48 1.30 -18.22
C13 PEE M . 23.87 2.47 -19.12
C12 PEE M . 24.64 1.98 -20.33
C11 PEE M . 24.02 2.50 -21.64
C10 PEE M . 22.75 1.72 -21.99
O4 PEE M . 22.24 1.06 -21.16
O2 PEE M . 22.13 1.76 -23.26
C2 PEE M . 22.68 2.49 -24.31
C1 PEE M . 23.78 1.67 -24.98
O3P PEE M . 24.63 2.52 -25.71
P PEE M . 24.84 2.33 -27.33
O2P PEE M . 26.31 2.46 -27.65
O1P PEE M . 24.36 0.97 -27.80
O4P PEE M . 24.00 3.51 -28.13
C4 PEE M . 24.49 4.82 -28.06
C5 PEE M . 23.35 5.80 -27.77
N PEE M . 23.90 7.03 -27.24
C3 PEE M . 21.57 2.81 -25.31
O3 PEE M . 21.30 4.19 -25.28
C30 PEE M . 20.00 4.50 -25.68
O5 PEE M . 19.67 4.33 -26.80
C31 PEE M . 19.00 5.08 -24.67
C32 PEE M . 19.70 5.31 -23.32
C33 PEE M . 19.98 3.96 -22.64
C34 PEE M . 19.36 3.91 -21.24
C35 PEE M . 17.83 3.74 -21.30
C36 PEE M . 17.08 5.06 -21.06
C37 PEE M . 15.69 4.79 -20.51
C38 PEE M . 14.73 4.40 -21.63
C39 PEE M . 13.77 5.55 -21.94
C40 PEE M . 12.65 5.66 -20.91
C41 PEE M . 11.64 4.50 -21.03
C42 PEE M . 10.29 4.86 -20.43
C43 PEE M . 10.35 4.69 -18.92
C44 PEE M . 9.14 5.37 -18.27
C45 PEE M . 9.39 6.87 -18.11
C46 PEE M . 8.28 7.46 -17.26
C47 PEE M . 8.71 7.39 -15.80
H7 PEE M . 21.84 2.56 -26.21
H8 PEE M . 20.77 2.33 -25.07
H82 PEE M . 9.49 7.96 -15.68
H5 PEE M . 24.35 7.45 -27.88
H6 PEE M . 24.44 6.85 -26.56
H12 PEE M . 22.87 5.98 -28.60
H4 PEE M . 23.23 7.55 -26.97
H10 PEE M . 24.91 5.05 -28.90
H11 PEE M . 22.75 5.40 -27.13
H9 PEE M . 25.15 4.89 -27.35
H2 PEE M . 24.30 1.22 -24.30
H3 PEE M . 23.38 1.01 -25.56
H14 PEE M . 23.81 3.45 -21.53
H1 PEE M . 23.04 3.34 -24.00
H16 PEE M . 24.64 1.01 -20.34
H13 PEE M . 24.67 2.42 -22.34
H18 PEE M . 23.07 2.92 -19.43
H20 PEE M . 24.27 0.81 -17.98
H22 PEE M . 22.97 2.72 -16.81
H19 PEE M . 22.88 0.71 -18.70
H21 PEE M . 23.16 1.28 -16.20
H28 PEE M . 19.53 4.19 -17.60
H23 PEE M . 21.11 0.61 -17.22
H24 PEE M . 20.93 1.66 -16.07
H25 PEE M . 20.95 2.43 -18.81
H26 PEE M . 19.63 2.11 -18.03
H17 PEE M . 24.40 3.10 -18.61
H27 PEE M . 20.61 3.92 -16.49
H15 PEE M . 25.56 2.29 -20.27
H29 PEE M . 22.31 4.50 -18.02
H30 PEE M . 21.23 4.78 -19.12
H31 PEE M . 22.11 6.39 -17.05
H32 PEE M . 21.66 6.83 -18.49
H33 PEE M . 19.80 6.32 -16.40
H34 PEE M . 20.29 7.74 -16.84
H35 PEE M . 19.20 6.20 -18.89
H36 PEE M . 19.11 7.76 -18.69
H37 PEE M . 17.01 6.66 -18.37
H38 PEE M . 17.63 5.92 -17.13
H39 PEE M . 16.37 7.63 -16.33
H40 PEE M . 17.87 8.01 -16.04
H41 PEE M . 17.83 9.47 -17.91
H43 PEE M . 17.23 10.37 -15.82
H44 PEE M . 15.71 10.05 -16.13
H45 PEE M . 15.63 11.62 -17.78
H46 PEE M . 17.21 11.75 -17.82
H47 PEE M . 16.40 12.33 -16.60
H48 PEE M . 18.26 4.47 -24.56
H49 PEE M . 18.66 5.92 -25.00
H50 PEE M . 19.13 5.84 -22.76
H51 PEE M . 20.53 5.76 -23.46
H52 PEE M . 19.64 3.23 -23.18
H53 PEE M . 20.94 3.86 -22.55
H54 PEE M . 19.73 3.16 -20.76
H55 PEE M . 19.59 4.73 -20.77
H56 PEE M . 17.59 3.40 -22.18
H57 PEE M . 17.57 3.08 -20.64
H58 PEE M . 17.01 5.55 -21.89
H59 PEE M . 17.56 5.60 -20.42
H60 PEE M . 15.36 5.60 -20.07
H81 PEE M . 7.97 7.71 -15.25
H61 PEE M . 15.73 4.09 -19.85
H80 PEE M . 8.92 6.48 -15.59
H62 PEE M . 14.24 3.61 -21.37
H63 PEE M . 15.24 4.19 -22.42
H64 PEE M . 14.26 6.38 -21.96
H65 PEE M . 13.38 5.41 -22.83
H66 PEE M . 12.18 6.50 -21.05
H67 PEE M . 13.02 5.65 -20.02
H68 PEE M . 11.53 4.27 -21.96
H69 PEE M . 12.00 3.74 -20.55
H70 PEE M . 10.05 5.77 -20.64
H71 PEE M . 9.62 4.26 -20.77
H72 PEE M . 11.17 5.09 -18.58
H73 PEE M . 10.35 3.76 -18.71
H74 PEE M . 8.36 5.23 -18.84
H75 PEE M . 8.99 4.98 -17.40
H42 PEE M . 16.33 9.07 -18.17
H76 PEE M . 10.24 7.01 -17.67
H77 PEE M . 9.39 7.30 -18.98
H78 PEE M . 8.13 8.39 -17.50
H79 PEE M . 7.47 6.96 -17.38
C27 PEE N . 0.92 3.16 -26.36
C26 PEE N . 1.20 1.93 -25.51
C25 PEE N . 0.52 0.70 -26.11
C24 PEE N . 0.88 -0.54 -25.30
C23 PEE N . 0.23 -1.81 -25.84
C22 PEE N . 0.74 -2.24 -27.21
C21 PEE N . 2.20 -2.67 -27.14
C20 PEE N . 2.49 -3.74 -28.20
C19 PEE N . 1.82 -5.10 -28.03
C18 PEE N . 1.48 -5.51 -26.59
C17 PEE N . 0.83 -6.90 -26.53
C16 PEE N . 1.80 -7.98 -26.06
C15 PEE N . 2.85 -8.36 -27.10
C14 PEE N . 2.25 -9.14 -28.27
C13 PEE N . 2.14 -8.27 -29.52
C12 PEE N . 1.64 -9.10 -30.70
C11 PEE N . 0.42 -8.43 -31.36
C10 PEE N . -0.84 -8.66 -30.53
O4 PEE N . -0.73 -9.02 -29.40
O2 PEE N . -2.16 -8.45 -31.00
C2 PEE N . -2.39 -8.04 -32.32
C1 PEE N . -2.36 -9.27 -33.23
O3P PEE N . -2.13 -8.87 -34.55
P PEE N . -3.23 -9.21 -35.75
O2P PEE N . -2.48 -9.69 -36.97
O1P PEE N . -4.20 -10.29 -35.32
O4P PEE N . -4.06 -7.83 -36.13
C4 PEE N . -3.38 -6.83 -36.83
C5 PEE N . -3.67 -5.47 -36.21
N PEE N . -2.64 -4.53 -36.59
C3 PEE N . -3.75 -7.36 -32.39
O3 PEE N . -3.57 -5.99 -32.64
C30 PEE N . -4.62 -5.19 -32.17
O5 PEE N . -5.69 -5.27 -32.67
C31 PEE N . -4.39 -4.22 -31.01
C32 PEE N . -2.91 -4.22 -30.61
C33 PEE N . -2.56 -5.53 -29.89
C34 PEE N . -1.97 -5.26 -28.51
C35 PEE N . -3.04 -4.81 -27.51
C36 PEE N . -3.01 -3.29 -27.28
C37 PEE N . -3.58 -2.94 -25.91
C38 PEE N . -5.10 -2.97 -25.93
C39 PEE N . -5.68 -1.55 -25.88
C40 PEE N . -5.63 -0.95 -24.48
C41 PEE N . -6.64 -1.61 -23.54
C42 PEE N . -6.99 -0.71 -22.35
C43 PEE N . -5.89 -0.81 -21.31
C44 PEE N . -6.04 0.32 -20.30
C45 PEE N . -5.40 1.61 -20.83
C46 PEE N . -5.36 2.64 -19.71
C47 PEE N . -4.04 2.48 -18.97
H7 PEE N . -4.29 -7.73 -33.10
H8 PEE N . -4.20 -7.47 -31.54
H82 PEE N . -3.31 2.68 -19.57
H5 PEE N . -2.81 -4.21 -37.41
H6 PEE N . -1.84 -4.93 -36.61
H12 PEE N . -4.53 -5.15 -36.51
H4 PEE N . -2.62 -3.85 -36.02
H10 PEE N . -3.66 -6.82 -37.76
H11 PEE N . -3.68 -5.55 -35.24
H9 PEE N . -2.42 -7.01 -36.80
H2 PEE N . -1.64 -9.85 -32.95
H3 PEE N . -3.20 -9.74 -33.15
H14 PEE N . 0.58 -7.48 -31.46
H1 PEE N . -1.73 -7.40 -32.61
H16 PEE N . 1.39 -9.98 -30.38
H13 PEE N . 0.30 -8.82 -32.24
H18 PEE N . 1.50 -7.56 -29.36
H20 PEE N . 2.82 -9.90 -28.47
H22 PEE N . 3.29 -7.58 -27.42
H19 PEE N . 1.38 -9.47 -28.03
H21 PEE N . 3.51 -8.93 -26.67
H28 PEE N . 0.86 -4.89 -26.20
H23 PEE N . 1.29 -8.77 -25.83
H24 PEE N . 2.26 -7.68 -25.26
H25 PEE N . 0.48 -7.12 -27.40
H26 PEE N . 0.10 -6.85 -25.90
H17 PEE N . 3.00 -7.88 -29.73
H27 PEE N . 2.30 -5.51 -26.07
H15 PEE N . 2.35 -9.17 -31.36
H29 PEE N . 2.41 -5.74 -28.41
H30 PEE N . 1.00 -5.10 -28.56
H31 PEE N . 3.45 -3.88 -28.23
H32 PEE N . 2.22 -3.38 -29.06
H33 PEE N . 2.42 -2.99 -26.25
H34 PEE N . 2.75 -1.90 -27.33
H35 PEE N . 0.20 -2.97 -27.52
H36 PEE N . 0.66 -1.51 -27.84
H37 PEE N . -0.73 -1.65 -25.90
H38 PEE N . 0.39 -2.53 -25.21
H39 PEE N . 0.57 -0.41 -24.38
H40 PEE N . 1.84 -0.65 -25.29
H41 PEE N . 0.82 0.61 -27.03
H43 PEE N . 2.16 1.77 -25.49
H44 PEE N . 0.88 2.08 -24.62
H45 PEE N . 0.04 3.51 -26.14
H46 PEE N . 0.96 2.94 -27.30
H47 PEE N . 1.58 3.85 -26.17
H48 PEE N . -4.94 -4.48 -30.26
H49 PEE N . -4.64 -3.33 -31.29
H50 PEE N . -2.74 -3.47 -30.03
H51 PEE N . -2.37 -4.15 -31.40
H52 PEE N . -3.35 -6.09 -29.81
H53 PEE N . -1.91 -6.00 -30.42
H54 PEE N . -1.56 -6.07 -28.18
H55 PEE N . -1.28 -4.59 -28.59
H56 PEE N . -3.91 -5.06 -27.84
H57 PEE N . -2.87 -5.27 -26.67
H58 PEE N . -3.55 -2.85 -27.95
H59 PEE N . -2.12 -2.95 -27.32
H60 PEE N . -3.28 -2.05 -25.66
H81 PEE N . -4.04 3.08 -18.21
H61 PEE N . -3.26 -3.56 -25.25
H80 PEE N . -3.97 1.56 -18.66
H62 PEE N . -5.42 -3.47 -25.16
H63 PEE N . -5.41 -3.42 -26.73
H64 PEE N . -5.17 -0.99 -26.49
H65 PEE N . -6.61 -1.57 -26.19
H66 PEE N . -5.83 0.00 -24.54
H67 PEE N . -4.74 -1.07 -24.11
H68 PEE N . -7.44 -1.82 -24.03
H69 PEE N . -6.24 -2.44 -23.19
H70 PEE N . -7.08 0.21 -22.64
H71 PEE N . -7.82 -1.00 -21.96
H72 PEE N . -5.02 -0.76 -21.74
H73 PEE N . -5.97 -1.66 -20.86
H74 PEE N . -6.98 0.48 -20.13
H75 PEE N . -5.61 0.08 -19.46
H42 PEE N . -0.44 0.83 -26.10
H76 PEE N . -4.50 1.42 -21.13
H77 PEE N . -5.93 1.95 -21.56
H78 PEE N . -5.41 3.53 -20.08
H79 PEE N . -6.09 2.49 -19.10
#